data_7F81
#
_entry.id   7F81
#
_cell.length_a   89.267
_cell.length_b   91.454
_cell.length_c   89.931
_cell.angle_alpha   90.000
_cell.angle_beta   98.154
_cell.angle_gamma   90.000
#
_symmetry.space_group_name_H-M   'P 1 21 1'
#
loop_
_entity.id
_entity.type
_entity.pdbx_description
1 polymer Glucanase
2 non-polymer GLYCEROL
3 non-polymer 'S,R MESO-TARTARIC ACID'
4 water water
#
_entity_poly.entity_id   1
_entity_poly.type   'polypeptide(L)'
_entity_poly.pdbx_seq_one_letter_code
;GSHMACTWPAWEHFKRAYISDGGRVIDPSDARKITTSEGQSYALFFALAADDRPMFDNVLEWTKDNLAQGDPGEHLPAWL
WGKKDENNWTVLDSNSASDADIWIAWSLLEAGRLWKEARYTTLGNALLNRIAKEEVVTVPGLGPMLLPGKVGFAEETVWR
LNPSYLPPQIARYLTRFGEPWTTLQETNHRLLLETAPKGFSPDWVRYEKSKGWQLAPDKTLISGYDAIRVYLWVGMMNDH
DAQKASLLERLKPMAALTAKKGVVPEKVDVATAQPRGDGPVGFAAALLPFLQDRDAQAVQRQKVADHFPGDDAYFSYVLT
LFGQGWDEHRFRFTPRGELQPDWGQACASSQ
;
_entity_poly.pdbx_strand_id   A,B,C,D
#
loop_
_chem_comp.id
_chem_comp.type
_chem_comp.name
_chem_comp.formula
GOL non-polymer GLYCEROL 'C3 H8 O3'
SRT non-polymer 'S,R MESO-TARTARIC ACID' 'C4 H6 O6'
#
# COMPACT_ATOMS: atom_id res chain seq x y z
N CYS A 6 36.76 3.30 32.45
CA CYS A 6 36.76 2.08 31.65
C CYS A 6 36.72 2.34 30.13
N THR A 7 37.49 3.32 29.65
CA THR A 7 37.46 3.74 28.26
C THR A 7 38.74 3.38 27.52
N TRP A 8 38.64 3.35 26.19
CA TRP A 8 39.79 3.20 25.30
C TRP A 8 40.06 4.55 24.64
N PRO A 9 41.05 5.33 25.11
CA PRO A 9 41.16 6.73 24.65
C PRO A 9 41.33 6.92 23.15
N ALA A 10 42.10 6.06 22.46
CA ALA A 10 42.23 6.20 21.01
C ALA A 10 40.91 6.00 20.31
N TRP A 11 40.07 5.11 20.84
CA TRP A 11 38.73 4.90 20.27
C TRP A 11 37.81 6.08 20.61
N GLU A 12 37.91 6.63 21.83
CA GLU A 12 37.11 7.81 22.16
C GLU A 12 37.42 8.93 21.19
N HIS A 13 38.70 9.15 20.91
CA HIS A 13 39.06 10.21 19.99
C HIS A 13 38.63 9.89 18.57
N PHE A 14 38.73 8.62 18.17
CA PHE A 14 38.27 8.24 16.83
C PHE A 14 36.79 8.53 16.66
N LYS A 15 35.99 8.22 17.68
CA LYS A 15 34.57 8.54 17.62
C LYS A 15 34.37 10.04 17.45
N ARG A 16 35.14 10.85 18.19
CA ARG A 16 34.91 12.30 18.09
C ARG A 16 35.37 12.85 16.74
N ALA A 17 36.52 12.39 16.23
CA ALA A 17 37.15 12.97 15.05
C ALA A 17 36.69 12.38 13.72
N TYR A 18 36.23 11.12 13.67
CA TYR A 18 35.93 10.47 12.39
C TYR A 18 34.50 9.97 12.22
N ILE A 19 33.68 9.91 13.27
CA ILE A 19 32.33 9.34 13.15
C ILE A 19 31.31 10.45 13.32
N SER A 20 30.40 10.57 12.35
CA SER A 20 29.34 11.57 12.38
C SER A 20 28.34 11.28 13.50
N ASP A 21 27.55 12.30 13.85
CA ASP A 21 26.50 12.11 14.84
C ASP A 21 25.55 10.99 14.44
N GLY A 22 25.28 10.86 13.14
CA GLY A 22 24.40 9.80 12.67
C GLY A 22 25.02 8.43 12.63
N GLY A 23 26.33 8.33 12.83
CA GLY A 23 27.00 7.04 12.95
C GLY A 23 27.78 6.55 11.75
N ARG A 24 28.23 7.43 10.86
CA ARG A 24 28.99 7.01 9.69
C ARG A 24 30.46 7.42 9.85
N VAL A 25 31.35 6.50 9.46
CA VAL A 25 32.79 6.75 9.52
C VAL A 25 33.18 7.53 8.27
N ILE A 26 33.82 8.67 8.44
CA ILE A 26 34.09 9.57 7.32
C ILE A 26 35.58 9.58 7.08
N ASP A 27 35.98 9.21 5.85
CA ASP A 27 37.36 9.41 5.45
C ASP A 27 37.50 10.88 5.06
N PRO A 28 38.17 11.71 5.87
CA PRO A 28 38.25 13.14 5.55
C PRO A 28 39.13 13.45 4.34
N SER A 29 39.90 12.48 3.85
CA SER A 29 40.86 12.69 2.78
C SER A 29 40.28 12.45 1.39
N ASP A 30 38.97 12.29 1.27
CA ASP A 30 38.31 12.13 -0.01
C ASP A 30 37.40 13.33 -0.19
N ALA A 31 37.53 14.03 -1.33
CA ALA A 31 36.69 15.19 -1.59
C ALA A 31 35.20 14.87 -1.50
N ARG A 32 34.84 13.60 -1.71
CA ARG A 32 33.45 13.17 -1.57
C ARG A 32 33.08 12.86 -0.12
N LYS A 33 34.01 12.98 0.83
CA LYS A 33 33.78 12.70 2.25
C LYS A 33 33.07 11.36 2.44
N ILE A 34 33.72 10.33 1.92
CA ILE A 34 33.10 9.01 1.76
C ILE A 34 32.98 8.28 3.08
N THR A 35 32.05 7.33 3.10
CA THR A 35 32.00 6.23 4.04
C THR A 35 32.18 4.93 3.26
N THR A 36 32.98 4.01 3.77
CA THR A 36 33.09 2.68 3.17
C THR A 36 32.44 1.64 4.08
N SER A 37 31.99 0.52 3.50
CA SER A 37 31.55 -0.58 4.35
C SER A 37 32.68 -1.07 5.24
N GLU A 38 33.93 -0.93 4.77
CA GLU A 38 35.06 -1.26 5.62
C GLU A 38 35.11 -0.37 6.87
N GLY A 39 34.98 0.94 6.70
CA GLY A 39 34.98 1.83 7.86
C GLY A 39 33.90 1.47 8.86
N GLN A 40 32.70 1.19 8.37
CA GLN A 40 31.61 0.80 9.26
C GLN A 40 31.93 -0.51 9.98
N SER A 41 32.42 -1.51 9.25
CA SER A 41 32.69 -2.81 9.89
C SER A 41 33.76 -2.68 10.95
N TYR A 42 34.80 -1.88 10.68
CA TYR A 42 35.84 -1.69 11.68
C TYR A 42 35.30 -0.95 12.90
N ALA A 43 34.42 0.02 12.68
CA ALA A 43 33.79 0.73 13.80
C ALA A 43 32.94 -0.22 14.65
N LEU A 44 32.23 -1.14 14.01
CA LEU A 44 31.50 -2.15 14.76
C LEU A 44 32.43 -3.00 15.62
N PHE A 45 33.54 -3.46 15.03
CA PHE A 45 34.50 -4.26 15.79
C PHE A 45 35.05 -3.45 16.98
N PHE A 46 35.51 -2.23 16.74
CA PHE A 46 36.12 -1.46 17.82
C PHE A 46 35.08 -1.13 18.89
N ALA A 47 33.84 -0.83 18.50
CA ALA A 47 32.79 -0.56 19.49
C ALA A 47 32.52 -1.78 20.36
N LEU A 48 32.48 -2.97 19.74
CA LEU A 48 32.29 -4.20 20.52
C LEU A 48 33.47 -4.44 21.46
N ALA A 49 34.70 -4.30 20.94
CA ALA A 49 35.87 -4.46 21.79
C ALA A 49 35.82 -3.51 22.99
N ALA A 50 35.34 -2.29 22.76
CA ALA A 50 35.29 -1.25 23.78
C ALA A 50 34.08 -1.37 24.71
N ASP A 51 33.24 -2.39 24.51
CA ASP A 51 31.99 -2.52 25.26
C ASP A 51 31.17 -1.24 25.11
N ASP A 52 31.09 -0.75 23.88
CA ASP A 52 30.47 0.53 23.55
C ASP A 52 29.23 0.24 22.71
N ARG A 53 28.21 -0.31 23.36
CA ARG A 53 26.98 -0.65 22.67
C ARG A 53 26.27 0.54 22.04
N PRO A 54 26.21 1.73 22.67
CA PRO A 54 25.58 2.87 21.98
C PRO A 54 26.19 3.17 20.63
N MET A 55 27.53 3.23 20.55
CA MET A 55 28.14 3.51 19.27
C MET A 55 27.98 2.34 18.31
N PHE A 56 28.06 1.12 18.82
CA PHE A 56 27.78 -0.05 17.99
C PHE A 56 26.43 0.09 17.30
N ASP A 57 25.37 0.40 18.07
CA ASP A 57 24.03 0.51 17.50
C ASP A 57 23.95 1.68 16.52
N ASN A 58 24.54 2.82 16.87
CA ASN A 58 24.56 3.97 15.98
C ASN A 58 25.15 3.60 14.62
N VAL A 59 26.34 2.98 14.65
CA VAL A 59 27.03 2.56 13.42
C VAL A 59 26.22 1.54 12.65
N LEU A 60 25.66 0.55 13.36
CA LEU A 60 24.89 -0.51 12.71
C LEU A 60 23.67 0.05 12.00
N GLU A 61 22.94 0.95 12.66
CA GLU A 61 21.74 1.52 12.07
C GLU A 61 22.08 2.35 10.84
N TRP A 62 23.14 3.17 10.92
CA TRP A 62 23.55 3.89 9.72
C TRP A 62 23.90 2.91 8.60
N THR A 63 24.62 1.84 8.93
CA THR A 63 25.01 0.87 7.91
C THR A 63 23.79 0.24 7.25
N LYS A 64 22.85 -0.27 8.05
CA LYS A 64 21.71 -0.94 7.45
C LYS A 64 20.90 0.02 6.59
N ASP A 65 20.65 1.24 7.07
CA ASP A 65 19.75 2.13 6.33
C ASP A 65 20.41 2.69 5.07
N ASN A 66 21.70 3.01 5.11
CA ASN A 66 22.36 3.72 4.03
C ASN A 66 23.17 2.84 3.10
N LEU A 67 23.65 1.69 3.56
CA LEU A 67 24.40 0.80 2.70
C LEU A 67 23.62 -0.46 2.30
N ALA A 68 22.59 -0.84 3.04
CA ALA A 68 21.96 -2.13 2.81
C ALA A 68 20.44 -2.04 2.64
N GLN A 69 19.94 -0.87 2.23
CA GLN A 69 18.50 -0.70 1.97
C GLN A 69 17.66 -1.15 3.15
N GLY A 70 18.17 -0.95 4.37
CA GLY A 70 17.46 -1.27 5.57
C GLY A 70 17.66 -2.68 6.13
N ASP A 71 18.27 -3.60 5.38
CA ASP A 71 18.33 -5.00 5.80
C ASP A 71 19.55 -5.68 5.19
N PRO A 72 20.67 -5.74 5.93
CA PRO A 72 21.84 -6.50 5.43
C PRO A 72 21.54 -7.97 5.18
N GLY A 73 20.50 -8.53 5.80
CA GLY A 73 20.16 -9.92 5.52
C GLY A 73 19.63 -10.14 4.12
N GLU A 74 19.08 -9.11 3.50
CA GLU A 74 18.57 -9.18 2.13
C GLU A 74 19.44 -8.46 1.12
N HIS A 75 20.28 -7.53 1.56
CA HIS A 75 21.15 -6.77 0.67
C HIS A 75 22.54 -6.66 1.29
N LEU A 76 23.55 -7.16 0.57
CA LEU A 76 24.93 -6.91 1.00
C LEU A 76 25.18 -5.40 1.04
N PRO A 77 25.88 -4.91 2.05
CA PRO A 77 26.15 -3.47 2.13
C PRO A 77 26.92 -2.98 0.90
N ALA A 78 26.42 -1.89 0.31
CA ALA A 78 27.20 -1.18 -0.69
C ALA A 78 28.50 -0.69 -0.06
N TRP A 79 29.60 -0.80 -0.82
CA TRP A 79 30.90 -0.56 -0.19
C TRP A 79 31.28 0.92 -0.13
N LEU A 80 30.66 1.76 -0.95
CA LEU A 80 31.08 3.15 -1.08
C LEU A 80 29.87 4.07 -1.15
N TRP A 81 29.86 5.06 -0.26
CA TRP A 81 28.78 6.02 -0.04
C TRP A 81 29.38 7.40 0.16
N GLY A 82 28.74 8.41 -0.42
CA GLY A 82 29.26 9.76 -0.22
C GLY A 82 28.59 10.78 -1.12
N LYS A 83 29.31 11.87 -1.38
CA LYS A 83 28.74 12.98 -2.14
C LYS A 83 28.89 12.68 -3.62
N LYS A 84 27.77 12.47 -4.30
CA LYS A 84 27.72 12.21 -5.74
C LYS A 84 27.58 13.50 -6.55
N ASP A 85 26.62 14.33 -6.19
CA ASP A 85 26.43 15.69 -6.68
C ASP A 85 26.49 16.67 -5.51
N GLU A 86 26.53 17.96 -5.86
CA GLU A 86 26.31 18.99 -4.86
C GLU A 86 25.01 18.80 -4.09
N ASN A 87 24.03 18.09 -4.67
CA ASN A 87 22.71 17.99 -4.07
C ASN A 87 22.32 16.56 -3.73
N ASN A 88 23.26 15.62 -3.71
CA ASN A 88 22.92 14.21 -3.59
C ASN A 88 24.02 13.42 -2.88
N TRP A 89 23.82 13.13 -1.59
CA TRP A 89 24.67 12.22 -0.84
C TRP A 89 24.02 10.83 -0.85
N THR A 90 24.71 9.84 -1.42
CA THR A 90 24.06 8.56 -1.69
C THR A 90 25.12 7.48 -1.96
N VAL A 91 24.65 6.27 -2.27
CA VAL A 91 25.55 5.18 -2.63
C VAL A 91 26.32 5.57 -3.89
N LEU A 92 27.65 5.53 -3.81
CA LEU A 92 28.51 5.80 -4.96
C LEU A 92 28.84 4.53 -5.73
N ASP A 93 28.79 3.37 -5.06
CA ASP A 93 29.01 2.10 -5.75
C ASP A 93 28.20 1.04 -5.03
N SER A 94 27.30 0.38 -5.75
CA SER A 94 26.43 -0.61 -5.15
C SER A 94 27.11 -1.96 -4.97
N ASN A 95 28.31 -2.14 -5.52
CA ASN A 95 29.07 -3.37 -5.31
C ASN A 95 29.41 -3.56 -3.83
N SER A 96 29.60 -4.81 -3.44
CA SER A 96 29.97 -5.16 -2.08
C SER A 96 31.49 -5.26 -1.96
N ALA A 97 31.97 -5.26 -0.72
CA ALA A 97 33.37 -5.58 -0.39
C ALA A 97 33.33 -6.63 0.71
N SER A 98 33.80 -7.85 0.39
CA SER A 98 33.52 -8.97 1.29
C SER A 98 34.33 -8.93 2.58
N ASP A 99 35.47 -8.22 2.61
CA ASP A 99 36.16 -8.05 3.89
C ASP A 99 35.26 -7.34 4.90
N ALA A 100 34.58 -6.28 4.45
CA ALA A 100 33.62 -5.57 5.29
C ALA A 100 32.42 -6.44 5.62
N ASP A 101 31.84 -7.13 4.63
CA ASP A 101 30.69 -8.00 4.92
C ASP A 101 31.04 -9.02 5.99
N ILE A 102 32.23 -9.62 5.89
CA ILE A 102 32.68 -10.61 6.86
C ILE A 102 32.86 -9.98 8.24
N TRP A 103 33.52 -8.81 8.31
CA TRP A 103 33.72 -8.19 9.64
C TRP A 103 32.39 -7.77 10.26
N ILE A 104 31.42 -7.33 9.47
CA ILE A 104 30.11 -6.96 9.99
C ILE A 104 29.40 -8.19 10.53
N ALA A 105 29.39 -9.28 9.75
CA ALA A 105 28.73 -10.50 10.18
C ALA A 105 29.35 -11.04 11.46
N TRP A 106 30.68 -11.12 11.50
CA TRP A 106 31.34 -11.61 12.70
C TRP A 106 31.03 -10.71 13.90
N SER A 107 31.08 -9.38 13.70
CA SER A 107 30.82 -8.47 14.81
C SER A 107 29.37 -8.58 15.28
N LEU A 108 28.42 -8.80 14.37
CA LEU A 108 27.04 -9.00 14.77
C LEU A 108 26.87 -10.28 15.57
N LEU A 109 27.48 -11.37 15.11
CA LEU A 109 27.38 -12.64 15.83
C LEU A 109 27.99 -12.53 17.22
N GLU A 110 29.13 -11.85 17.33
CA GLU A 110 29.77 -11.77 18.64
C GLU A 110 29.07 -10.80 19.57
N ALA A 111 28.50 -9.71 19.05
CA ALA A 111 27.69 -8.83 19.89
C ALA A 111 26.44 -9.54 20.38
N GLY A 112 25.80 -10.34 19.53
CA GLY A 112 24.65 -11.09 19.97
C GLY A 112 25.01 -12.07 21.07
N ARG A 113 26.15 -12.73 20.93
CA ARG A 113 26.58 -13.68 21.96
C ARG A 113 26.92 -12.96 23.26
N LEU A 114 27.77 -11.92 23.19
CA LEU A 114 28.31 -11.29 24.40
C LEU A 114 27.32 -10.35 25.07
N TRP A 115 26.49 -9.67 24.30
CA TRP A 115 25.47 -8.80 24.88
C TRP A 115 24.13 -9.51 25.04
N LYS A 116 24.04 -10.80 24.71
CA LYS A 116 22.83 -11.60 24.86
C LYS A 116 21.62 -10.91 24.25
N GLU A 117 21.74 -10.62 22.96
CA GLU A 117 20.74 -9.91 22.19
C GLU A 117 20.50 -10.70 20.91
N ALA A 118 19.38 -11.43 20.87
CA ALA A 118 19.09 -12.34 19.78
C ALA A 118 18.95 -11.65 18.43
N ARG A 119 18.66 -10.35 18.42
CA ARG A 119 18.48 -9.66 17.14
C ARG A 119 19.80 -9.50 16.40
N TYR A 120 20.89 -9.20 17.13
CA TYR A 120 22.20 -9.18 16.49
C TYR A 120 22.50 -10.53 15.85
N THR A 121 22.21 -11.61 16.58
CA THR A 121 22.46 -12.94 16.08
C THR A 121 21.65 -13.22 14.82
N THR A 122 20.37 -12.84 14.84
CA THR A 122 19.50 -13.07 13.69
C THR A 122 20.03 -12.34 12.46
N LEU A 123 20.38 -11.06 12.62
CA LEU A 123 20.89 -10.29 11.50
C LEU A 123 22.23 -10.82 11.03
N GLY A 124 23.13 -11.19 11.96
CA GLY A 124 24.41 -11.74 11.55
C GLY A 124 24.27 -13.05 10.80
N ASN A 125 23.37 -13.92 11.25
CA ASN A 125 23.15 -15.18 10.58
C ASN A 125 22.61 -14.94 9.17
N ALA A 126 21.64 -14.03 9.05
CA ALA A 126 21.10 -13.70 7.74
C ALA A 126 22.18 -13.12 6.82
N LEU A 127 23.00 -12.20 7.34
CA LEU A 127 24.07 -11.63 6.53
C LEU A 127 25.06 -12.70 6.10
N LEU A 128 25.45 -13.59 7.01
CA LEU A 128 26.41 -14.63 6.68
C LEU A 128 25.87 -15.53 5.58
N ASN A 129 24.60 -15.92 5.69
CA ASN A 129 23.99 -16.69 4.61
C ASN A 129 23.99 -15.90 3.30
N ARG A 130 23.77 -14.59 3.36
CA ARG A 130 23.79 -13.82 2.11
C ARG A 130 25.19 -13.71 1.52
N ILE A 131 26.21 -13.60 2.37
CA ILE A 131 27.57 -13.62 1.88
C ILE A 131 27.83 -14.92 1.15
N ALA A 132 27.45 -16.04 1.79
CA ALA A 132 27.60 -17.34 1.15
C ALA A 132 26.87 -17.40 -0.19
N LYS A 133 25.67 -16.83 -0.25
CA LYS A 133 24.89 -16.85 -1.50
C LYS A 133 25.50 -16.00 -2.60
N GLU A 134 25.95 -14.79 -2.28
CA GLU A 134 26.29 -13.80 -3.30
C GLU A 134 27.78 -13.65 -3.60
N GLU A 135 28.69 -13.98 -2.68
CA GLU A 135 30.09 -13.74 -2.98
C GLU A 135 30.99 -14.87 -2.52
N VAL A 136 30.44 -16.08 -2.39
CA VAL A 136 31.22 -17.31 -2.24
C VAL A 136 30.89 -18.16 -3.46
N VAL A 137 31.92 -18.57 -4.20
CA VAL A 137 31.70 -19.39 -5.39
C VAL A 137 32.69 -20.54 -5.41
N THR A 138 32.29 -21.64 -6.06
CA THR A 138 33.17 -22.78 -6.25
C THR A 138 34.02 -22.50 -7.49
N VAL A 139 35.32 -22.43 -7.30
CA VAL A 139 36.26 -22.18 -8.39
C VAL A 139 36.83 -23.52 -8.84
N PRO A 140 36.76 -23.87 -10.12
CA PRO A 140 37.32 -25.15 -10.55
C PRO A 140 38.81 -25.23 -10.24
N GLY A 141 39.19 -26.25 -9.49
CA GLY A 141 40.54 -26.45 -9.03
C GLY A 141 40.78 -26.05 -7.59
N LEU A 142 39.97 -25.16 -7.04
CA LEU A 142 40.13 -24.67 -5.68
C LEU A 142 39.02 -25.09 -4.74
N GLY A 143 37.79 -25.14 -5.21
CA GLY A 143 36.66 -25.32 -4.33
C GLY A 143 36.08 -23.98 -3.96
N PRO A 144 35.31 -23.93 -2.88
CA PRO A 144 34.68 -22.67 -2.49
C PRO A 144 35.74 -21.63 -2.16
N MET A 145 35.52 -20.41 -2.66
CA MET A 145 36.37 -19.27 -2.38
C MET A 145 35.50 -18.05 -2.12
N LEU A 146 36.04 -17.13 -1.31
CA LEU A 146 35.37 -15.85 -1.04
C LEU A 146 35.84 -14.83 -2.07
N LEU A 147 34.92 -14.36 -2.91
CA LEU A 147 35.24 -13.30 -3.85
C LEU A 147 35.32 -11.96 -3.12
N PRO A 148 36.19 -11.04 -3.57
CA PRO A 148 36.28 -9.73 -2.92
C PRO A 148 35.01 -8.91 -3.01
N GLY A 149 34.07 -9.27 -3.89
CA GLY A 149 32.82 -8.54 -3.99
C GLY A 149 31.86 -9.32 -4.85
N LYS A 150 30.59 -8.93 -4.79
CA LYS A 150 29.56 -9.71 -5.44
C LYS A 150 29.58 -9.61 -6.96
N VAL A 151 30.21 -8.57 -7.52
CA VAL A 151 30.38 -8.49 -8.97
C VAL A 151 31.80 -8.05 -9.25
N GLY A 152 32.32 -8.48 -10.39
CA GLY A 152 33.53 -7.90 -10.95
C GLY A 152 34.82 -8.64 -10.68
N PHE A 153 34.79 -9.76 -9.96
CA PHE A 153 36.00 -10.47 -9.64
C PHE A 153 36.00 -11.90 -10.15
N ALA A 154 34.94 -12.31 -10.86
CA ALA A 154 34.80 -13.67 -11.36
C ALA A 154 34.46 -13.61 -12.83
N GLU A 155 35.21 -14.34 -13.64
CA GLU A 155 34.87 -14.55 -15.04
C GLU A 155 34.89 -16.02 -15.36
N GLU A 156 34.74 -16.37 -16.64
CA GLU A 156 34.63 -17.78 -16.99
C GLU A 156 35.93 -18.53 -16.70
N THR A 157 37.07 -17.88 -16.92
CA THR A 157 38.35 -18.57 -16.81
C THR A 157 39.33 -17.97 -15.81
N VAL A 158 38.99 -16.89 -15.12
CA VAL A 158 39.94 -16.22 -14.23
C VAL A 158 39.17 -15.64 -13.06
N TRP A 159 39.79 -15.69 -11.87
CA TRP A 159 39.23 -15.11 -10.64
C TRP A 159 40.28 -14.27 -9.91
N ARG A 160 39.85 -13.23 -9.22
CA ARG A 160 40.78 -12.38 -8.49
C ARG A 160 40.38 -12.33 -7.02
N LEU A 161 41.35 -12.57 -6.14
CA LEU A 161 41.12 -12.74 -4.72
C LEU A 161 41.99 -11.74 -3.95
N ASN A 162 41.59 -11.48 -2.72
CA ASN A 162 42.30 -10.52 -1.86
C ASN A 162 42.64 -11.25 -0.57
N PRO A 163 43.89 -11.70 -0.42
CA PRO A 163 44.26 -12.51 0.76
C PRO A 163 43.97 -11.87 2.11
N SER A 164 43.88 -10.55 2.20
CA SER A 164 43.58 -9.89 3.47
C SER A 164 42.10 -9.95 3.86
N TYR A 165 41.22 -10.49 3.01
CA TYR A 165 39.79 -10.29 3.23
C TYR A 165 39.17 -11.27 4.21
N LEU A 166 39.80 -12.42 4.48
CA LEU A 166 39.25 -13.34 5.48
C LEU A 166 40.31 -13.62 6.54
N PRO A 167 40.29 -12.90 7.67
CA PRO A 167 41.27 -13.16 8.74
C PRO A 167 41.19 -14.62 9.16
N PRO A 168 42.33 -15.31 9.33
CA PRO A 168 42.26 -16.74 9.68
C PRO A 168 41.44 -17.01 10.93
N GLN A 169 41.48 -16.12 11.94
CA GLN A 169 40.72 -16.39 13.17
C GLN A 169 39.22 -16.26 12.93
N ILE A 170 38.81 -15.31 12.08
CA ILE A 170 37.39 -15.21 11.75
C ILE A 170 36.96 -16.43 10.93
N ALA A 171 37.79 -16.91 10.00
CA ALA A 171 37.46 -18.12 9.27
C ALA A 171 37.27 -19.31 10.22
N ARG A 172 38.18 -19.43 11.19
CA ARG A 172 38.07 -20.49 12.19
C ARG A 172 36.76 -20.37 12.94
N TYR A 173 36.42 -19.16 13.36
CA TYR A 173 35.14 -18.92 14.04
C TYR A 173 33.96 -19.37 13.20
N LEU A 174 33.94 -18.98 11.93
CA LEU A 174 32.76 -19.22 11.10
C LEU A 174 32.56 -20.69 10.79
N THR A 175 33.60 -21.53 10.92
CA THR A 175 33.37 -22.97 10.71
C THR A 175 32.23 -23.53 11.57
N ARG A 176 31.89 -22.88 12.68
CA ARG A 176 30.82 -23.37 13.55
C ARG A 176 29.46 -23.40 12.84
N PHE A 177 29.30 -22.65 11.75
CA PHE A 177 28.06 -22.64 10.99
C PHE A 177 28.06 -23.64 9.83
N GLY A 178 29.04 -24.53 9.76
CA GLY A 178 29.03 -25.57 8.74
C GLY A 178 29.46 -25.06 7.37
N GLU A 179 29.11 -25.84 6.35
CA GLU A 179 29.47 -25.46 4.99
C GLU A 179 28.71 -24.20 4.58
N PRO A 180 29.32 -23.35 3.74
CA PRO A 180 30.63 -23.52 3.13
C PRO A 180 31.81 -23.07 4.01
N TRP A 181 31.52 -22.56 5.22
CA TRP A 181 32.56 -21.95 6.05
C TRP A 181 33.60 -22.97 6.50
N THR A 182 33.18 -24.22 6.72
CA THR A 182 34.13 -25.30 7.04
C THR A 182 35.20 -25.42 5.99
N THR A 183 34.80 -25.53 4.72
CA THR A 183 35.75 -25.69 3.63
C THR A 183 36.43 -24.38 3.28
N LEU A 184 35.73 -23.27 3.42
CA LEU A 184 36.35 -21.98 3.16
C LEU A 184 37.54 -21.75 4.09
N GLN A 185 37.46 -22.21 5.34
CA GLN A 185 38.62 -22.04 6.22
C GLN A 185 39.84 -22.77 5.66
N GLU A 186 39.63 -23.95 5.06
CA GLU A 186 40.75 -24.70 4.50
C GLU A 186 41.30 -24.05 3.25
N THR A 187 40.40 -23.61 2.34
CA THR A 187 40.85 -23.00 1.10
C THR A 187 41.49 -21.64 1.35
N ASN A 188 41.03 -20.91 2.37
CA ASN A 188 41.66 -19.65 2.77
C ASN A 188 43.06 -19.87 3.32
N HIS A 189 43.22 -20.88 4.19
CA HIS A 189 44.54 -21.19 4.72
C HIS A 189 45.53 -21.50 3.58
N ARG A 190 45.08 -22.32 2.63
CA ARG A 190 45.92 -22.65 1.48
C ARG A 190 46.21 -21.42 0.63
N LEU A 191 45.21 -20.55 0.42
CA LEU A 191 45.41 -19.30 -0.31
C LEU A 191 46.56 -18.49 0.28
N LEU A 192 46.53 -18.33 1.61
CA LEU A 192 47.58 -17.55 2.25
C LEU A 192 48.95 -18.19 2.08
N LEU A 193 49.05 -19.53 2.24
CA LEU A 193 50.36 -20.19 2.12
C LEU A 193 50.86 -20.22 0.67
N GLU A 194 49.98 -20.50 -0.28
CA GLU A 194 50.40 -20.75 -1.65
C GLU A 194 50.67 -19.48 -2.44
N THR A 195 50.12 -18.32 -2.05
CA THR A 195 50.33 -17.13 -2.87
C THR A 195 51.39 -16.20 -2.30
N ALA A 196 52.19 -16.66 -1.34
CA ALA A 196 53.30 -15.88 -0.79
C ALA A 196 54.62 -16.60 -1.02
N PRO A 197 55.03 -16.76 -2.29
CA PRO A 197 56.20 -17.58 -2.60
C PRO A 197 57.51 -17.03 -2.06
N LYS A 198 57.62 -15.74 -1.77
CA LYS A 198 58.81 -15.18 -1.15
C LYS A 198 58.56 -14.75 0.30
N GLY A 199 57.43 -15.14 0.88
CA GLY A 199 57.13 -14.74 2.24
C GLY A 199 56.34 -13.47 2.36
N PHE A 200 55.90 -12.90 1.25
CA PHE A 200 55.12 -11.67 1.20
C PHE A 200 53.80 -11.98 0.52
N SER A 201 52.67 -11.63 1.19
CA SER A 201 51.33 -11.89 0.67
C SER A 201 50.92 -10.75 -0.27
N PRO A 202 50.20 -11.05 -1.35
CA PRO A 202 49.81 -10.00 -2.30
C PRO A 202 48.54 -9.28 -1.89
N ASP A 203 48.45 -8.00 -2.29
CA ASP A 203 47.17 -7.29 -2.22
C ASP A 203 46.09 -8.08 -2.96
N TRP A 204 46.36 -8.44 -4.22
CA TRP A 204 45.42 -9.08 -5.11
C TRP A 204 46.17 -10.20 -5.82
N VAL A 205 45.49 -11.33 -6.06
CA VAL A 205 46.13 -12.43 -6.75
C VAL A 205 45.08 -13.14 -7.58
N ARG A 206 45.45 -13.52 -8.80
CA ARG A 206 44.56 -14.15 -9.75
C ARG A 206 44.83 -15.64 -9.85
N TYR A 207 43.75 -16.40 -10.06
CA TYR A 207 43.78 -17.83 -10.34
C TYR A 207 43.17 -18.03 -11.72
N GLU A 208 43.89 -18.75 -12.58
CA GLU A 208 43.45 -18.98 -13.95
C GLU A 208 43.08 -20.44 -14.18
N LYS A 209 41.89 -20.66 -14.73
CA LYS A 209 41.46 -22.01 -15.06
C LYS A 209 42.53 -22.73 -15.85
N SER A 210 42.80 -23.98 -15.47
CA SER A 210 43.77 -24.88 -16.11
C SER A 210 45.21 -24.44 -15.92
N LYS A 211 45.46 -23.35 -15.19
CA LYS A 211 46.82 -22.85 -15.00
C LYS A 211 47.22 -22.66 -13.54
N GLY A 212 46.27 -22.39 -12.65
CA GLY A 212 46.62 -22.22 -11.24
C GLY A 212 46.87 -20.75 -10.90
N TRP A 213 47.59 -20.55 -9.80
CA TRP A 213 47.88 -19.18 -9.34
C TRP A 213 48.81 -18.46 -10.31
N GLN A 214 48.54 -17.17 -10.51
CA GLN A 214 49.32 -16.32 -11.43
C GLN A 214 50.31 -15.51 -10.60
N LEU A 215 51.49 -16.08 -10.39
CA LEU A 215 52.50 -15.53 -9.49
C LEU A 215 53.73 -15.01 -10.23
N ALA A 216 53.64 -14.81 -11.54
CA ALA A 216 54.79 -14.25 -12.26
C ALA A 216 55.03 -12.80 -11.84
N PRO A 217 56.29 -12.36 -11.85
CA PRO A 217 56.59 -10.99 -11.48
C PRO A 217 55.70 -10.02 -12.23
N ASP A 218 55.19 -9.03 -11.48
CA ASP A 218 54.20 -8.11 -11.98
C ASP A 218 54.14 -6.92 -11.04
N LYS A 219 53.95 -5.73 -11.63
CA LYS A 219 53.82 -4.50 -10.86
C LYS A 219 52.59 -4.49 -9.97
N THR A 220 51.55 -5.26 -10.30
CA THR A 220 50.37 -5.30 -9.45
C THR A 220 50.37 -6.44 -8.43
N LEU A 221 51.37 -7.34 -8.47
CA LEU A 221 51.47 -8.44 -7.49
C LEU A 221 52.43 -8.02 -6.37
N ILE A 222 51.90 -7.27 -5.40
CA ILE A 222 52.73 -6.62 -4.40
C ILE A 222 52.08 -6.74 -3.03
N SER A 223 52.92 -6.80 -2.00
CA SER A 223 52.45 -6.66 -0.63
C SER A 223 52.38 -5.17 -0.32
N GLY A 224 51.17 -4.62 -0.27
CA GLY A 224 50.99 -3.19 -0.10
C GLY A 224 49.94 -2.84 0.94
N TYR A 225 49.06 -1.89 0.59
CA TYR A 225 48.13 -1.35 1.56
C TYR A 225 46.99 -2.30 1.90
N ASP A 226 46.74 -3.32 1.10
CA ASP A 226 45.81 -4.36 1.54
C ASP A 226 46.52 -5.47 2.29
N ALA A 227 47.58 -6.04 1.68
CA ALA A 227 48.26 -7.19 2.26
C ALA A 227 48.87 -6.90 3.63
N ILE A 228 49.13 -5.62 3.98
CA ILE A 228 49.65 -5.35 5.32
C ILE A 228 48.74 -5.98 6.37
N ARG A 229 47.43 -6.01 6.10
N ARG A 229 47.43 -6.01 6.10
CA ARG A 229 46.49 -6.56 7.07
CA ARG A 229 46.49 -6.57 7.06
C ARG A 229 46.60 -8.07 7.20
C ARG A 229 46.59 -8.07 7.19
N VAL A 230 47.09 -8.79 6.19
CA VAL A 230 47.35 -10.22 6.36
C VAL A 230 48.25 -10.43 7.58
N TYR A 231 49.41 -9.75 7.60
CA TYR A 231 50.32 -9.94 8.72
C TYR A 231 49.62 -9.55 10.02
N LEU A 232 48.79 -8.49 9.97
CA LEU A 232 48.09 -8.07 11.17
C LEU A 232 47.18 -9.16 11.69
N TRP A 233 46.34 -9.72 10.80
CA TRP A 233 45.41 -10.75 11.26
C TRP A 233 46.19 -11.91 11.84
N VAL A 234 47.28 -12.31 11.18
CA VAL A 234 48.00 -13.49 11.65
C VAL A 234 48.58 -13.21 13.02
N GLY A 235 49.11 -12.00 13.20
CA GLY A 235 49.71 -11.68 14.48
C GLY A 235 48.71 -11.71 15.61
N MET A 236 47.44 -11.39 15.32
CA MET A 236 46.41 -11.35 16.37
C MET A 236 45.73 -12.68 16.59
N MET A 237 46.12 -13.72 15.86
CA MET A 237 45.61 -15.05 16.18
C MET A 237 46.08 -15.44 17.58
N ASN A 238 45.25 -16.22 18.26
CA ASN A 238 45.61 -16.85 19.51
C ASN A 238 46.73 -17.86 19.29
N ASP A 239 47.73 -17.84 20.18
CA ASP A 239 48.87 -18.76 20.06
C ASP A 239 48.45 -20.22 20.05
N HIS A 240 47.29 -20.54 20.65
CA HIS A 240 46.82 -21.93 20.70
C HIS A 240 46.02 -22.34 19.48
N ASP A 241 45.85 -21.45 18.51
CA ASP A 241 45.39 -21.90 17.20
C ASP A 241 46.55 -22.59 16.51
N ALA A 242 46.36 -23.89 16.23
CA ALA A 242 47.44 -24.72 15.71
C ALA A 242 48.01 -24.21 14.40
N GLN A 243 47.27 -23.40 13.66
CA GLN A 243 47.73 -22.94 12.36
C GLN A 243 48.44 -21.58 12.38
N LYS A 244 48.41 -20.85 13.50
CA LYS A 244 49.14 -19.58 13.56
C LYS A 244 50.62 -19.79 13.23
N ALA A 245 51.23 -20.84 13.77
CA ALA A 245 52.66 -21.04 13.59
C ALA A 245 53.01 -21.21 12.11
N SER A 246 52.20 -21.96 11.38
CA SER A 246 52.51 -22.20 9.95
C SER A 246 52.43 -20.90 9.15
N LEU A 247 51.47 -20.02 9.50
CA LEU A 247 51.36 -18.73 8.81
C LEU A 247 52.50 -17.79 9.18
N LEU A 248 52.89 -17.75 10.47
CA LEU A 248 54.04 -16.92 10.87
C LEU A 248 55.30 -17.38 10.14
N GLU A 249 55.46 -18.71 9.99
CA GLU A 249 56.65 -19.24 9.34
C GLU A 249 56.68 -18.84 7.87
N ARG A 250 55.54 -18.96 7.19
CA ARG A 250 55.51 -18.57 5.78
CA ARG A 250 55.49 -18.56 5.79
C ARG A 250 55.83 -17.09 5.60
N LEU A 251 55.33 -16.24 6.50
CA LEU A 251 55.42 -14.79 6.31
C LEU A 251 56.60 -14.18 7.04
N LYS A 252 57.45 -15.03 7.62
CA LYS A 252 58.59 -14.54 8.37
C LYS A 252 59.50 -13.57 7.61
N PRO A 253 59.72 -13.68 6.28
CA PRO A 253 60.53 -12.66 5.60
C PRO A 253 60.03 -11.23 5.77
N MET A 254 58.71 -11.01 5.94
CA MET A 254 58.27 -9.63 6.20
C MET A 254 58.77 -9.14 7.55
N ALA A 255 58.79 -10.02 8.56
CA ALA A 255 59.35 -9.63 9.86
C ALA A 255 60.85 -9.39 9.75
N ALA A 256 61.58 -10.27 9.05
CA ALA A 256 63.02 -10.10 8.94
C ALA A 256 63.37 -8.83 8.19
N LEU A 257 62.61 -8.52 7.13
CA LEU A 257 62.88 -7.31 6.36
C LEU A 257 62.58 -6.06 7.18
N THR A 258 61.44 -6.06 7.89
CA THR A 258 61.13 -4.92 8.76
C THR A 258 62.22 -4.72 9.80
N ALA A 259 62.64 -5.81 10.46
CA ALA A 259 63.64 -5.71 11.51
C ALA A 259 64.96 -5.18 10.98
N LYS A 260 65.38 -5.69 9.82
CA LYS A 260 66.64 -5.26 9.22
C LYS A 260 66.61 -3.78 8.92
N LYS A 261 65.54 -3.33 8.28
CA LYS A 261 65.45 -1.92 7.92
C LYS A 261 65.09 -1.03 9.11
N GLY A 262 64.37 -1.55 10.11
CA GLY A 262 63.71 -0.72 11.07
C GLY A 262 62.49 -0.01 10.55
N VAL A 263 62.08 -0.27 9.31
CA VAL A 263 60.94 0.39 8.72
C VAL A 263 60.15 -0.65 7.94
N VAL A 264 58.84 -0.64 8.13
CA VAL A 264 58.00 -1.50 7.29
C VAL A 264 57.99 -0.95 5.87
N PRO A 265 58.32 -1.76 4.85
CA PRO A 265 58.26 -1.26 3.47
C PRO A 265 56.85 -0.89 3.05
N GLU A 266 56.74 0.05 2.12
CA GLU A 266 55.43 0.43 1.60
C GLU A 266 54.89 -0.61 0.63
N LYS A 267 55.75 -1.15 -0.23
CA LYS A 267 55.38 -2.18 -1.20
C LYS A 267 56.52 -3.18 -1.24
N VAL A 268 56.18 -4.46 -1.37
CA VAL A 268 57.18 -5.50 -1.61
C VAL A 268 56.74 -6.33 -2.81
N ASP A 269 57.62 -6.49 -3.78
CA ASP A 269 57.33 -7.32 -4.95
C ASP A 269 57.14 -8.76 -4.50
N VAL A 270 55.94 -9.31 -4.74
CA VAL A 270 55.61 -10.65 -4.22
C VAL A 270 56.48 -11.72 -4.86
N ALA A 271 56.81 -11.54 -6.14
CA ALA A 271 57.56 -12.57 -6.85
C ALA A 271 59.06 -12.47 -6.60
N THR A 272 59.59 -11.27 -6.34
CA THR A 272 61.04 -11.09 -6.21
C THR A 272 61.48 -10.70 -4.81
N ALA A 273 60.54 -10.33 -3.93
CA ALA A 273 60.80 -9.85 -2.58
C ALA A 273 61.46 -8.46 -2.55
N GLN A 274 61.41 -7.70 -3.67
CA GLN A 274 62.13 -6.43 -3.64
C GLN A 274 61.26 -5.35 -3.01
N PRO A 275 61.75 -4.65 -1.98
CA PRO A 275 60.94 -3.62 -1.34
C PRO A 275 61.17 -2.25 -1.96
N ARG A 276 60.16 -1.40 -1.82
CA ARG A 276 60.29 -0.02 -2.24
C ARG A 276 59.37 0.85 -1.40
N GLY A 277 59.90 1.99 -0.96
CA GLY A 277 59.14 2.97 -0.20
C GLY A 277 59.08 2.63 1.27
N ASP A 278 58.68 3.63 2.06
CA ASP A 278 58.46 3.48 3.49
C ASP A 278 56.97 3.55 3.77
N GLY A 279 56.44 2.56 4.48
CA GLY A 279 55.03 2.53 4.79
C GLY A 279 54.68 3.61 5.80
N PRO A 280 53.41 4.00 5.84
CA PRO A 280 52.96 4.97 6.85
C PRO A 280 52.93 4.39 8.27
N VAL A 281 52.62 5.24 9.26
CA VAL A 281 52.64 4.77 10.66
C VAL A 281 51.66 3.61 10.85
N GLY A 282 50.58 3.58 10.08
CA GLY A 282 49.64 2.47 10.17
C GLY A 282 50.30 1.12 9.93
N PHE A 283 51.27 1.06 9.00
CA PHE A 283 51.97 -0.21 8.73
C PHE A 283 52.79 -0.62 9.93
N ALA A 284 53.38 0.37 10.62
CA ALA A 284 54.14 0.07 11.82
C ALA A 284 53.22 -0.54 12.88
N ALA A 285 52.04 0.07 13.08
CA ALA A 285 51.09 -0.45 14.06
C ALA A 285 50.56 -1.82 13.66
N ALA A 286 50.28 -2.01 12.38
CA ALA A 286 49.73 -3.28 11.91
C ALA A 286 50.69 -4.44 12.18
N LEU A 287 51.99 -4.20 12.20
CA LEU A 287 52.93 -5.28 12.46
C LEU A 287 53.23 -5.49 13.96
N LEU A 288 52.71 -4.64 14.85
CA LEU A 288 52.97 -4.89 16.27
C LEU A 288 52.52 -6.28 16.70
N PRO A 289 51.32 -6.76 16.36
CA PRO A 289 50.96 -8.13 16.78
C PRO A 289 51.75 -9.21 16.03
N PHE A 290 52.23 -8.89 14.83
CA PHE A 290 52.90 -9.84 13.93
C PHE A 290 54.35 -10.09 14.34
N LEU A 291 55.10 -9.05 14.69
CA LEU A 291 56.52 -9.17 15.01
C LEU A 291 56.67 -9.90 16.34
N GLN A 292 57.38 -11.04 16.33
CA GLN A 292 57.57 -11.82 17.55
C GLN A 292 58.82 -11.40 18.33
N ASP A 293 59.79 -10.76 17.67
CA ASP A 293 61.03 -10.35 18.32
C ASP A 293 60.78 -9.09 19.17
N ARG A 294 61.22 -9.13 20.43
CA ARG A 294 60.94 -8.02 21.35
C ARG A 294 61.50 -6.69 20.83
N ASP A 295 62.75 -6.70 20.34
CA ASP A 295 63.38 -5.48 19.86
C ASP A 295 62.73 -4.93 18.59
N ALA A 296 62.51 -5.78 17.57
CA ALA A 296 61.89 -5.29 16.34
C ALA A 296 60.51 -4.70 16.61
N GLN A 297 59.75 -5.39 17.46
CA GLN A 297 58.47 -4.88 17.89
C GLN A 297 58.61 -3.52 18.57
N ALA A 298 59.60 -3.38 19.45
CA ALA A 298 59.78 -2.12 20.18
C ALA A 298 60.14 -0.96 19.25
N VAL A 299 60.92 -1.25 18.18
CA VAL A 299 61.23 -0.20 17.21
C VAL A 299 59.96 0.33 16.56
N GLN A 300 59.09 -0.59 16.13
CA GLN A 300 57.83 -0.13 15.55
C GLN A 300 56.93 0.57 16.59
N ARG A 301 56.94 0.08 17.82
CA ARG A 301 56.13 0.71 18.88
C ARG A 301 56.55 2.16 19.08
N GLN A 302 57.85 2.43 19.02
CA GLN A 302 58.34 3.80 19.13
C GLN A 302 57.81 4.67 18.00
N LYS A 303 57.83 4.12 16.78
CA LYS A 303 57.28 4.89 15.65
C LYS A 303 55.81 5.20 15.85
N VAL A 304 55.03 4.23 16.29
CA VAL A 304 53.60 4.49 16.49
C VAL A 304 53.40 5.54 17.58
N ALA A 305 54.19 5.47 18.65
CA ALA A 305 54.04 6.42 19.75
C ALA A 305 54.40 7.83 19.31
N ASP A 306 55.49 7.99 18.56
CA ASP A 306 55.92 9.33 18.20
C ASP A 306 55.20 9.91 16.99
N HIS A 307 54.55 9.08 16.18
CA HIS A 307 53.90 9.58 14.96
C HIS A 307 52.45 9.15 14.91
N PHE A 308 51.79 9.16 16.06
CA PHE A 308 50.42 8.69 16.13
C PHE A 308 49.54 9.43 15.11
N PRO A 309 48.66 8.73 14.40
CA PRO A 309 47.96 9.39 13.29
C PRO A 309 47.04 10.50 13.77
N GLY A 310 46.96 11.56 12.97
CA GLY A 310 46.07 12.68 13.24
C GLY A 310 44.67 12.41 12.72
N ASP A 311 43.90 13.48 12.56
CA ASP A 311 42.50 13.40 12.18
C ASP A 311 42.30 13.40 10.67
N ASP A 312 43.40 13.36 9.91
CA ASP A 312 43.38 13.40 8.46
C ASP A 312 43.92 12.09 7.87
N ALA A 313 43.78 11.00 8.63
CA ALA A 313 44.46 9.75 8.29
C ALA A 313 43.61 8.57 8.75
N TYR A 314 42.45 8.39 8.10
CA TYR A 314 41.55 7.29 8.44
C TYR A 314 42.28 5.95 8.43
N PHE A 315 43.02 5.67 7.37
CA PHE A 315 43.60 4.34 7.18
C PHE A 315 44.64 4.01 8.25
N SER A 316 45.60 4.91 8.45
CA SER A 316 46.57 4.68 9.52
C SER A 316 45.87 4.62 10.89
N TYR A 317 44.76 5.34 11.06
CA TYR A 317 44.09 5.33 12.36
C TYR A 317 43.43 3.97 12.63
N VAL A 318 42.71 3.40 11.64
CA VAL A 318 42.08 2.11 11.92
C VAL A 318 43.14 1.01 12.06
N LEU A 319 44.20 1.05 11.26
CA LEU A 319 45.29 0.10 11.45
C LEU A 319 45.91 0.23 12.82
N THR A 320 45.98 1.46 13.34
CA THR A 320 46.54 1.69 14.66
C THR A 320 45.60 1.19 15.75
N LEU A 321 44.29 1.41 15.59
CA LEU A 321 43.35 0.86 16.56
C LEU A 321 43.48 -0.68 16.63
N PHE A 322 43.57 -1.35 15.48
CA PHE A 322 43.82 -2.80 15.49
C PHE A 322 45.16 -3.14 16.15
N GLY A 323 46.27 -2.60 15.63
CA GLY A 323 47.58 -3.07 16.04
C GLY A 323 48.04 -2.56 17.39
N GLN A 324 47.93 -1.24 17.61
CA GLN A 324 48.22 -0.72 18.94
C GLN A 324 47.19 -1.21 19.94
N GLY A 325 45.90 -1.30 19.56
CA GLY A 325 44.92 -1.85 20.47
C GLY A 325 45.28 -3.24 20.94
N TRP A 326 45.65 -4.13 20.01
CA TRP A 326 46.06 -5.47 20.42
C TRP A 326 47.33 -5.40 21.28
N ASP A 327 48.28 -4.55 20.88
CA ASP A 327 49.51 -4.33 21.65
C ASP A 327 49.23 -3.84 23.07
N GLU A 328 48.08 -3.20 23.30
CA GLU A 328 47.69 -2.74 24.63
C GLU A 328 46.63 -3.62 25.27
N HIS A 329 46.42 -4.82 24.74
CA HIS A 329 45.45 -5.78 25.29
C HIS A 329 44.03 -5.21 25.34
N ARG A 330 43.68 -4.39 24.34
CA ARG A 330 42.32 -3.86 24.24
C ARG A 330 41.30 -4.91 23.86
N PHE A 331 41.74 -6.03 23.28
CA PHE A 331 40.89 -7.14 22.86
C PHE A 331 41.82 -8.31 22.59
N ARG A 332 41.26 -9.51 22.62
CA ARG A 332 42.00 -10.69 22.20
C ARG A 332 41.06 -11.60 21.41
N PHE A 333 41.61 -12.54 20.66
CA PHE A 333 40.83 -13.60 20.05
C PHE A 333 41.11 -14.91 20.77
N THR A 334 40.06 -15.72 20.97
CA THR A 334 40.18 -17.06 21.53
C THR A 334 40.75 -17.99 20.47
N PRO A 335 41.14 -19.22 20.85
CA PRO A 335 41.62 -20.16 19.82
C PRO A 335 40.57 -20.47 18.76
N ARG A 336 39.28 -20.33 19.08
CA ARG A 336 38.24 -20.52 18.08
C ARG A 336 37.88 -19.26 17.32
N GLY A 337 38.54 -18.14 17.59
CA GLY A 337 38.23 -16.93 16.86
C GLY A 337 37.11 -16.11 17.46
N GLU A 338 36.65 -16.44 18.67
CA GLU A 338 35.71 -15.59 19.38
C GLU A 338 36.47 -14.41 19.95
N LEU A 339 35.75 -13.33 20.18
CA LEU A 339 36.31 -12.23 20.95
C LEU A 339 36.46 -12.67 22.40
N GLN A 340 37.65 -12.44 22.96
CA GLN A 340 38.02 -12.50 24.35
C GLN A 340 38.08 -11.05 24.79
N PRO A 341 36.98 -10.54 25.34
CA PRO A 341 36.89 -9.10 25.60
C PRO A 341 37.72 -8.70 26.80
N ASP A 342 38.16 -7.44 26.78
CA ASP A 342 38.89 -6.84 27.89
C ASP A 342 37.99 -5.79 28.54
N TRP A 343 36.93 -6.27 29.19
CA TRP A 343 35.93 -5.39 29.81
C TRP A 343 36.15 -5.31 31.32
N CYS B 6 -0.39 -6.18 -42.06
CA CYS B 6 0.39 -7.19 -41.36
C CYS B 6 0.27 -7.09 -39.84
N THR B 7 -0.93 -6.84 -39.31
CA THR B 7 -1.09 -6.63 -37.88
C THR B 7 -1.79 -7.82 -37.23
N TRP B 8 -1.62 -7.92 -35.92
CA TRP B 8 -2.31 -8.89 -35.08
C TRP B 8 -3.38 -8.11 -34.34
N PRO B 9 -4.65 -8.18 -34.77
CA PRO B 9 -5.65 -7.23 -34.24
C PRO B 9 -5.85 -7.28 -32.72
N ALA B 10 -5.92 -8.47 -32.11
CA ALA B 10 -6.06 -8.54 -30.65
C ALA B 10 -4.87 -7.90 -29.95
N TRP B 11 -3.67 -7.99 -30.55
CA TRP B 11 -2.48 -7.37 -29.98
C TRP B 11 -2.51 -5.85 -30.14
N GLU B 12 -2.97 -5.36 -31.30
CA GLU B 12 -3.12 -3.92 -31.44
C GLU B 12 -4.08 -3.36 -30.38
N HIS B 13 -5.18 -4.09 -30.14
CA HIS B 13 -6.11 -3.58 -29.13
C HIS B 13 -5.53 -3.66 -27.73
N PHE B 14 -4.77 -4.73 -27.43
CA PHE B 14 -4.11 -4.81 -26.12
C PHE B 14 -3.15 -3.65 -25.93
N LYS B 15 -2.38 -3.29 -26.97
CA LYS B 15 -1.50 -2.13 -26.84
C LYS B 15 -2.29 -0.88 -26.51
N ARG B 16 -3.43 -0.68 -27.19
CA ARG B 16 -4.23 0.53 -26.94
C ARG B 16 -4.86 0.52 -25.55
N ALA B 17 -5.37 -0.63 -25.10
CA ALA B 17 -6.18 -0.69 -23.89
C ALA B 17 -5.41 -0.96 -22.60
N TYR B 18 -4.26 -1.64 -22.67
CA TYR B 18 -3.59 -2.10 -21.46
C TYR B 18 -2.18 -1.58 -21.29
N ILE B 19 -1.59 -0.92 -22.28
CA ILE B 19 -0.21 -0.46 -22.19
C ILE B 19 -0.20 1.06 -22.18
N SER B 20 0.45 1.64 -21.17
CA SER B 20 0.61 3.08 -21.07
C SER B 20 1.54 3.59 -22.15
N ASP B 21 1.50 4.90 -22.41
CA ASP B 21 2.44 5.49 -23.37
C ASP B 21 3.88 5.18 -23.00
N GLY B 22 4.19 5.12 -21.70
CA GLY B 22 5.52 4.84 -21.22
C GLY B 22 5.98 3.40 -21.30
N GLY B 23 5.07 2.46 -21.61
CA GLY B 23 5.45 1.07 -21.79
C GLY B 23 5.14 0.13 -20.64
N ARG B 24 4.18 0.47 -19.78
CA ARG B 24 3.82 -0.39 -18.65
C ARG B 24 2.44 -0.98 -18.86
N VAL B 25 2.32 -2.26 -18.57
CA VAL B 25 1.07 -2.99 -18.73
C VAL B 25 0.26 -2.78 -17.46
N ILE B 26 -0.94 -2.25 -17.59
CA ILE B 26 -1.72 -1.82 -16.44
C ILE B 26 -2.94 -2.71 -16.30
N ASP B 27 -3.06 -3.35 -15.15
CA ASP B 27 -4.23 -4.09 -14.76
C ASP B 27 -5.28 -3.09 -14.27
N PRO B 28 -6.33 -2.82 -15.05
CA PRO B 28 -7.32 -1.80 -14.65
C PRO B 28 -8.17 -2.21 -13.46
N SER B 29 -8.17 -3.49 -13.08
CA SER B 29 -9.04 -3.97 -12.02
CA SER B 29 -9.04 -3.97 -12.02
C SER B 29 -8.45 -3.79 -10.63
N ASP B 30 -7.18 -3.41 -10.52
CA ASP B 30 -6.55 -3.22 -9.22
C ASP B 30 -6.64 -1.73 -8.90
N ALA B 31 -7.16 -1.41 -7.71
CA ALA B 31 -7.29 0.00 -7.34
C ALA B 31 -5.94 0.71 -7.38
N ARG B 32 -4.85 -0.04 -7.21
CA ARG B 32 -3.49 0.50 -7.29
C ARG B 32 -2.97 0.61 -8.72
N LYS B 33 -3.76 0.22 -9.74
CA LYS B 33 -3.35 0.28 -11.15
C LYS B 33 -1.94 -0.31 -11.32
N ILE B 34 -1.78 -1.53 -10.87
CA ILE B 34 -0.47 -2.14 -10.75
C ILE B 34 0.06 -2.59 -12.10
N THR B 35 1.39 -2.66 -12.20
CA THR B 35 2.11 -3.36 -13.26
C THR B 35 2.89 -4.49 -12.61
N THR B 36 2.87 -5.68 -13.22
CA THR B 36 3.67 -6.79 -12.75
C THR B 36 4.80 -7.11 -13.73
N SER B 37 5.86 -7.74 -13.23
CA SER B 37 6.90 -8.17 -14.15
C SER B 37 6.36 -9.19 -15.14
N GLU B 38 5.32 -9.93 -14.73
CA GLU B 38 4.65 -10.88 -15.62
C GLU B 38 4.02 -10.17 -16.80
N GLY B 39 3.24 -9.11 -16.53
CA GLY B 39 2.63 -8.35 -17.62
C GLY B 39 3.66 -7.77 -18.56
N GLN B 40 4.76 -7.25 -18.01
CA GLN B 40 5.83 -6.74 -18.87
C GLN B 40 6.37 -7.88 -19.73
N SER B 41 6.63 -9.04 -19.12
CA SER B 41 7.25 -10.16 -19.83
C SER B 41 6.34 -10.67 -20.95
N TYR B 42 5.04 -10.76 -20.67
CA TYR B 42 4.11 -11.23 -21.70
C TYR B 42 4.01 -10.22 -22.84
N ALA B 43 4.05 -8.92 -22.50
CA ALA B 43 4.06 -7.88 -23.52
C ALA B 43 5.33 -7.93 -24.37
N LEU B 44 6.47 -8.23 -23.76
CA LEU B 44 7.69 -8.44 -24.57
C LEU B 44 7.50 -9.62 -25.51
N PHE B 45 6.93 -10.71 -25.01
CA PHE B 45 6.73 -11.88 -25.87
C PHE B 45 5.81 -11.55 -27.03
N PHE B 46 4.64 -10.97 -26.73
CA PHE B 46 3.67 -10.69 -27.79
C PHE B 46 4.20 -9.67 -28.77
N ALA B 47 4.93 -8.65 -28.28
CA ALA B 47 5.55 -7.68 -29.19
C ALA B 47 6.54 -8.35 -30.14
N LEU B 48 7.36 -9.27 -29.62
CA LEU B 48 8.29 -9.99 -30.49
C LEU B 48 7.53 -10.85 -31.50
N ALA B 49 6.53 -11.58 -31.03
CA ALA B 49 5.71 -12.38 -31.93
C ALA B 49 5.09 -11.52 -33.02
N ALA B 50 4.69 -10.30 -32.67
CA ALA B 50 3.99 -9.44 -33.62
C ALA B 50 4.93 -8.72 -34.56
N ASP B 51 6.24 -8.92 -34.44
CA ASP B 51 7.25 -8.16 -35.16
C ASP B 51 7.06 -6.65 -34.90
N ASP B 52 6.86 -6.31 -33.64
CA ASP B 52 6.56 -4.96 -33.19
C ASP B 52 7.73 -4.47 -32.33
N ARG B 53 8.84 -4.14 -32.99
CA ARG B 53 10.00 -3.68 -32.25
C ARG B 53 9.77 -2.37 -31.49
N PRO B 54 9.03 -1.38 -32.01
CA PRO B 54 8.78 -0.17 -31.17
C PRO B 54 8.16 -0.47 -29.83
N MET B 55 7.12 -1.31 -29.79
CA MET B 55 6.49 -1.61 -28.50
C MET B 55 7.39 -2.50 -27.66
N PHE B 56 8.10 -3.44 -28.29
CA PHE B 56 9.09 -4.22 -27.56
C PHE B 56 10.05 -3.30 -26.79
N ASP B 57 10.63 -2.31 -27.49
CA ASP B 57 11.58 -1.40 -26.86
C ASP B 57 10.91 -0.53 -25.80
N ASN B 58 9.72 -0.02 -26.08
CA ASN B 58 8.98 0.77 -25.09
C ASN B 58 8.79 0.00 -23.79
N VAL B 59 8.26 -1.22 -23.89
CA VAL B 59 8.01 -2.06 -22.72
C VAL B 59 9.32 -2.41 -22.04
N LEU B 60 10.34 -2.74 -22.83
CA LEU B 60 11.64 -3.09 -22.26
C LEU B 60 12.22 -1.94 -21.47
N GLU B 61 12.13 -0.71 -22.01
CA GLU B 61 12.69 0.47 -21.33
C GLU B 61 11.96 0.73 -20.01
N TRP B 62 10.62 0.70 -20.04
CA TRP B 62 9.89 0.88 -18.78
C TRP B 62 10.29 -0.17 -17.77
N THR B 63 10.40 -1.42 -18.22
CA THR B 63 10.76 -2.53 -17.34
C THR B 63 12.13 -2.32 -16.72
N LYS B 64 13.13 -1.97 -17.54
CA LYS B 64 14.48 -1.76 -17.05
C LYS B 64 14.51 -0.65 -16.01
N ASP B 65 13.92 0.50 -16.34
CA ASP B 65 14.05 1.67 -15.46
C ASP B 65 13.24 1.51 -14.18
N ASN B 66 12.08 0.89 -14.25
CA ASN B 66 11.17 0.91 -13.11
C ASN B 66 11.20 -0.36 -12.28
N LEU B 67 11.57 -1.51 -12.84
CA LEU B 67 11.58 -2.72 -12.04
C LEU B 67 12.98 -3.20 -11.70
N ALA B 68 14.01 -2.75 -12.41
CA ALA B 68 15.34 -3.33 -12.30
C ALA B 68 16.44 -2.29 -12.12
N GLN B 69 16.08 -1.10 -11.62
CA GLN B 69 17.03 -0.02 -11.35
C GLN B 69 17.88 0.28 -12.58
N GLY B 70 17.26 0.19 -13.75
CA GLY B 70 17.91 0.51 -15.00
C GLY B 70 18.63 -0.62 -15.70
N ASP B 71 18.82 -1.77 -15.05
CA ASP B 71 19.64 -2.84 -15.62
C ASP B 71 19.20 -4.20 -15.09
N PRO B 72 18.33 -4.90 -15.81
CA PRO B 72 17.94 -6.27 -15.37
C PRO B 72 19.12 -7.22 -15.29
N GLY B 73 20.23 -6.94 -15.97
CA GLY B 73 21.40 -7.80 -15.82
C GLY B 73 22.03 -7.74 -14.45
N GLU B 74 21.79 -6.66 -13.71
CA GLU B 74 22.29 -6.51 -12.34
C GLU B 74 21.22 -6.67 -11.28
N HIS B 75 19.95 -6.45 -11.60
CA HIS B 75 18.86 -6.59 -10.64
C HIS B 75 17.70 -7.31 -11.29
N LEU B 76 17.29 -8.43 -10.72
CA LEU B 76 16.08 -9.09 -11.17
C LEU B 76 14.90 -8.13 -11.06
N PRO B 77 14.00 -8.10 -12.03
CA PRO B 77 12.85 -7.19 -11.96
C PRO B 77 12.02 -7.43 -10.70
N ALA B 78 11.71 -6.33 -10.01
CA ALA B 78 10.69 -6.42 -8.97
C ALA B 78 9.38 -6.84 -9.60
N TRP B 79 8.64 -7.71 -8.90
CA TRP B 79 7.48 -8.29 -9.55
C TRP B 79 6.26 -7.39 -9.48
N LEU B 80 6.24 -6.41 -8.57
CA LEU B 80 5.02 -5.64 -8.32
C LEU B 80 5.34 -4.17 -8.11
N TRP B 81 4.68 -3.33 -8.93
CA TRP B 81 4.86 -1.88 -9.02
C TRP B 81 3.48 -1.23 -9.12
N GLY B 82 3.28 -0.14 -8.39
CA GLY B 82 2.01 0.54 -8.45
C GLY B 82 1.94 1.66 -7.43
N LYS B 83 0.71 2.01 -7.07
CA LYS B 83 0.40 3.14 -6.22
C LYS B 83 0.51 2.72 -4.76
N LYS B 84 1.45 3.33 -4.03
CA LYS B 84 1.53 3.08 -2.60
C LYS B 84 0.68 4.15 -1.93
N ASP B 85 1.32 5.21 -1.42
CA ASP B 85 0.64 6.46 -1.05
C ASP B 85 0.07 7.08 -2.32
N GLU B 86 -1.10 7.73 -2.21
CA GLU B 86 -1.55 8.60 -3.30
C GLU B 86 -0.39 9.38 -3.92
N ASN B 87 -0.36 9.44 -5.25
CA ASN B 87 0.69 10.09 -6.03
C ASN B 87 2.07 9.48 -5.81
N ASN B 88 2.17 8.31 -5.19
CA ASN B 88 3.47 7.68 -4.91
C ASN B 88 3.46 6.35 -5.65
N TRP B 89 3.93 6.38 -6.89
CA TRP B 89 4.03 5.20 -7.75
C TRP B 89 5.44 4.62 -7.67
N THR B 90 5.56 3.37 -7.22
CA THR B 90 6.86 2.84 -6.87
C THR B 90 6.79 1.32 -6.82
N VAL B 91 7.94 0.69 -6.54
CA VAL B 91 7.98 -0.75 -6.35
C VAL B 91 7.17 -1.08 -5.11
N LEU B 92 6.15 -1.92 -5.27
CA LEU B 92 5.38 -2.34 -4.11
C LEU B 92 5.96 -3.57 -3.47
N ASP B 93 6.70 -4.37 -4.23
CA ASP B 93 7.39 -5.52 -3.66
C ASP B 93 8.67 -5.76 -4.45
N SER B 94 9.81 -5.72 -3.77
CA SER B 94 11.09 -5.85 -4.45
C SER B 94 11.47 -7.29 -4.77
N ASN B 95 10.72 -8.27 -4.27
CA ASN B 95 10.95 -9.66 -4.64
C ASN B 95 10.74 -9.85 -6.15
N SER B 96 11.42 -10.84 -6.71
CA SER B 96 11.25 -11.21 -8.11
C SER B 96 10.18 -12.29 -8.24
N ALA B 97 9.74 -12.52 -9.49
CA ALA B 97 8.87 -13.64 -9.84
C ALA B 97 9.53 -14.33 -11.02
N SER B 98 9.95 -15.59 -10.82
CA SER B 98 10.87 -16.18 -11.78
C SER B 98 10.20 -16.54 -13.10
N ASP B 99 8.87 -16.69 -13.14
CA ASP B 99 8.20 -16.89 -14.43
C ASP B 99 8.39 -15.67 -15.33
N ALA B 100 8.24 -14.47 -14.77
CA ALA B 100 8.49 -13.25 -15.53
C ALA B 100 9.95 -13.13 -15.92
N ASP B 101 10.86 -13.39 -14.97
CA ASP B 101 12.28 -13.32 -15.27
C ASP B 101 12.64 -14.23 -16.45
N ILE B 102 12.11 -15.45 -16.44
CA ILE B 102 12.38 -16.41 -17.52
C ILE B 102 11.83 -15.90 -18.85
N TRP B 103 10.59 -15.41 -18.84
CA TRP B 103 10.00 -14.93 -20.10
C TRP B 103 10.75 -13.71 -20.63
N ILE B 104 11.21 -12.83 -19.74
CA ILE B 104 11.97 -11.68 -20.22
C ILE B 104 13.30 -12.11 -20.81
N ALA B 105 14.00 -13.00 -20.11
CA ALA B 105 15.29 -13.48 -20.62
C ALA B 105 15.12 -14.17 -21.96
N TRP B 106 14.15 -15.08 -22.06
CA TRP B 106 13.92 -15.80 -23.32
C TRP B 106 13.53 -14.84 -24.43
N SER B 107 12.61 -13.91 -24.14
CA SER B 107 12.20 -12.96 -25.18
C SER B 107 13.35 -12.07 -25.61
N LEU B 108 14.24 -11.69 -24.68
CA LEU B 108 15.41 -10.90 -25.05
C LEU B 108 16.36 -11.71 -25.93
N LEU B 109 16.64 -12.95 -25.53
CA LEU B 109 17.54 -13.78 -26.32
C LEU B 109 16.98 -13.98 -27.72
N GLU B 110 15.68 -14.23 -27.82
CA GLU B 110 15.09 -14.48 -29.14
C GLU B 110 14.95 -13.20 -29.95
N ALA B 111 14.71 -12.06 -29.29
CA ALA B 111 14.72 -10.78 -29.98
C ALA B 111 16.10 -10.48 -30.55
N GLY B 112 17.15 -10.78 -29.79
CA GLY B 112 18.50 -10.56 -30.28
C GLY B 112 18.81 -11.46 -31.47
N ARG B 113 18.37 -12.71 -31.40
CA ARG B 113 18.61 -13.60 -32.53
C ARG B 113 17.83 -13.14 -33.76
N LEU B 114 16.51 -12.94 -33.62
CA LEU B 114 15.68 -12.71 -34.81
C LEU B 114 15.81 -11.30 -35.37
N TRP B 115 16.00 -10.29 -34.52
CA TRP B 115 16.19 -8.93 -35.01
C TRP B 115 17.66 -8.58 -35.20
N LYS B 116 18.57 -9.52 -34.91
CA LYS B 116 20.01 -9.33 -35.09
C LYS B 116 20.49 -8.07 -34.39
N GLU B 117 20.26 -8.03 -33.08
CA GLU B 117 20.56 -6.91 -32.21
C GLU B 117 21.31 -7.47 -31.02
N ALA B 118 22.64 -7.32 -31.01
CA ALA B 118 23.44 -7.92 -29.96
C ALA B 118 23.14 -7.33 -28.58
N ARG B 119 22.53 -6.15 -28.50
CA ARG B 119 22.27 -5.57 -27.18
C ARG B 119 21.17 -6.34 -26.44
N TYR B 120 20.13 -6.76 -27.16
CA TYR B 120 19.13 -7.64 -26.56
C TYR B 120 19.78 -8.92 -26.06
N THR B 121 20.67 -9.51 -26.88
CA THR B 121 21.32 -10.75 -26.51
C THR B 121 22.19 -10.58 -25.27
N THR B 122 22.98 -9.52 -25.23
CA THR B 122 23.85 -9.27 -24.09
C THR B 122 23.03 -9.13 -22.82
N LEU B 123 21.95 -8.34 -22.88
CA LEU B 123 21.10 -8.17 -21.71
C LEU B 123 20.42 -9.48 -21.31
N GLY B 124 19.93 -10.25 -22.29
CA GLY B 124 19.26 -11.50 -21.97
C GLY B 124 20.19 -12.48 -21.30
N ASN B 125 21.44 -12.55 -21.77
CA ASN B 125 22.43 -13.42 -21.15
C ASN B 125 22.71 -13.00 -19.72
N ALA B 126 22.91 -11.69 -19.51
CA ALA B 126 23.16 -11.20 -18.14
C ALA B 126 21.99 -11.53 -17.22
N LEU B 127 20.76 -11.29 -17.69
CA LEU B 127 19.59 -11.60 -16.88
C LEU B 127 19.51 -13.09 -16.57
N LEU B 128 19.73 -13.95 -17.57
CA LEU B 128 19.66 -15.39 -17.35
C LEU B 128 20.68 -15.84 -16.32
N ASN B 129 21.91 -15.35 -16.44
CA ASN B 129 22.93 -15.68 -15.44
C ASN B 129 22.50 -15.22 -14.06
N ARG B 130 21.85 -14.05 -13.99
CA ARG B 130 21.35 -13.58 -12.69
C ARG B 130 20.23 -14.45 -12.17
N ILE B 131 19.37 -14.96 -13.06
CA ILE B 131 18.33 -15.88 -12.63
C ILE B 131 18.96 -17.12 -12.02
N ALA B 132 19.95 -17.70 -12.71
CA ALA B 132 20.63 -18.87 -12.19
C ALA B 132 21.25 -18.59 -10.82
N LYS B 133 21.87 -17.43 -10.67
CA LYS B 133 22.55 -17.14 -9.40
C LYS B 133 21.54 -16.91 -8.28
N GLU B 134 20.45 -16.19 -8.54
CA GLU B 134 19.59 -15.67 -7.49
C GLU B 134 18.35 -16.50 -7.20
N GLU B 135 17.86 -17.33 -8.15
CA GLU B 135 16.63 -18.08 -7.88
C GLU B 135 16.65 -19.50 -8.44
N VAL B 136 17.84 -20.08 -8.62
CA VAL B 136 18.00 -21.51 -8.88
C VAL B 136 18.79 -22.09 -7.70
N VAL B 137 18.27 -23.16 -7.09
CA VAL B 137 18.98 -23.77 -5.97
C VAL B 137 18.99 -25.28 -6.11
N THR B 138 20.00 -25.92 -5.51
CA THR B 138 20.11 -27.37 -5.52
C THR B 138 19.30 -27.96 -4.38
N VAL B 139 18.29 -28.76 -4.72
CA VAL B 139 17.40 -29.39 -3.74
C VAL B 139 17.86 -30.83 -3.55
N PRO B 140 18.16 -31.26 -2.32
CA PRO B 140 18.56 -32.65 -2.10
C PRO B 140 17.47 -33.62 -2.49
N GLY B 141 17.80 -34.54 -3.38
CA GLY B 141 16.83 -35.47 -3.91
C GLY B 141 16.31 -35.09 -5.28
N LEU B 142 16.45 -33.83 -5.67
CA LEU B 142 15.96 -33.38 -6.96
C LEU B 142 17.05 -32.87 -7.89
N GLY B 143 18.05 -32.17 -7.37
CA GLY B 143 18.97 -31.44 -8.19
C GLY B 143 18.56 -29.98 -8.27
N PRO B 144 19.06 -29.25 -9.25
CA PRO B 144 18.71 -27.83 -9.37
C PRO B 144 17.22 -27.66 -9.67
N MET B 145 16.63 -26.65 -9.03
CA MET B 145 15.23 -26.27 -9.22
C MET B 145 15.12 -24.75 -9.35
N LEU B 146 14.11 -24.34 -10.09
CA LEU B 146 13.78 -22.92 -10.24
C LEU B 146 12.81 -22.51 -9.14
N LEU B 147 13.24 -21.60 -8.26
CA LEU B 147 12.37 -21.03 -7.25
C LEU B 147 11.42 -20.00 -7.86
N PRO B 148 10.20 -19.90 -7.33
CA PRO B 148 9.27 -18.86 -7.81
C PRO B 148 9.75 -17.44 -7.59
N GLY B 149 10.75 -17.22 -6.75
CA GLY B 149 11.28 -15.88 -6.54
C GLY B 149 12.58 -15.96 -5.78
N LYS B 150 13.30 -14.82 -5.78
CA LYS B 150 14.64 -14.80 -5.19
C LYS B 150 14.62 -14.85 -3.67
N VAL B 151 13.51 -14.51 -3.03
CA VAL B 151 13.38 -14.70 -1.59
C VAL B 151 12.01 -15.28 -1.31
N GLY B 152 11.96 -16.11 -0.27
CA GLY B 152 10.69 -16.51 0.33
C GLY B 152 10.15 -17.87 -0.06
N PHE B 153 10.84 -18.62 -0.91
CA PHE B 153 10.30 -19.91 -1.34
C PHE B 153 11.21 -21.07 -0.99
N ALA B 154 12.32 -20.83 -0.28
CA ALA B 154 13.25 -21.88 0.08
C ALA B 154 13.57 -21.82 1.57
N GLU B 155 13.50 -22.95 2.23
CA GLU B 155 13.98 -23.10 3.59
C GLU B 155 14.99 -24.24 3.61
N GLU B 156 15.45 -24.59 4.81
CA GLU B 156 16.50 -25.60 4.90
C GLU B 156 15.97 -26.98 4.52
N THR B 157 14.70 -27.26 4.84
CA THR B 157 14.15 -28.59 4.71
C THR B 157 12.94 -28.68 3.78
N VAL B 158 12.45 -27.56 3.26
CA VAL B 158 11.24 -27.54 2.43
C VAL B 158 11.39 -26.45 1.38
N TRP B 159 10.87 -26.72 0.18
CA TRP B 159 10.89 -25.78 -0.93
C TRP B 159 9.48 -25.70 -1.53
N ARG B 160 9.20 -24.57 -2.14
CA ARG B 160 7.91 -24.27 -2.73
C ARG B 160 8.14 -23.95 -4.20
N LEU B 161 7.43 -24.64 -5.10
CA LEU B 161 7.67 -24.53 -6.53
C LEU B 161 6.33 -24.24 -7.22
N ASN B 162 6.39 -23.63 -8.40
CA ASN B 162 5.20 -23.28 -9.17
C ASN B 162 5.32 -23.93 -10.55
N PRO B 163 4.64 -25.04 -10.79
CA PRO B 163 4.83 -25.76 -12.06
C PRO B 163 4.60 -24.91 -13.32
N SER B 164 3.85 -23.81 -13.25
CA SER B 164 3.60 -23.00 -14.43
C SER B 164 4.75 -22.09 -14.82
N TYR B 165 5.83 -22.04 -14.03
CA TYR B 165 6.80 -20.96 -14.18
C TYR B 165 7.87 -21.21 -15.24
N LEU B 166 8.15 -22.46 -15.60
CA LEU B 166 9.14 -22.79 -16.62
C LEU B 166 8.48 -23.60 -17.72
N PRO B 167 8.02 -22.96 -18.78
CA PRO B 167 7.43 -23.69 -19.92
C PRO B 167 8.43 -24.68 -20.48
N PRO B 168 8.00 -25.92 -20.78
CA PRO B 168 8.96 -26.92 -21.31
C PRO B 168 9.70 -26.45 -22.54
N GLN B 169 9.05 -25.71 -23.46
CA GLN B 169 9.76 -25.30 -24.65
C GLN B 169 10.84 -24.29 -24.31
N ILE B 170 10.59 -23.42 -23.31
CA ILE B 170 11.63 -22.48 -22.91
C ILE B 170 12.78 -23.22 -22.21
N ALA B 171 12.48 -24.18 -21.34
CA ALA B 171 13.55 -24.96 -20.71
C ALA B 171 14.43 -25.66 -21.75
N ARG B 172 13.80 -26.24 -22.77
CA ARG B 172 14.54 -26.86 -23.85
C ARG B 172 15.44 -25.85 -24.54
N TYR B 173 14.90 -24.68 -24.88
CA TYR B 173 15.75 -23.64 -25.47
C TYR B 173 16.94 -23.29 -24.57
N LEU B 174 16.69 -23.12 -23.28
CA LEU B 174 17.76 -22.61 -22.42
C LEU B 174 18.88 -23.62 -22.22
N THR B 175 18.63 -24.91 -22.48
CA THR B 175 19.72 -25.88 -22.38
C THR B 175 20.95 -25.49 -23.21
N ARG B 176 20.80 -24.62 -24.22
CA ARG B 176 21.97 -24.25 -25.01
C ARG B 176 23.04 -23.54 -24.18
N PHE B 177 22.68 -22.99 -23.02
CA PHE B 177 23.65 -22.30 -22.19
C PHE B 177 24.31 -23.19 -21.14
N GLY B 178 24.09 -24.50 -21.20
CA GLY B 178 24.75 -25.42 -20.29
C GLY B 178 24.10 -25.44 -18.91
N GLU B 179 24.85 -25.98 -17.94
CA GLU B 179 24.31 -26.06 -16.59
C GLU B 179 24.12 -24.64 -16.02
N PRO B 180 23.12 -24.46 -15.13
CA PRO B 180 22.23 -25.50 -14.61
C PRO B 180 21.03 -25.84 -15.53
N TRP B 181 20.93 -25.14 -16.66
CA TRP B 181 19.74 -25.25 -17.51
C TRP B 181 19.58 -26.64 -18.11
N THR B 182 20.69 -27.29 -18.40
CA THR B 182 20.65 -28.66 -18.91
C THR B 182 19.88 -29.56 -17.96
N THR B 183 20.26 -29.56 -16.68
CA THR B 183 19.57 -30.38 -15.69
C THR B 183 18.25 -29.78 -15.25
N LEU B 184 18.10 -28.45 -15.28
CA LEU B 184 16.80 -27.84 -14.98
C LEU B 184 15.72 -28.33 -15.94
N GLN B 185 16.05 -28.54 -17.20
CA GLN B 185 15.05 -29.10 -18.10
C GLN B 185 14.55 -30.45 -17.60
N GLU B 186 15.46 -31.27 -17.07
CA GLU B 186 15.08 -32.59 -16.56
C GLU B 186 14.27 -32.49 -15.27
N THR B 187 14.71 -31.65 -14.34
CA THR B 187 13.97 -31.55 -13.08
C THR B 187 12.63 -30.88 -13.28
N ASN B 188 12.53 -29.94 -14.22
CA ASN B 188 11.26 -29.33 -14.56
C ASN B 188 10.30 -30.36 -15.12
N HIS B 189 10.80 -31.22 -16.02
CA HIS B 189 9.97 -32.30 -16.54
C HIS B 189 9.49 -33.21 -15.41
N ARG B 190 10.39 -33.54 -14.49
CA ARG B 190 10.01 -34.36 -13.35
C ARG B 190 8.96 -33.67 -12.48
N LEU B 191 9.13 -32.37 -12.25
CA LEU B 191 8.16 -31.59 -11.50
C LEU B 191 6.78 -31.67 -12.13
N LEU B 192 6.71 -31.44 -13.44
CA LEU B 192 5.42 -31.43 -14.11
C LEU B 192 4.76 -32.80 -14.05
N LEU B 193 5.53 -33.89 -14.28
CA LEU B 193 4.90 -35.21 -14.31
C LEU B 193 4.52 -35.68 -12.91
N GLU B 194 5.40 -35.53 -11.94
CA GLU B 194 5.18 -36.20 -10.66
C GLU B 194 4.20 -35.47 -9.74
N THR B 195 3.95 -34.18 -9.95
CA THR B 195 3.02 -33.47 -9.07
C THR B 195 1.64 -33.36 -9.69
N ALA B 196 1.36 -34.13 -10.76
CA ALA B 196 0.03 -34.22 -11.35
C ALA B 196 -0.48 -35.65 -11.31
N PRO B 197 -0.60 -36.23 -10.12
CA PRO B 197 -0.95 -37.67 -10.06
C PRO B 197 -2.34 -37.99 -10.60
N LYS B 198 -3.26 -37.04 -10.60
CA LYS B 198 -4.58 -37.31 -11.15
C LYS B 198 -4.75 -36.69 -12.52
N GLY B 199 -3.67 -36.19 -13.12
CA GLY B 199 -3.73 -35.51 -14.39
C GLY B 199 -3.92 -34.02 -14.29
N PHE B 200 -3.88 -33.45 -13.08
CA PHE B 200 -4.07 -32.02 -12.86
C PHE B 200 -2.85 -31.46 -12.13
N SER B 201 -2.26 -30.43 -12.72
CA SER B 201 -1.07 -29.77 -12.22
C SER B 201 -1.46 -28.71 -11.18
N PRO B 202 -0.70 -28.58 -10.09
CA PRO B 202 -1.03 -27.59 -9.06
C PRO B 202 -0.46 -26.21 -9.33
N ASP B 203 -1.18 -25.20 -8.81
CA ASP B 203 -0.64 -23.84 -8.76
C ASP B 203 0.70 -23.82 -8.05
N TRP B 204 0.75 -24.42 -6.87
CA TRP B 204 1.93 -24.40 -6.00
C TRP B 204 2.09 -25.80 -5.46
N VAL B 205 3.35 -26.23 -5.28
CA VAL B 205 3.56 -27.54 -4.70
C VAL B 205 4.86 -27.50 -3.90
N ARG B 206 4.83 -28.17 -2.76
CA ARG B 206 5.96 -28.21 -1.84
C ARG B 206 6.71 -29.53 -1.99
N TYR B 207 8.02 -29.46 -1.83
CA TYR B 207 8.90 -30.61 -1.72
C TYR B 207 9.58 -30.54 -0.37
N GLU B 208 9.50 -31.61 0.40
CA GLU B 208 10.11 -31.68 1.71
C GLU B 208 11.31 -32.60 1.61
N LYS B 209 12.47 -32.10 2.02
CA LYS B 209 13.68 -32.91 1.97
C LYS B 209 13.46 -34.25 2.63
N SER B 210 13.93 -35.31 1.97
CA SER B 210 13.88 -36.68 2.45
C SER B 210 12.45 -37.20 2.57
N LYS B 211 11.45 -36.40 2.21
CA LYS B 211 10.05 -36.77 2.31
C LYS B 211 9.32 -36.75 0.96
N GLY B 212 9.76 -35.94 0.02
CA GLY B 212 9.22 -35.89 -1.31
C GLY B 212 8.16 -34.82 -1.50
N TRP B 213 7.37 -35.03 -2.56
CA TRP B 213 6.31 -34.10 -2.93
C TRP B 213 5.21 -34.13 -1.88
N GLN B 214 4.65 -32.97 -1.57
CA GLN B 214 3.57 -32.87 -0.59
C GLN B 214 2.26 -32.82 -1.38
N LEU B 215 1.66 -34.00 -1.60
CA LEU B 215 0.52 -34.13 -2.49
C LEU B 215 -0.78 -34.36 -1.73
N ALA B 216 -0.81 -34.06 -0.43
CA ALA B 216 -2.04 -34.06 0.34
C ALA B 216 -2.87 -32.81 -0.01
N PRO B 217 -4.20 -32.90 0.08
CA PRO B 217 -5.06 -31.73 -0.20
C PRO B 217 -4.67 -30.49 0.59
N ASP B 218 -4.71 -29.34 -0.10
CA ASP B 218 -4.22 -28.05 0.38
C ASP B 218 -4.85 -26.97 -0.49
N LYS B 219 -5.15 -25.82 0.13
CA LYS B 219 -5.83 -24.77 -0.60
C LYS B 219 -5.00 -24.25 -1.78
N THR B 220 -3.68 -24.37 -1.73
CA THR B 220 -2.89 -24.03 -2.91
C THR B 220 -2.58 -25.26 -3.75
N LEU B 221 -2.99 -26.47 -3.32
CA LEU B 221 -2.75 -27.66 -4.16
C LEU B 221 -3.98 -27.91 -5.04
N ILE B 222 -4.16 -27.00 -5.99
CA ILE B 222 -5.30 -27.00 -6.89
C ILE B 222 -4.77 -26.56 -8.24
N SER B 223 -5.37 -27.07 -9.31
CA SER B 223 -5.17 -26.53 -10.65
C SER B 223 -6.09 -25.32 -10.81
N GLY B 224 -5.51 -24.13 -10.77
CA GLY B 224 -6.27 -22.89 -10.80
C GLY B 224 -5.69 -21.88 -11.76
N TYR B 225 -5.59 -20.63 -11.30
CA TYR B 225 -5.22 -19.50 -12.15
C TYR B 225 -3.74 -19.43 -12.51
N ASP B 226 -2.88 -20.16 -11.80
CA ASP B 226 -1.50 -20.32 -12.26
C ASP B 226 -1.35 -21.58 -13.12
N ALA B 227 -1.77 -22.72 -12.58
CA ALA B 227 -1.56 -24.01 -13.25
C ALA B 227 -2.29 -24.11 -14.58
N ILE B 228 -3.33 -23.30 -14.80
CA ILE B 228 -3.99 -23.30 -16.11
C ILE B 228 -2.97 -23.09 -17.23
N ARG B 229 -1.86 -22.38 -16.94
CA ARG B 229 -0.85 -22.11 -17.97
C ARG B 229 0.04 -23.31 -18.26
N VAL B 230 0.17 -24.26 -17.32
CA VAL B 230 0.87 -25.52 -17.63
C VAL B 230 0.28 -26.15 -18.88
N TYR B 231 -1.04 -26.41 -18.86
CA TYR B 231 -1.68 -27.01 -20.04
C TYR B 231 -1.41 -26.16 -21.27
N LEU B 232 -1.47 -24.83 -21.10
CA LEU B 232 -1.24 -23.95 -22.24
C LEU B 232 0.16 -24.16 -22.80
N TRP B 233 1.18 -24.13 -21.93
CA TRP B 233 2.54 -24.30 -22.45
C TRP B 233 2.66 -25.64 -23.15
N VAL B 234 2.12 -26.69 -22.53
CA VAL B 234 2.27 -28.03 -23.09
C VAL B 234 1.62 -28.08 -24.47
N GLY B 235 0.45 -27.43 -24.61
CA GLY B 235 -0.24 -27.49 -25.88
C GLY B 235 0.50 -26.77 -26.98
N MET B 236 1.27 -25.74 -26.62
CA MET B 236 1.99 -24.94 -27.58
C MET B 236 3.37 -25.51 -27.90
N MET B 237 3.76 -26.61 -27.28
CA MET B 237 5.00 -27.27 -27.67
C MET B 237 4.88 -27.76 -29.11
N ASN B 238 6.00 -27.77 -29.82
CA ASN B 238 6.05 -28.32 -31.16
C ASN B 238 5.81 -29.82 -31.10
N ASP B 239 5.03 -30.36 -32.03
CA ASP B 239 4.78 -31.80 -32.05
C ASP B 239 6.09 -32.59 -32.09
N HIS B 240 7.15 -32.02 -32.67
CA HIS B 240 8.39 -32.75 -32.86
C HIS B 240 9.32 -32.65 -31.65
N ASP B 241 8.85 -32.03 -30.57
CA ASP B 241 9.51 -32.17 -29.29
C ASP B 241 9.13 -33.53 -28.73
N ALA B 242 10.15 -34.39 -28.52
CA ALA B 242 9.97 -35.77 -28.12
C ALA B 242 9.23 -35.93 -26.79
N GLN B 243 9.21 -34.90 -25.94
CA GLN B 243 8.59 -34.99 -24.63
C GLN B 243 7.17 -34.43 -24.57
N LYS B 244 6.71 -33.78 -25.65
CA LYS B 244 5.35 -33.28 -25.68
C LYS B 244 4.33 -34.38 -25.39
N ALA B 245 4.47 -35.54 -26.05
CA ALA B 245 3.44 -36.59 -25.94
C ALA B 245 3.28 -37.08 -24.50
N SER B 246 4.38 -37.26 -23.77
CA SER B 246 4.26 -37.74 -22.39
C SER B 246 3.56 -36.70 -21.50
N LEU B 247 3.81 -35.41 -21.74
CA LEU B 247 3.15 -34.38 -20.95
C LEU B 247 1.66 -34.31 -21.28
N LEU B 248 1.31 -34.44 -22.56
CA LEU B 248 -0.10 -34.51 -22.94
C LEU B 248 -0.78 -35.71 -22.31
N GLU B 249 -0.09 -36.86 -22.29
CA GLU B 249 -0.69 -38.05 -21.74
C GLU B 249 -0.90 -37.91 -20.22
N ARG B 250 0.12 -37.43 -19.51
CA ARG B 250 -0.04 -37.22 -18.07
C ARG B 250 -1.20 -36.28 -17.77
N LEU B 251 -1.35 -35.19 -18.54
CA LEU B 251 -2.37 -34.18 -18.25
C LEU B 251 -3.70 -34.41 -18.97
N LYS B 252 -3.86 -35.52 -19.67
CA LYS B 252 -5.11 -35.82 -20.37
C LYS B 252 -6.38 -35.71 -19.52
N PRO B 253 -6.41 -36.07 -18.22
CA PRO B 253 -7.66 -35.89 -17.48
C PRO B 253 -8.22 -34.45 -17.53
N MET B 254 -7.37 -33.44 -17.61
CA MET B 254 -7.92 -32.09 -17.75
C MET B 254 -8.65 -31.92 -19.08
N ALA B 255 -8.12 -32.50 -20.16
CA ALA B 255 -8.80 -32.46 -21.46
C ALA B 255 -10.12 -33.24 -21.40
N ALA B 256 -10.11 -34.42 -20.79
CA ALA B 256 -11.33 -35.22 -20.73
C ALA B 256 -12.40 -34.53 -19.88
N LEU B 257 -11.99 -33.87 -18.79
CA LEU B 257 -12.95 -33.17 -17.93
C LEU B 257 -13.54 -31.96 -18.64
N THR B 258 -12.68 -31.16 -19.29
CA THR B 258 -13.19 -30.04 -20.08
C THR B 258 -14.16 -30.54 -21.14
N ALA B 259 -13.80 -31.61 -21.86
CA ALA B 259 -14.66 -32.11 -22.92
C ALA B 259 -16.01 -32.56 -22.36
N LYS B 260 -15.98 -33.31 -21.25
CA LYS B 260 -17.22 -33.81 -20.66
C LYS B 260 -18.11 -32.66 -20.22
N LYS B 261 -17.55 -31.70 -19.49
CA LYS B 261 -18.37 -30.59 -19.00
C LYS B 261 -18.73 -29.62 -20.10
N GLY B 262 -17.90 -29.52 -21.16
CA GLY B 262 -17.98 -28.39 -22.07
C GLY B 262 -17.48 -27.08 -21.49
N VAL B 263 -16.92 -27.12 -20.28
CA VAL B 263 -16.49 -25.93 -19.55
C VAL B 263 -15.15 -26.24 -18.89
N VAL B 264 -14.19 -25.34 -19.03
CA VAL B 264 -12.96 -25.54 -18.25
C VAL B 264 -13.24 -25.25 -16.78
N PRO B 265 -12.91 -26.17 -15.87
CA PRO B 265 -13.12 -25.92 -14.44
C PRO B 265 -12.28 -24.76 -13.93
N GLU B 266 -12.79 -24.06 -12.91
CA GLU B 266 -12.01 -22.97 -12.33
C GLU B 266 -10.89 -23.51 -11.46
N LYS B 267 -11.18 -24.50 -10.63
CA LYS B 267 -10.22 -25.07 -9.70
C LYS B 267 -10.45 -26.56 -9.71
N VAL B 268 -9.37 -27.34 -9.74
CA VAL B 268 -9.46 -28.78 -9.64
C VAL B 268 -8.50 -29.21 -8.54
N ASP B 269 -9.02 -29.98 -7.59
CA ASP B 269 -8.20 -30.46 -6.49
C ASP B 269 -7.19 -31.46 -7.02
N VAL B 270 -5.90 -31.15 -6.86
CA VAL B 270 -4.84 -31.95 -7.45
C VAL B 270 -4.81 -33.35 -6.84
N ALA B 271 -5.20 -33.48 -5.56
CA ALA B 271 -5.10 -34.76 -4.87
C ALA B 271 -6.28 -35.69 -5.16
N THR B 272 -7.47 -35.13 -5.41
CA THR B 272 -8.66 -35.93 -5.63
C THR B 272 -9.28 -35.79 -7.03
N ALA B 273 -8.82 -34.83 -7.83
CA ALA B 273 -9.33 -34.50 -9.15
C ALA B 273 -10.74 -33.92 -9.12
N GLN B 274 -11.24 -33.45 -7.95
CA GLN B 274 -12.62 -32.96 -8.08
C GLN B 274 -12.65 -31.48 -8.41
N PRO B 275 -13.45 -31.10 -9.41
CA PRO B 275 -13.49 -29.70 -9.86
C PRO B 275 -14.55 -28.88 -9.15
N ARG B 276 -14.35 -27.56 -9.15
CA ARG B 276 -15.35 -26.63 -8.66
C ARG B 276 -15.26 -25.30 -9.39
N GLY B 277 -16.40 -24.77 -9.80
CA GLY B 277 -16.46 -23.48 -10.44
C GLY B 277 -16.19 -23.57 -11.95
N ASP B 278 -16.53 -22.49 -12.63
CA ASP B 278 -16.29 -22.34 -14.06
C ASP B 278 -15.18 -21.32 -14.29
N GLY B 279 -14.16 -21.69 -15.06
CA GLY B 279 -13.10 -20.76 -15.31
C GLY B 279 -13.59 -19.64 -16.21
N PRO B 280 -12.93 -18.49 -16.16
CA PRO B 280 -13.26 -17.40 -17.08
C PRO B 280 -12.86 -17.72 -18.51
N VAL B 281 -13.19 -16.81 -19.44
CA VAL B 281 -12.93 -17.04 -20.87
C VAL B 281 -11.44 -17.28 -21.12
N GLY B 282 -10.57 -16.68 -20.29
CA GLY B 282 -9.14 -16.95 -20.42
C GLY B 282 -8.80 -18.42 -20.32
N PHE B 283 -9.53 -19.16 -19.47
CA PHE B 283 -9.26 -20.60 -19.32
C PHE B 283 -9.65 -21.35 -20.58
N ALA B 284 -10.74 -20.96 -21.22
CA ALA B 284 -11.12 -21.57 -22.49
C ALA B 284 -10.03 -21.33 -23.54
N ALA B 285 -9.52 -20.10 -23.61
CA ALA B 285 -8.47 -19.80 -24.59
C ALA B 285 -7.17 -20.54 -24.28
N ALA B 286 -6.82 -20.63 -23.00
CA ALA B 286 -5.58 -21.31 -22.62
C ALA B 286 -5.57 -22.79 -23.03
N LEU B 287 -6.74 -23.42 -23.11
CA LEU B 287 -6.74 -24.82 -23.48
C LEU B 287 -6.85 -25.05 -24.99
N LEU B 288 -7.00 -24.00 -25.80
CA LEU B 288 -7.08 -24.22 -27.25
C LEU B 288 -5.87 -24.97 -27.80
N PRO B 289 -4.63 -24.61 -27.46
CA PRO B 289 -3.49 -25.41 -27.98
C PRO B 289 -3.41 -26.78 -27.36
N PHE B 290 -3.94 -26.93 -26.14
CA PHE B 290 -3.82 -28.14 -25.34
C PHE B 290 -4.77 -29.23 -25.80
N LEU B 291 -6.03 -28.88 -26.10
CA LEU B 291 -7.02 -29.86 -26.50
C LEU B 291 -6.72 -30.41 -27.89
N GLN B 292 -6.50 -31.71 -27.97
CA GLN B 292 -6.17 -32.32 -29.24
C GLN B 292 -7.41 -32.74 -30.01
N ASP B 293 -8.52 -32.98 -29.31
CA ASP B 293 -9.75 -33.39 -29.94
C ASP B 293 -10.39 -32.21 -30.65
N ARG B 294 -10.74 -32.41 -31.92
CA ARG B 294 -11.29 -31.33 -32.74
C ARG B 294 -12.57 -30.75 -32.15
N ASP B 295 -13.48 -31.62 -31.71
CA ASP B 295 -14.76 -31.14 -31.18
C ASP B 295 -14.58 -30.38 -29.86
N ALA B 296 -13.82 -30.95 -28.92
CA ALA B 296 -13.66 -30.27 -27.62
C ALA B 296 -13.00 -28.91 -27.79
N GLN B 297 -11.99 -28.87 -28.67
CA GLN B 297 -11.33 -27.63 -29.05
C GLN B 297 -12.34 -26.63 -29.59
N ALA B 298 -13.22 -27.08 -30.51
CA ALA B 298 -14.19 -26.20 -31.15
C ALA B 298 -15.19 -25.62 -30.15
N VAL B 299 -15.58 -26.42 -29.16
CA VAL B 299 -16.47 -25.92 -28.11
C VAL B 299 -15.82 -24.74 -27.37
N GLN B 300 -14.55 -24.92 -26.96
CA GLN B 300 -13.88 -23.80 -26.27
C GLN B 300 -13.64 -22.61 -27.21
N ARG B 301 -13.39 -22.87 -28.49
CA ARG B 301 -13.20 -21.80 -29.47
C ARG B 301 -14.46 -20.94 -29.57
N GLN B 302 -15.63 -21.57 -29.53
CA GLN B 302 -16.88 -20.83 -29.54
C GLN B 302 -16.98 -19.93 -28.33
N LYS B 303 -16.60 -20.47 -27.16
CA LYS B 303 -16.64 -19.65 -25.94
C LYS B 303 -15.73 -18.41 -26.05
N VAL B 304 -14.52 -18.61 -26.56
CA VAL B 304 -13.61 -17.48 -26.71
C VAL B 304 -14.14 -16.47 -27.73
N ALA B 305 -14.76 -16.96 -28.80
CA ALA B 305 -15.28 -16.04 -29.82
C ALA B 305 -16.42 -15.19 -29.28
N ASP B 306 -17.36 -15.80 -28.56
CA ASP B 306 -18.56 -15.08 -28.10
C ASP B 306 -18.33 -14.31 -26.80
N HIS B 307 -17.26 -14.60 -26.07
CA HIS B 307 -17.03 -13.97 -24.77
C HIS B 307 -15.62 -13.39 -24.71
N PHE B 308 -15.15 -12.86 -25.83
CA PHE B 308 -13.80 -12.33 -25.92
C PHE B 308 -13.59 -11.28 -24.81
N PRO B 309 -12.45 -11.28 -24.13
CA PRO B 309 -12.28 -10.42 -22.96
C PRO B 309 -12.30 -8.94 -23.30
N GLY B 310 -12.88 -8.15 -22.40
CA GLY B 310 -12.95 -6.72 -22.55
C GLY B 310 -11.70 -6.03 -22.05
N ASP B 311 -11.84 -4.73 -21.76
CA ASP B 311 -10.73 -3.91 -21.33
C ASP B 311 -10.52 -3.93 -19.81
N ASP B 312 -11.28 -4.77 -19.11
CA ASP B 312 -11.26 -4.87 -17.65
C ASP B 312 -10.79 -6.23 -17.17
N ALA B 313 -10.02 -6.96 -18.00
CA ALA B 313 -9.74 -8.37 -17.77
C ALA B 313 -8.32 -8.67 -18.27
N TYR B 314 -7.32 -8.13 -17.57
CA TYR B 314 -5.93 -8.36 -17.96
C TYR B 314 -5.63 -9.85 -18.13
N PHE B 315 -6.02 -10.67 -17.15
CA PHE B 315 -5.57 -12.06 -17.15
C PHE B 315 -6.22 -12.85 -18.28
N SER B 316 -7.54 -12.76 -18.43
CA SER B 316 -8.17 -13.44 -19.57
C SER B 316 -7.64 -12.92 -20.89
N TYR B 317 -7.23 -11.65 -20.94
CA TYR B 317 -6.73 -11.11 -22.21
C TYR B 317 -5.37 -11.70 -22.57
N VAL B 318 -4.42 -11.75 -21.63
CA VAL B 318 -3.12 -12.32 -22.02
C VAL B 318 -3.26 -13.82 -22.28
N LEU B 319 -4.11 -14.53 -21.53
CA LEU B 319 -4.33 -15.93 -21.83
C LEU B 319 -4.90 -16.09 -23.24
N THR B 320 -5.76 -15.16 -23.66
CA THR B 320 -6.33 -15.25 -24.99
C THR B 320 -5.31 -14.90 -26.05
N LEU B 321 -4.45 -13.92 -25.79
CA LEU B 321 -3.36 -13.64 -26.71
C LEU B 321 -2.51 -14.90 -26.92
N PHE B 322 -2.16 -15.60 -25.83
CA PHE B 322 -1.41 -16.86 -25.99
C PHE B 322 -2.22 -17.91 -26.75
N GLY B 323 -3.41 -18.25 -26.25
CA GLY B 323 -4.13 -19.42 -26.71
C GLY B 323 -4.87 -19.21 -28.02
N GLN B 324 -5.63 -18.11 -28.13
CA GLN B 324 -6.22 -17.79 -29.41
C GLN B 324 -5.15 -17.40 -30.42
N GLY B 325 -4.11 -16.65 -30.02
CA GLY B 325 -3.02 -16.38 -30.95
C GLY B 325 -2.43 -17.65 -31.53
N TRP B 326 -2.12 -18.63 -30.67
CA TRP B 326 -1.58 -19.88 -31.15
C TRP B 326 -2.60 -20.59 -32.05
N ASP B 327 -3.87 -20.58 -31.64
CA ASP B 327 -4.97 -21.15 -32.41
C ASP B 327 -5.09 -20.51 -33.79
N GLU B 328 -4.63 -19.27 -33.94
CA GLU B 328 -4.65 -18.55 -35.21
C GLU B 328 -3.28 -18.50 -35.86
N HIS B 329 -2.34 -19.34 -35.43
CA HIS B 329 -1.00 -19.39 -36.02
C HIS B 329 -0.30 -18.03 -35.96
N ARG B 330 -0.52 -17.29 -34.87
CA ARG B 330 0.16 -16.00 -34.74
C ARG B 330 1.64 -16.17 -34.44
N PHE B 331 2.05 -17.34 -33.95
CA PHE B 331 3.43 -17.68 -33.63
C PHE B 331 3.46 -19.18 -33.40
N ARG B 332 4.66 -19.77 -33.48
CA ARG B 332 4.86 -21.18 -33.13
C ARG B 332 6.17 -21.31 -32.39
N PHE B 333 6.38 -22.45 -31.75
CA PHE B 333 7.68 -22.78 -31.20
C PHE B 333 8.31 -23.93 -31.99
N THR B 334 9.64 -23.85 -32.23
CA THR B 334 10.31 -24.99 -32.84
C THR B 334 10.51 -26.08 -31.77
N PRO B 335 10.81 -27.31 -32.17
CA PRO B 335 11.12 -28.32 -31.15
C PRO B 335 12.33 -27.98 -30.32
N ARG B 336 13.19 -27.10 -30.83
CA ARG B 336 14.40 -26.69 -30.11
C ARG B 336 14.09 -25.56 -29.13
N GLY B 337 12.84 -25.12 -29.06
CA GLY B 337 12.41 -24.10 -28.12
C GLY B 337 12.54 -22.68 -28.59
N GLU B 338 12.84 -22.47 -29.87
CA GLU B 338 12.89 -21.15 -30.47
C GLU B 338 11.50 -20.67 -30.84
N LEU B 339 11.36 -19.35 -30.91
CA LEU B 339 10.23 -18.75 -31.59
C LEU B 339 10.37 -19.03 -33.08
N GLN B 340 9.30 -19.54 -33.67
CA GLN B 340 9.13 -19.66 -35.11
C GLN B 340 8.08 -18.64 -35.49
N PRO B 341 8.49 -17.43 -35.90
CA PRO B 341 7.54 -16.33 -36.05
C PRO B 341 6.71 -16.45 -37.31
N ASP B 342 5.55 -15.81 -37.27
CA ASP B 342 4.63 -15.69 -38.38
C ASP B 342 4.64 -14.25 -38.87
N TRP B 343 5.75 -13.86 -39.47
CA TRP B 343 5.94 -12.48 -39.94
C TRP B 343 5.74 -12.34 -41.47
N CYS C 6 -43.87 -14.93 -19.90
CA CYS C 6 -44.03 -14.00 -18.78
C CYS C 6 -43.11 -12.78 -18.89
N THR C 7 -42.98 -12.23 -20.09
CA THR C 7 -42.04 -11.15 -20.32
C THR C 7 -42.76 -9.84 -20.60
N TRP C 8 -42.04 -8.76 -20.37
CA TRP C 8 -42.45 -7.42 -20.73
C TRP C 8 -41.62 -7.07 -21.95
N PRO C 9 -42.19 -7.12 -23.17
CA PRO C 9 -41.35 -7.01 -24.39
C PRO C 9 -40.53 -5.72 -24.48
N ALA C 10 -41.13 -4.57 -24.17
CA ALA C 10 -40.38 -3.33 -24.22
C ALA C 10 -39.19 -3.35 -23.25
N TRP C 11 -39.33 -4.02 -22.11
CA TRP C 11 -38.23 -4.14 -21.16
C TRP C 11 -37.16 -5.10 -21.67
N GLU C 12 -37.58 -6.23 -22.28
CA GLU C 12 -36.61 -7.14 -22.89
C GLU C 12 -35.76 -6.41 -23.93
N HIS C 13 -36.41 -5.56 -24.74
CA HIS C 13 -35.62 -4.86 -25.75
C HIS C 13 -34.72 -3.81 -25.11
N PHE C 14 -35.22 -3.14 -24.06
CA PHE C 14 -34.39 -2.18 -23.35
C PHE C 14 -33.13 -2.84 -22.80
N LYS C 15 -33.27 -4.03 -22.22
CA LYS C 15 -32.10 -4.76 -21.75
C LYS C 15 -31.11 -5.01 -22.87
N ARG C 16 -31.61 -5.44 -24.04
CA ARG C 16 -30.68 -5.79 -25.11
C ARG C 16 -29.97 -4.56 -25.65
N ALA C 17 -30.70 -3.46 -25.84
CA ALA C 17 -30.15 -2.30 -26.54
C ALA C 17 -29.45 -1.31 -25.63
N TYR C 18 -29.89 -1.17 -24.36
CA TYR C 18 -29.43 -0.08 -23.50
C TYR C 18 -28.64 -0.50 -22.26
N ILE C 19 -28.52 -1.79 -21.95
CA ILE C 19 -27.80 -2.23 -20.75
C ILE C 19 -26.63 -3.11 -21.18
N SER C 20 -25.43 -2.75 -20.72
CA SER C 20 -24.26 -3.55 -21.03
C SER C 20 -24.35 -4.90 -20.32
N ASP C 21 -23.54 -5.87 -20.79
CA ASP C 21 -23.44 -7.16 -20.11
C ASP C 21 -23.12 -6.99 -18.62
N GLY C 22 -22.30 -5.98 -18.30
CA GLY C 22 -21.87 -5.72 -16.92
C GLY C 22 -22.91 -5.06 -16.04
N GLY C 23 -23.99 -4.55 -16.62
CA GLY C 23 -25.10 -3.99 -15.87
C GLY C 23 -25.20 -2.46 -15.80
N ARG C 24 -24.59 -1.73 -16.74
CA ARG C 24 -24.67 -0.28 -16.76
C ARG C 24 -25.51 0.18 -17.96
N VAL C 25 -26.32 1.20 -17.72
CA VAL C 25 -27.22 1.73 -18.75
C VAL C 25 -26.46 2.73 -19.61
N ILE C 26 -26.44 2.48 -20.92
CA ILE C 26 -25.70 3.27 -21.90
C ILE C 26 -26.66 3.62 -23.04
N ASP C 27 -26.71 4.89 -23.40
CA ASP C 27 -27.39 5.29 -24.65
C ASP C 27 -26.50 4.99 -25.86
N PRO C 28 -26.87 4.05 -26.73
CA PRO C 28 -25.95 3.67 -27.82
C PRO C 28 -25.63 4.81 -28.77
N SER C 29 -26.47 5.85 -28.84
CA SER C 29 -26.20 7.03 -29.64
C SER C 29 -25.27 8.04 -28.97
N ASP C 30 -24.98 7.88 -27.68
CA ASP C 30 -24.08 8.77 -26.96
C ASP C 30 -22.62 8.39 -27.26
N ALA C 31 -21.90 9.26 -27.96
CA ALA C 31 -20.50 8.96 -28.27
C ALA C 31 -19.67 8.83 -27.01
N ARG C 32 -20.04 9.51 -25.92
CA ARG C 32 -19.27 9.38 -24.70
C ARG C 32 -19.62 8.15 -23.87
N LYS C 33 -20.63 7.39 -24.24
CA LYS C 33 -21.01 6.16 -23.52
C LYS C 33 -21.10 6.37 -22.00
N ILE C 34 -21.83 7.41 -21.60
CA ILE C 34 -21.95 7.77 -20.19
C ILE C 34 -22.98 6.88 -19.50
N THR C 35 -22.81 6.65 -18.19
CA THR C 35 -23.88 6.12 -17.35
C THR C 35 -24.21 7.15 -16.26
N THR C 36 -25.51 7.38 -15.98
CA THR C 36 -25.93 8.20 -14.85
C THR C 36 -26.52 7.33 -13.73
N SER C 37 -26.50 7.83 -12.49
CA SER C 37 -27.19 7.09 -11.44
C SER C 37 -28.68 7.00 -11.73
N GLU C 38 -29.23 7.99 -12.43
CA GLU C 38 -30.64 7.93 -12.81
C GLU C 38 -30.91 6.71 -13.70
N GLY C 39 -30.09 6.50 -14.73
CA GLY C 39 -30.30 5.33 -15.59
C GLY C 39 -30.25 4.02 -14.81
N GLN C 40 -29.29 3.91 -13.88
CA GLN C 40 -29.19 2.72 -13.04
C GLN C 40 -30.46 2.55 -12.22
N SER C 41 -30.94 3.64 -11.59
CA SER C 41 -32.10 3.57 -10.71
C SER C 41 -33.36 3.17 -11.48
N TYR C 42 -33.53 3.70 -12.68
CA TYR C 42 -34.70 3.33 -13.50
C TYR C 42 -34.60 1.87 -13.95
N ALA C 43 -33.39 1.40 -14.29
CA ALA C 43 -33.25 -0.02 -14.65
C ALA C 43 -33.55 -0.92 -13.46
N LEU C 44 -33.14 -0.52 -12.25
CA LEU C 44 -33.54 -1.29 -11.06
C LEU C 44 -35.05 -1.32 -10.91
N PHE C 45 -35.69 -0.16 -11.04
CA PHE C 45 -37.14 -0.13 -10.93
C PHE C 45 -37.81 -1.04 -11.96
N PHE C 46 -37.44 -0.91 -13.23
CA PHE C 46 -38.10 -1.72 -14.27
C PHE C 46 -37.82 -3.21 -14.09
N ALA C 47 -36.60 -3.56 -13.68
CA ALA C 47 -36.30 -4.97 -13.43
C ALA C 47 -37.17 -5.52 -12.30
N LEU C 48 -37.37 -4.73 -11.23
CA LEU C 48 -38.26 -5.16 -10.16
C LEU C 48 -39.70 -5.29 -10.65
N ALA C 49 -40.19 -4.29 -11.37
CA ALA C 49 -41.54 -4.37 -11.94
C ALA C 49 -41.71 -5.63 -12.79
N ALA C 50 -40.69 -5.99 -13.55
CA ALA C 50 -40.72 -7.12 -14.47
C ALA C 50 -40.46 -8.45 -13.81
N ASP C 51 -40.25 -8.47 -12.48
CA ASP C 51 -39.86 -9.70 -11.77
C ASP C 51 -38.59 -10.31 -12.38
N ASP C 52 -37.62 -9.44 -12.63
CA ASP C 52 -36.39 -9.82 -13.32
C ASP C 52 -35.22 -9.68 -12.35
N ARG C 53 -35.16 -10.61 -11.41
CA ARG C 53 -34.11 -10.54 -10.40
C ARG C 53 -32.69 -10.67 -10.96
N PRO C 54 -32.41 -11.54 -11.95
CA PRO C 54 -31.05 -11.56 -12.49
C PRO C 54 -30.57 -10.21 -13.00
N MET C 55 -31.42 -9.49 -13.75
CA MET C 55 -31.02 -8.17 -14.23
C MET C 55 -30.99 -7.15 -13.10
N PHE C 56 -31.92 -7.26 -12.14
CA PHE C 56 -31.86 -6.41 -10.94
C PHE C 56 -30.50 -6.52 -10.26
N ASP C 57 -30.04 -7.75 -10.02
CA ASP C 57 -28.75 -7.94 -9.36
C ASP C 57 -27.58 -7.48 -10.23
N ASN C 58 -27.62 -7.77 -11.53
CA ASN C 58 -26.55 -7.29 -12.41
C ASN C 58 -26.41 -5.77 -12.30
N VAL C 59 -27.53 -5.06 -12.47
CA VAL C 59 -27.52 -3.59 -12.43
C VAL C 59 -27.11 -3.10 -11.05
N LEU C 60 -27.63 -3.73 -9.99
CA LEU C 60 -27.34 -3.31 -8.63
C LEU C 60 -25.86 -3.44 -8.31
N GLU C 61 -25.25 -4.57 -8.69
CA GLU C 61 -23.84 -4.76 -8.40
C GLU C 61 -22.99 -3.75 -9.17
N TRP C 62 -23.33 -3.50 -10.45
CA TRP C 62 -22.58 -2.44 -11.16
C TRP C 62 -22.71 -1.12 -10.43
N THR C 63 -23.93 -0.78 -9.99
CA THR C 63 -24.15 0.49 -9.30
C THR C 63 -23.33 0.57 -8.02
N LYS C 64 -23.37 -0.48 -7.20
CA LYS C 64 -22.64 -0.46 -5.93
C LYS C 64 -21.15 -0.28 -6.19
N ASP C 65 -20.60 -1.08 -7.09
CA ASP C 65 -19.14 -1.10 -7.25
C ASP C 65 -18.61 0.12 -7.97
N ASN C 66 -19.35 0.66 -8.93
CA ASN C 66 -18.79 1.72 -9.75
C ASN C 66 -19.26 3.12 -9.40
N LEU C 67 -20.43 3.26 -8.77
CA LEU C 67 -20.89 4.57 -8.36
C LEU C 67 -20.76 4.81 -6.87
N ALA C 68 -20.67 3.75 -6.05
CA ALA C 68 -20.74 3.91 -4.60
C ALA C 68 -19.61 3.21 -3.86
N GLN C 69 -18.47 2.99 -4.51
CA GLN C 69 -17.29 2.41 -3.85
C GLN C 69 -17.64 1.09 -3.16
N GLY C 70 -18.57 0.35 -3.76
CA GLY C 70 -18.97 -0.93 -3.22
C GLY C 70 -20.11 -0.88 -2.21
N ASP C 71 -20.53 0.32 -1.75
CA ASP C 71 -21.54 0.36 -0.70
C ASP C 71 -22.31 1.68 -0.67
N PRO C 72 -23.49 1.72 -1.31
CA PRO C 72 -24.34 2.92 -1.24
C PRO C 72 -24.78 3.30 0.17
N GLY C 73 -24.72 2.38 1.13
CA GLY C 73 -25.05 2.75 2.50
C GLY C 73 -24.01 3.64 3.14
N GLU C 74 -22.77 3.60 2.64
CA GLU C 74 -21.71 4.46 3.12
C GLU C 74 -21.37 5.59 2.15
N HIS C 75 -21.73 5.47 0.88
CA HIS C 75 -21.43 6.50 -0.12
C HIS C 75 -22.64 6.66 -1.03
N LEU C 76 -23.20 7.86 -1.10
CA LEU C 76 -24.23 8.10 -2.11
C LEU C 76 -23.67 7.81 -3.50
N PRO C 77 -24.44 7.20 -4.38
CA PRO C 77 -23.94 6.95 -5.74
C PRO C 77 -23.52 8.24 -6.42
N ALA C 78 -22.32 8.22 -6.99
CA ALA C 78 -21.92 9.29 -7.90
C ALA C 78 -22.88 9.34 -9.07
N TRP C 79 -23.23 10.54 -9.51
CA TRP C 79 -24.28 10.61 -10.51
C TRP C 79 -23.79 10.38 -11.92
N LEU C 80 -22.49 10.53 -12.18
CA LEU C 80 -21.98 10.58 -13.54
C LEU C 80 -20.69 9.77 -13.67
N TRP C 81 -20.69 8.83 -14.63
CA TRP C 81 -19.62 7.86 -14.80
C TRP C 81 -19.28 7.74 -16.27
N GLY C 82 -18.00 7.68 -16.59
CA GLY C 82 -17.60 7.60 -17.99
C GLY C 82 -16.10 7.66 -18.14
N LYS C 83 -15.65 8.14 -19.30
CA LYS C 83 -14.22 8.13 -19.62
C LYS C 83 -13.58 9.39 -19.05
N LYS C 84 -12.70 9.21 -18.06
CA LYS C 84 -12.06 10.37 -17.43
C LYS C 84 -10.75 10.73 -18.09
N ASP C 85 -9.88 9.73 -18.30
CA ASP C 85 -8.66 9.85 -19.07
C ASP C 85 -8.66 8.71 -20.07
N GLU C 86 -7.64 8.68 -20.92
CA GLU C 86 -7.53 7.53 -21.82
C GLU C 86 -7.34 6.27 -20.99
N ASN C 87 -8.07 5.22 -21.35
CA ASN C 87 -8.12 3.94 -20.65
C ASN C 87 -8.61 4.06 -19.22
N ASN C 88 -9.22 5.18 -18.83
CA ASN C 88 -9.64 5.34 -17.44
C ASN C 88 -11.13 5.68 -17.40
N TRP C 89 -11.95 4.64 -17.33
CA TRP C 89 -13.39 4.74 -17.18
C TRP C 89 -13.71 4.64 -15.70
N THR C 90 -14.32 5.69 -15.16
CA THR C 90 -14.48 5.81 -13.71
C THR C 90 -15.50 6.93 -13.44
N VAL C 91 -15.71 7.23 -12.16
CA VAL C 91 -16.61 8.33 -11.77
C VAL C 91 -16.11 9.64 -12.36
N LEU C 92 -16.98 10.34 -13.08
CA LEU C 92 -16.63 11.66 -13.61
C LEU C 92 -17.05 12.77 -12.66
N ASP C 93 -18.08 12.54 -11.86
CA ASP C 93 -18.50 13.54 -10.88
C ASP C 93 -19.06 12.78 -9.70
N SER C 94 -18.44 12.94 -8.54
CA SER C 94 -18.88 12.22 -7.35
C SER C 94 -20.06 12.90 -6.66
N ASN C 95 -20.51 14.07 -7.12
CA ASN C 95 -21.77 14.61 -6.61
C ASN C 95 -22.90 13.62 -6.85
N SER C 96 -23.90 13.65 -5.99
CA SER C 96 -25.04 12.76 -6.14
C SER C 96 -26.16 13.45 -6.90
N ALA C 97 -27.15 12.66 -7.32
CA ALA C 97 -28.42 13.16 -7.84
C ALA C 97 -29.50 12.47 -7.04
N SER C 98 -30.25 13.25 -6.25
CA SER C 98 -31.11 12.61 -5.25
C SER C 98 -32.32 11.91 -5.84
N ASP C 99 -32.75 12.27 -7.05
CA ASP C 99 -33.83 11.51 -7.68
C ASP C 99 -33.41 10.06 -7.86
N ALA C 100 -32.19 9.85 -8.36
CA ALA C 100 -31.68 8.50 -8.50
C ALA C 100 -31.51 7.85 -7.14
N ASP C 101 -30.95 8.59 -6.16
CA ASP C 101 -30.75 8.01 -4.83
C ASP C 101 -32.06 7.49 -4.26
N ILE C 102 -33.13 8.28 -4.39
CA ILE C 102 -34.45 7.90 -3.90
C ILE C 102 -34.99 6.69 -4.66
N TRP C 103 -34.87 6.68 -5.99
CA TRP C 103 -35.42 5.52 -6.74
C TRP C 103 -34.67 4.24 -6.39
N ILE C 104 -33.36 4.34 -6.15
CA ILE C 104 -32.58 3.17 -5.75
C ILE C 104 -32.99 2.71 -4.36
N ALA C 105 -33.12 3.62 -3.39
CA ALA C 105 -33.51 3.20 -2.06
C ALA C 105 -34.89 2.54 -2.08
N TRP C 106 -35.87 3.16 -2.72
CA TRP C 106 -37.21 2.58 -2.80
C TRP C 106 -37.20 1.23 -3.49
N SER C 107 -36.47 1.09 -4.61
CA SER C 107 -36.42 -0.20 -5.30
C SER C 107 -35.73 -1.27 -4.46
N LEU C 108 -34.70 -0.89 -3.71
CA LEU C 108 -34.05 -1.85 -2.82
C LEU C 108 -35.01 -2.32 -1.73
N LEU C 109 -35.73 -1.38 -1.13
CA LEU C 109 -36.66 -1.73 -0.05
C LEU C 109 -37.79 -2.62 -0.56
N GLU C 110 -38.30 -2.31 -1.76
CA GLU C 110 -39.40 -3.10 -2.29
C GLU C 110 -38.92 -4.44 -2.84
N ALA C 111 -37.71 -4.51 -3.40
CA ALA C 111 -37.16 -5.80 -3.78
C ALA C 111 -36.92 -6.67 -2.55
N GLY C 112 -36.46 -6.05 -1.45
CA GLY C 112 -36.27 -6.81 -0.23
C GLY C 112 -37.57 -7.37 0.30
N ARG C 113 -38.64 -6.57 0.28
CA ARG C 113 -39.96 -7.04 0.72
C ARG C 113 -40.55 -8.09 -0.22
N LEU C 114 -40.57 -7.81 -1.52
CA LEU C 114 -41.28 -8.68 -2.45
C LEU C 114 -40.50 -9.94 -2.77
N TRP C 115 -39.18 -9.88 -2.85
CA TRP C 115 -38.40 -11.09 -3.06
C TRP C 115 -37.94 -11.70 -1.74
N LYS C 116 -38.38 -11.15 -0.62
CA LYS C 116 -38.10 -11.66 0.73
C LYS C 116 -36.60 -11.87 0.93
N GLU C 117 -35.83 -10.80 0.71
CA GLU C 117 -34.37 -10.85 0.76
C GLU C 117 -33.91 -9.69 1.62
N ALA C 118 -33.54 -9.99 2.87
CA ALA C 118 -33.19 -8.95 3.82
C ALA C 118 -31.96 -8.17 3.43
N ARG C 119 -31.12 -8.69 2.53
CA ARG C 119 -29.92 -7.97 2.15
C ARG C 119 -30.28 -6.72 1.34
N TYR C 120 -31.26 -6.84 0.46
CA TYR C 120 -31.79 -5.66 -0.23
C TYR C 120 -32.33 -4.66 0.77
N THR C 121 -33.09 -5.15 1.77
CA THR C 121 -33.68 -4.28 2.78
C THR C 121 -32.62 -3.54 3.58
N THR C 122 -31.58 -4.27 4.01
CA THR C 122 -30.49 -3.68 4.79
C THR C 122 -29.80 -2.59 3.99
N LEU C 123 -29.48 -2.87 2.72
CA LEU C 123 -28.84 -1.87 1.89
C LEU C 123 -29.77 -0.67 1.67
N GLY C 124 -31.05 -0.92 1.44
CA GLY C 124 -31.99 0.16 1.21
C GLY C 124 -32.12 1.09 2.41
N ASN C 125 -32.16 0.51 3.61
CA ASN C 125 -32.21 1.32 4.84
C ASN C 125 -30.96 2.16 5.00
N ALA C 126 -29.78 1.53 4.80
CA ALA C 126 -28.54 2.27 4.93
C ALA C 126 -28.49 3.42 3.93
N LEU C 127 -28.90 3.17 2.69
CA LEU C 127 -28.92 4.23 1.68
C LEU C 127 -29.88 5.34 2.06
N LEU C 128 -31.09 4.99 2.52
CA LEU C 128 -32.04 6.02 2.92
C LEU C 128 -31.48 6.90 4.04
N ASN C 129 -30.83 6.28 5.03
CA ASN C 129 -30.21 7.06 6.11
C ASN C 129 -29.13 7.98 5.55
N ARG C 130 -28.36 7.49 4.56
CA ARG C 130 -27.31 8.31 3.96
C ARG C 130 -27.88 9.48 3.16
N ILE C 131 -29.01 9.25 2.48
CA ILE C 131 -29.72 10.33 1.78
C ILE C 131 -30.15 11.40 2.79
N ALA C 132 -30.80 10.98 3.87
CA ALA C 132 -31.21 11.93 4.91
C ALA C 132 -30.02 12.72 5.45
N LYS C 133 -28.89 12.04 5.64
CA LYS C 133 -27.71 12.67 6.21
C LYS C 133 -27.12 13.70 5.26
N GLU C 134 -27.02 13.40 3.96
CA GLU C 134 -26.23 14.21 3.03
C GLU C 134 -27.05 15.16 2.18
N GLU C 135 -28.32 14.92 1.91
CA GLU C 135 -29.00 15.78 0.96
C GLU C 135 -30.41 16.12 1.41
N VAL C 136 -30.68 16.03 2.70
CA VAL C 136 -31.88 16.56 3.31
C VAL C 136 -31.40 17.62 4.29
N VAL C 137 -31.90 18.84 4.13
CA VAL C 137 -31.49 19.91 5.04
C VAL C 137 -32.75 20.66 5.45
N THR C 138 -32.67 21.30 6.61
CA THR C 138 -33.74 22.17 7.07
C THR C 138 -33.50 23.55 6.46
N VAL C 139 -34.41 23.97 5.59
CA VAL C 139 -34.33 25.26 4.92
C VAL C 139 -35.16 26.25 5.74
N PRO C 140 -34.59 27.40 6.15
CA PRO C 140 -35.37 28.37 6.93
C PRO C 140 -36.59 28.84 6.16
N GLY C 141 -37.76 28.66 6.78
CA GLY C 141 -39.02 28.99 6.20
C GLY C 141 -39.78 27.82 5.61
N LEU C 142 -39.08 26.74 5.27
CA LEU C 142 -39.70 25.58 4.65
C LEU C 142 -39.68 24.35 5.52
N GLY C 143 -38.62 24.16 6.32
CA GLY C 143 -38.43 22.91 7.02
C GLY C 143 -37.56 21.97 6.23
N PRO C 144 -37.60 20.68 6.54
CA PRO C 144 -36.76 19.72 5.82
C PRO C 144 -37.15 19.68 4.35
N MET C 145 -36.12 19.68 3.50
CA MET C 145 -36.26 19.57 2.06
C MET C 145 -35.21 18.60 1.54
N LEU C 146 -35.55 17.96 0.41
CA LEU C 146 -34.62 17.11 -0.31
C LEU C 146 -33.89 17.97 -1.34
N LEU C 147 -32.59 18.10 -1.16
CA LEU C 147 -31.76 18.80 -2.12
C LEU C 147 -31.57 17.93 -3.36
N PRO C 148 -31.42 18.53 -4.54
CA PRO C 148 -31.15 17.74 -5.76
C PRO C 148 -29.83 16.98 -5.75
N GLY C 149 -28.93 17.30 -4.84
CA GLY C 149 -27.66 16.57 -4.77
C GLY C 149 -26.95 17.02 -3.50
N LYS C 150 -25.91 16.27 -3.12
CA LYS C 150 -25.31 16.56 -1.81
C LYS C 150 -24.47 17.83 -1.83
N VAL C 151 -24.03 18.31 -2.99
CA VAL C 151 -23.35 19.60 -3.02
C VAL C 151 -23.90 20.41 -4.19
N GLY C 152 -23.88 21.74 -4.01
CA GLY C 152 -24.10 22.67 -5.10
C GLY C 152 -25.49 23.23 -5.20
N PHE C 153 -26.41 22.84 -4.31
CA PHE C 153 -27.78 23.29 -4.42
C PHE C 153 -28.21 24.10 -3.22
N ALA C 154 -27.33 24.34 -2.26
CA ALA C 154 -27.65 25.11 -1.07
C ALA C 154 -26.55 26.13 -0.86
N GLU C 155 -26.93 27.38 -0.65
CA GLU C 155 -26.01 28.41 -0.18
C GLU C 155 -26.63 29.02 1.08
N GLU C 156 -26.00 30.05 1.62
CA GLU C 156 -26.50 30.50 2.90
C GLU C 156 -27.86 31.17 2.76
N THR C 157 -28.13 31.84 1.62
CA THR C 157 -29.39 32.56 1.47
C THR C 157 -30.28 32.07 0.33
N VAL C 158 -29.87 31.06 -0.42
CA VAL C 158 -30.70 30.58 -1.55
C VAL C 158 -30.48 29.08 -1.71
N TRP C 159 -31.56 28.38 -2.09
CA TRP C 159 -31.55 26.95 -2.35
C TRP C 159 -32.28 26.68 -3.67
N ARG C 160 -31.90 25.59 -4.34
CA ARG C 160 -32.51 25.20 -5.60
C ARG C 160 -33.03 23.77 -5.55
N LEU C 161 -34.28 23.55 -5.97
CA LEU C 161 -34.96 22.28 -5.83
C LEU C 161 -35.47 21.82 -7.19
N ASN C 162 -35.72 20.52 -7.29
CA ASN C 162 -36.21 19.91 -8.53
C ASN C 162 -37.52 19.18 -8.21
N PRO C 163 -38.68 19.76 -8.55
CA PRO C 163 -39.95 19.12 -8.16
C PRO C 163 -40.14 17.68 -8.63
N SER C 164 -39.45 17.26 -9.69
CA SER C 164 -39.58 15.90 -10.21
C SER C 164 -38.84 14.86 -9.37
N TYR C 165 -38.08 15.26 -8.33
CA TYR C 165 -37.12 14.36 -7.72
C TYR C 165 -37.70 13.44 -6.65
N LEU C 166 -38.84 13.77 -6.09
CA LEU C 166 -39.47 12.95 -5.06
C LEU C 166 -40.91 12.67 -5.48
N PRO C 167 -41.15 11.56 -6.18
CA PRO C 167 -42.51 11.20 -6.59
C PRO C 167 -43.42 11.12 -5.37
N PRO C 168 -44.62 11.71 -5.44
CA PRO C 168 -45.49 11.73 -4.25
C PRO C 168 -45.76 10.36 -3.67
N GLN C 169 -45.93 9.33 -4.51
CA GLN C 169 -46.18 8.00 -3.96
C GLN C 169 -44.96 7.45 -3.22
N ILE C 170 -43.75 7.76 -3.71
CA ILE C 170 -42.56 7.31 -2.99
C ILE C 170 -42.41 8.05 -1.66
N ALA C 171 -42.69 9.35 -1.64
CA ALA C 171 -42.64 10.09 -0.37
C ALA C 171 -43.61 9.48 0.63
N ARG C 172 -44.81 9.11 0.14
CA ARG C 172 -45.80 8.46 0.99
C ARG C 172 -45.25 7.16 1.56
N TYR C 173 -44.64 6.34 0.69
CA TYR C 173 -44.05 5.09 1.13
C TYR C 173 -43.03 5.32 2.24
N LEU C 174 -42.16 6.32 2.04
CA LEU C 174 -41.05 6.52 2.97
C LEU C 174 -41.50 7.05 4.32
N THR C 175 -42.69 7.66 4.41
CA THR C 175 -43.15 8.07 5.75
C THR C 175 -43.13 6.93 6.77
N ARG C 176 -43.16 5.66 6.32
CA ARG C 176 -43.13 4.54 7.25
C ARG C 176 -41.85 4.48 8.07
N PHE C 177 -40.77 5.12 7.62
CA PHE C 177 -39.50 5.13 8.34
C PHE C 177 -39.36 6.32 9.28
N GLY C 178 -40.41 7.11 9.49
CA GLY C 178 -40.35 8.20 10.43
C GLY C 178 -39.65 9.42 9.88
N GLU C 179 -39.25 10.31 10.80
CA GLU C 179 -38.57 11.54 10.41
C GLU C 179 -37.21 11.23 9.79
N PRO C 180 -36.74 12.05 8.83
CA PRO C 180 -37.41 13.27 8.33
C PRO C 180 -38.49 13.00 7.26
N TRP C 181 -38.68 11.72 6.91
CA TRP C 181 -39.54 11.35 5.78
C TRP C 181 -40.99 11.73 6.02
N THR C 182 -41.46 11.63 7.27
CA THR C 182 -42.81 12.06 7.60
C THR C 182 -43.01 13.51 7.20
N THR C 183 -42.09 14.39 7.61
CA THR C 183 -42.22 15.81 7.30
C THR C 183 -41.88 16.11 5.84
N LEU C 184 -40.93 15.37 5.28
CA LEU C 184 -40.57 15.56 3.88
C LEU C 184 -41.76 15.31 2.96
N GLN C 185 -42.60 14.34 3.31
CA GLN C 185 -43.77 14.09 2.46
C GLN C 185 -44.68 15.32 2.41
N GLU C 186 -44.83 16.02 3.55
CA GLU C 186 -45.65 17.22 3.60
C GLU C 186 -45.00 18.42 2.90
N THR C 187 -43.68 18.64 3.11
CA THR C 187 -43.05 19.77 2.40
C THR C 187 -42.94 19.51 0.90
N ASN C 188 -42.81 18.24 0.49
CA ASN C 188 -42.82 17.91 -0.95
C ASN C 188 -44.18 18.20 -1.58
N HIS C 189 -45.26 17.81 -0.90
CA HIS C 189 -46.60 18.15 -1.35
C HIS C 189 -46.76 19.66 -1.50
N ARG C 190 -46.31 20.43 -0.48
CA ARG C 190 -46.42 21.89 -0.59
C ARG C 190 -45.55 22.43 -1.74
N LEU C 191 -44.34 21.88 -1.91
CA LEU C 191 -43.47 22.28 -3.01
C LEU C 191 -44.18 22.15 -4.35
N LEU C 192 -44.79 20.98 -4.57
CA LEU C 192 -45.47 20.78 -5.85
C LEU C 192 -46.63 21.76 -6.05
N LEU C 193 -47.42 22.00 -4.99
CA LEU C 193 -48.57 22.90 -5.14
C LEU C 193 -48.14 24.37 -5.29
N GLU C 194 -47.16 24.81 -4.51
CA GLU C 194 -46.83 26.23 -4.45
C GLU C 194 -46.00 26.73 -5.61
N THR C 195 -45.29 25.84 -6.32
CA THR C 195 -44.39 26.29 -7.38
C THR C 195 -44.98 26.08 -8.78
N ALA C 196 -46.28 25.80 -8.88
CA ALA C 196 -46.96 25.68 -10.17
C ALA C 196 -48.07 26.71 -10.27
N PRO C 197 -47.71 28.01 -10.27
CA PRO C 197 -48.76 29.06 -10.20
C PRO C 197 -49.69 29.11 -11.40
N LYS C 198 -49.28 28.59 -12.55
CA LYS C 198 -50.15 28.51 -13.71
C LYS C 198 -50.54 27.07 -14.04
N GLY C 199 -50.27 26.13 -13.14
CA GLY C 199 -50.59 24.73 -13.38
C GLY C 199 -49.48 23.95 -14.02
N PHE C 200 -48.30 24.53 -14.16
CA PHE C 200 -47.13 23.89 -14.77
C PHE C 200 -46.00 23.88 -13.77
N SER C 201 -45.47 22.71 -13.53
CA SER C 201 -44.42 22.55 -12.54
C SER C 201 -43.07 22.87 -13.19
N PRO C 202 -42.15 23.53 -12.47
CA PRO C 202 -40.86 23.88 -13.06
C PRO C 202 -39.85 22.74 -12.97
N ASP C 203 -38.92 22.72 -13.93
CA ASP C 203 -37.77 21.82 -13.84
C ASP C 203 -37.00 22.06 -12.54
N TRP C 204 -36.68 23.32 -12.27
CA TRP C 204 -35.87 23.77 -11.16
C TRP C 204 -36.53 25.03 -10.58
N VAL C 205 -36.46 25.18 -9.27
CA VAL C 205 -37.05 26.37 -8.66
C VAL C 205 -36.24 26.72 -7.42
N ARG C 206 -36.00 28.01 -7.25
CA ARG C 206 -35.18 28.52 -6.15
C ARG C 206 -36.07 29.10 -5.04
N TYR C 207 -35.60 28.96 -3.80
CA TYR C 207 -36.18 29.57 -2.61
C TYR C 207 -35.11 30.47 -2.00
N GLU C 208 -35.46 31.73 -1.75
CA GLU C 208 -34.53 32.71 -1.20
C GLU C 208 -34.93 33.11 0.22
N LYS C 209 -33.95 33.09 1.14
CA LYS C 209 -34.15 33.54 2.50
C LYS C 209 -34.82 34.91 2.50
N SER C 210 -35.82 35.06 3.37
CA SER C 210 -36.57 36.31 3.55
C SER C 210 -37.41 36.68 2.34
N LYS C 211 -37.40 35.89 1.26
CA LYS C 211 -38.16 36.24 0.08
C LYS C 211 -39.13 35.15 -0.37
N GLY C 212 -38.81 33.88 -0.13
CA GLY C 212 -39.72 32.80 -0.51
C GLY C 212 -39.41 32.24 -1.89
N TRP C 213 -40.42 31.60 -2.49
CA TRP C 213 -40.23 31.01 -3.81
C TRP C 213 -40.00 32.08 -4.85
N GLN C 214 -39.07 31.82 -5.76
CA GLN C 214 -38.72 32.75 -6.82
C GLN C 214 -39.46 32.32 -8.10
N LEU C 215 -40.65 32.87 -8.30
CA LEU C 215 -41.53 32.48 -9.40
C LEU C 215 -41.67 33.56 -10.45
N ALA C 216 -40.74 34.53 -10.49
CA ALA C 216 -40.81 35.56 -11.53
C ALA C 216 -40.56 34.96 -12.90
N PRO C 217 -41.23 35.49 -13.93
CA PRO C 217 -41.04 34.98 -15.30
C PRO C 217 -39.57 34.97 -15.66
N ASP C 218 -39.14 33.89 -16.29
CA ASP C 218 -37.73 33.68 -16.56
C ASP C 218 -37.62 32.61 -17.64
N LYS C 219 -36.65 32.78 -18.54
CA LYS C 219 -36.48 31.84 -19.63
C LYS C 219 -36.18 30.43 -19.12
N THR C 220 -35.57 30.33 -17.94
CA THR C 220 -35.18 29.07 -17.32
C THR C 220 -36.18 28.52 -16.31
N LEU C 221 -37.28 29.24 -16.03
CA LEU C 221 -38.34 28.75 -15.13
C LEU C 221 -39.40 28.14 -16.04
N ILE C 222 -39.21 26.86 -16.37
CA ILE C 222 -39.98 26.18 -17.39
C ILE C 222 -40.33 24.77 -16.94
N SER C 223 -41.48 24.29 -17.42
CA SER C 223 -41.83 22.87 -17.38
C SER C 223 -41.24 22.21 -18.62
N GLY C 224 -40.17 21.45 -18.44
CA GLY C 224 -39.44 20.85 -19.53
C GLY C 224 -39.14 19.39 -19.30
N TYR C 225 -37.89 19.00 -19.56
CA TYR C 225 -37.48 17.60 -19.58
C TYR C 225 -37.33 17.00 -18.20
N ASP C 226 -37.25 17.81 -17.14
CA ASP C 226 -37.33 17.22 -15.81
C ASP C 226 -38.77 17.20 -15.32
N ALA C 227 -39.43 18.36 -15.38
CA ALA C 227 -40.78 18.49 -14.85
C ALA C 227 -41.81 17.61 -15.56
N ILE C 228 -41.56 17.17 -16.80
CA ILE C 228 -42.50 16.24 -17.43
C ILE C 228 -42.77 15.05 -16.51
N ARG C 229 -41.76 14.64 -15.72
N ARG C 229 -41.76 14.64 -15.73
CA ARG C 229 -41.94 13.48 -14.86
CA ARG C 229 -41.95 13.47 -14.86
C ARG C 229 -42.87 13.78 -13.68
C ARG C 229 -42.85 13.78 -13.65
N VAL C 230 -42.99 15.04 -13.25
CA VAL C 230 -43.97 15.36 -12.21
C VAL C 230 -45.34 14.85 -12.62
N TYR C 231 -45.79 15.23 -13.84
CA TYR C 231 -47.12 14.80 -14.27
C TYR C 231 -47.18 13.29 -14.30
N LEU C 232 -46.08 12.66 -14.72
CA LEU C 232 -46.04 11.21 -14.79
C LEU C 232 -46.23 10.60 -13.41
N TRP C 233 -45.45 11.09 -12.42
CA TRP C 233 -45.58 10.51 -11.08
C TRP C 233 -47.00 10.70 -10.56
N VAL C 234 -47.56 11.90 -10.76
CA VAL C 234 -48.87 12.15 -10.22
C VAL C 234 -49.88 11.19 -10.86
N GLY C 235 -49.75 10.98 -12.17
CA GLY C 235 -50.71 10.13 -12.86
C GLY C 235 -50.64 8.70 -12.38
N MET C 236 -49.46 8.25 -11.94
CA MET C 236 -49.32 6.87 -11.50
C MET C 236 -49.64 6.69 -10.02
N MET C 237 -50.00 7.75 -9.30
CA MET C 237 -50.45 7.56 -7.93
C MET C 237 -51.74 6.72 -7.90
N ASN C 238 -51.89 5.95 -6.84
CA ASN C 238 -53.13 5.20 -6.61
C ASN C 238 -54.26 6.19 -6.35
N ASP C 239 -55.41 5.94 -6.98
CA ASP C 239 -56.57 6.83 -6.80
C ASP C 239 -56.94 6.98 -5.33
N HIS C 240 -56.63 5.97 -4.50
CA HIS C 240 -56.99 6.03 -3.09
C HIS C 240 -55.97 6.78 -2.26
N ASP C 241 -54.92 7.34 -2.87
CA ASP C 241 -54.12 8.33 -2.16
C ASP C 241 -54.90 9.64 -2.18
N ALA C 242 -55.29 10.10 -0.99
CA ALA C 242 -56.16 11.25 -0.89
C ALA C 242 -55.54 12.50 -1.50
N GLN C 243 -54.22 12.54 -1.68
CA GLN C 243 -53.59 13.75 -2.21
C GLN C 243 -53.40 13.71 -3.72
N LYS C 244 -53.64 12.58 -4.38
CA LYS C 244 -53.56 12.59 -5.84
C LYS C 244 -54.51 13.64 -6.42
N ALA C 245 -55.76 13.69 -5.93
CA ALA C 245 -56.73 14.58 -6.54
C ALA C 245 -56.28 16.03 -6.46
N SER C 246 -55.69 16.44 -5.34
CA SER C 246 -55.25 17.83 -5.22
C SER C 246 -54.13 18.16 -6.21
N LEU C 247 -53.22 17.20 -6.45
CA LEU C 247 -52.14 17.43 -7.42
C LEU C 247 -52.67 17.43 -8.85
N LEU C 248 -53.58 16.52 -9.17
CA LEU C 248 -54.22 16.55 -10.49
C LEU C 248 -54.93 17.86 -10.71
N GLU C 249 -55.60 18.37 -9.68
CA GLU C 249 -56.33 19.62 -9.86
C GLU C 249 -55.37 20.78 -10.12
N ARG C 250 -54.25 20.82 -9.38
CA ARG C 250 -53.30 21.91 -9.57
CA ARG C 250 -53.29 21.89 -9.56
C ARG C 250 -52.64 21.83 -10.95
N LEU C 251 -52.35 20.63 -11.43
CA LEU C 251 -51.62 20.47 -12.69
C LEU C 251 -52.54 20.32 -13.89
N LYS C 252 -53.83 20.45 -13.71
CA LYS C 252 -54.79 20.28 -14.80
C LYS C 252 -54.52 21.11 -16.05
N PRO C 253 -53.96 22.34 -15.96
CA PRO C 253 -53.66 23.08 -17.20
C PRO C 253 -52.76 22.33 -18.18
N MET C 254 -51.84 21.48 -17.71
CA MET C 254 -51.03 20.69 -18.62
C MET C 254 -51.90 19.68 -19.38
N ALA C 255 -52.88 19.09 -18.70
CA ALA C 255 -53.85 18.19 -19.35
C ALA C 255 -54.70 18.94 -20.36
N ALA C 256 -55.18 20.13 -19.99
CA ALA C 256 -56.01 20.90 -20.90
C ALA C 256 -55.22 21.37 -22.13
N LEU C 257 -53.96 21.75 -21.93
CA LEU C 257 -53.15 22.24 -23.04
C LEU C 257 -52.76 21.11 -23.98
N THR C 258 -52.35 19.98 -23.42
CA THR C 258 -52.05 18.82 -24.24
C THR C 258 -53.27 18.40 -25.04
N ALA C 259 -54.44 18.35 -24.38
CA ALA C 259 -55.66 17.92 -25.07
C ALA C 259 -56.01 18.86 -26.21
N LYS C 260 -55.91 20.17 -25.96
CA LYS C 260 -56.26 21.16 -26.97
C LYS C 260 -55.40 20.98 -28.20
N LYS C 261 -54.08 20.92 -28.00
CA LYS C 261 -53.16 20.80 -29.12
C LYS C 261 -53.16 19.40 -29.72
N GLY C 262 -53.46 18.38 -28.92
CA GLY C 262 -53.11 17.02 -29.29
C GLY C 262 -51.63 16.75 -29.21
N VAL C 263 -50.84 17.69 -28.69
CA VAL C 263 -49.38 17.60 -28.66
C VAL C 263 -48.91 18.07 -27.29
N VAL C 264 -48.09 17.26 -26.62
CA VAL C 264 -47.48 17.69 -25.36
C VAL C 264 -46.42 18.73 -25.69
N PRO C 265 -46.49 19.92 -25.12
CA PRO C 265 -45.47 20.94 -25.41
C PRO C 265 -44.12 20.50 -24.88
N GLU C 266 -43.06 20.99 -25.54
CA GLU C 266 -41.72 20.68 -25.08
C GLU C 266 -41.36 21.47 -23.82
N LYS C 267 -41.71 22.77 -23.81
CA LYS C 267 -41.41 23.67 -22.71
C LYS C 267 -42.62 24.55 -22.48
N VAL C 268 -42.93 24.82 -21.21
CA VAL C 268 -43.99 25.73 -20.86
C VAL C 268 -43.46 26.72 -19.83
N ASP C 269 -43.61 28.00 -20.11
CA ASP C 269 -43.22 29.05 -19.17
C ASP C 269 -44.05 28.92 -17.89
N VAL C 270 -43.37 28.71 -16.77
CA VAL C 270 -44.07 28.45 -15.51
C VAL C 270 -44.84 29.67 -15.05
N ALA C 271 -44.30 30.86 -15.30
CA ALA C 271 -44.97 32.04 -14.77
C ALA C 271 -46.09 32.52 -15.68
N THR C 272 -46.00 32.30 -16.99
CA THR C 272 -47.02 32.81 -17.92
C THR C 272 -47.85 31.73 -18.59
N ALA C 273 -47.49 30.45 -18.45
CA ALA C 273 -48.16 29.33 -19.13
C ALA C 273 -47.96 29.32 -20.64
N GLN C 274 -46.96 30.05 -21.14
CA GLN C 274 -46.84 30.04 -22.59
C GLN C 274 -46.00 28.84 -23.04
N PRO C 275 -46.50 28.02 -23.95
CA PRO C 275 -45.77 26.82 -24.37
C PRO C 275 -44.90 27.12 -25.58
N ARG C 276 -43.82 26.34 -25.73
CA ARG C 276 -43.02 26.45 -26.94
C ARG C 276 -42.45 25.08 -27.28
N GLY C 277 -42.56 24.69 -28.55
CA GLY C 277 -41.99 23.46 -29.05
C GLY C 277 -42.89 22.26 -28.81
N ASP C 278 -42.58 21.18 -29.51
CA ASP C 278 -43.29 19.91 -29.37
C ASP C 278 -42.36 18.92 -28.67
N GLY C 279 -42.86 18.28 -27.62
CA GLY C 279 -42.06 17.34 -26.88
C GLY C 279 -41.85 16.08 -27.69
N PRO C 280 -40.80 15.32 -27.38
CA PRO C 280 -40.59 14.03 -28.06
C PRO C 280 -41.65 13.01 -27.65
N VAL C 281 -41.61 11.84 -28.29
CA VAL C 281 -42.64 10.82 -28.01
C VAL C 281 -42.64 10.41 -26.54
N GLY C 282 -41.49 10.48 -25.88
CA GLY C 282 -41.46 10.19 -24.45
C GLY C 282 -42.43 11.04 -23.64
N PHE C 283 -42.64 12.30 -24.07
CA PHE C 283 -43.58 13.17 -23.35
C PHE C 283 -45.01 12.67 -23.51
N ALA C 284 -45.36 12.15 -24.69
CA ALA C 284 -46.68 11.56 -24.89
C ALA C 284 -46.89 10.38 -23.94
N ALA C 285 -45.89 9.50 -23.87
CA ALA C 285 -46.01 8.35 -22.97
C ALA C 285 -46.08 8.82 -21.52
N ALA C 286 -45.28 9.83 -21.16
CA ALA C 286 -45.25 10.29 -19.78
C ALA C 286 -46.61 10.80 -19.35
N LEU C 287 -47.40 11.35 -20.26
CA LEU C 287 -48.71 11.85 -19.86
C LEU C 287 -49.82 10.79 -19.93
N LEU C 288 -49.55 9.58 -20.43
CA LEU C 288 -50.61 8.57 -20.41
C LEU C 288 -51.22 8.30 -19.02
N PRO C 289 -50.45 8.10 -17.94
CA PRO C 289 -51.11 7.93 -16.63
C PRO C 289 -51.76 9.21 -16.12
N PHE C 290 -51.28 10.38 -16.56
CA PHE C 290 -51.72 11.69 -16.08
C PHE C 290 -53.06 12.11 -16.70
N LEU C 291 -53.24 11.89 -18.01
CA LEU C 291 -54.46 12.33 -18.69
C LEU C 291 -55.64 11.48 -18.27
N GLN C 292 -56.65 12.10 -17.67
CA GLN C 292 -57.81 11.36 -17.19
C GLN C 292 -58.89 11.19 -18.26
N ASP C 293 -58.91 12.07 -19.26
CA ASP C 293 -59.91 12.05 -20.33
C ASP C 293 -59.58 10.92 -21.29
N ARG C 294 -60.57 10.07 -21.59
CA ARG C 294 -60.33 8.90 -22.44
C ARG C 294 -59.80 9.31 -23.80
N ASP C 295 -60.42 10.30 -24.45
CA ASP C 295 -60.00 10.69 -25.79
C ASP C 295 -58.60 11.31 -25.80
N ALA C 296 -58.32 12.27 -24.88
CA ALA C 296 -57.00 12.89 -24.89
C ALA C 296 -55.90 11.85 -24.64
N GLN C 297 -56.17 10.93 -23.72
CA GLN C 297 -55.26 9.83 -23.47
C GLN C 297 -55.05 9.00 -24.74
N ALA C 298 -56.15 8.71 -25.45
CA ALA C 298 -56.05 7.84 -26.64
C ALA C 298 -55.24 8.52 -27.75
N VAL C 299 -55.37 9.84 -27.90
CA VAL C 299 -54.55 10.56 -28.88
C VAL C 299 -53.06 10.38 -28.56
N GLN C 300 -52.68 10.56 -27.27
CA GLN C 300 -51.26 10.31 -26.99
C GLN C 300 -50.86 8.84 -27.16
N ARG C 301 -51.76 7.93 -26.81
CA ARG C 301 -51.47 6.50 -26.96
C ARG C 301 -51.16 6.16 -28.42
N GLN C 302 -51.90 6.77 -29.35
CA GLN C 302 -51.63 6.58 -30.76
C GLN C 302 -50.23 7.05 -31.12
N LYS C 303 -49.82 8.22 -30.60
CA LYS C 303 -48.48 8.73 -30.92
C LYS C 303 -47.40 7.78 -30.44
N VAL C 304 -47.56 7.26 -29.22
CA VAL C 304 -46.58 6.34 -28.67
C VAL C 304 -46.53 5.04 -29.48
N ALA C 305 -47.70 4.56 -29.91
CA ALA C 305 -47.75 3.32 -30.68
C ALA C 305 -47.05 3.48 -32.02
N ASP C 306 -47.29 4.60 -32.72
CA ASP C 306 -46.77 4.78 -34.06
C ASP C 306 -45.35 5.31 -34.09
N HIS C 307 -44.85 5.87 -33.00
CA HIS C 307 -43.52 6.48 -33.00
C HIS C 307 -42.69 5.96 -31.85
N PHE C 308 -42.84 4.68 -31.55
CA PHE C 308 -42.18 4.09 -30.40
C PHE C 308 -40.67 4.34 -30.48
N PRO C 309 -40.03 4.70 -29.35
CA PRO C 309 -38.63 5.12 -29.42
C PRO C 309 -37.70 4.01 -29.89
N GLY C 310 -36.69 4.40 -30.66
CA GLY C 310 -35.65 3.50 -31.13
C GLY C 310 -34.53 3.31 -30.13
N ASP C 311 -33.37 2.90 -30.64
CA ASP C 311 -32.19 2.61 -29.85
C ASP C 311 -31.29 3.82 -29.66
N ASP C 312 -31.75 5.00 -30.05
CA ASP C 312 -30.99 6.23 -29.99
C ASP C 312 -31.67 7.27 -29.10
N ALA C 313 -32.51 6.84 -28.15
CA ALA C 313 -33.34 7.78 -27.39
C ALA C 313 -33.59 7.23 -25.99
N TYR C 314 -32.53 7.21 -25.17
CA TYR C 314 -32.63 6.73 -23.80
C TYR C 314 -33.81 7.39 -23.06
N PHE C 315 -33.92 8.71 -23.19
CA PHE C 315 -34.88 9.38 -22.33
C PHE C 315 -36.31 9.07 -22.75
N SER C 316 -36.62 9.18 -24.05
CA SER C 316 -37.97 8.81 -24.45
C SER C 316 -38.26 7.36 -24.13
N TYR C 317 -37.24 6.49 -24.15
CA TYR C 317 -37.50 5.08 -23.87
C TYR C 317 -37.87 4.85 -22.42
N VAL C 318 -37.13 5.46 -21.48
CA VAL C 318 -37.48 5.24 -20.08
C VAL C 318 -38.82 5.89 -19.77
N LEU C 319 -39.10 7.08 -20.34
CA LEU C 319 -40.44 7.67 -20.15
C LEU C 319 -41.52 6.75 -20.69
N THR C 320 -41.23 6.02 -21.78
CA THR C 320 -42.21 5.10 -22.35
C THR C 320 -42.35 3.87 -21.47
N LEU C 321 -41.25 3.33 -20.94
CA LEU C 321 -41.35 2.21 -20.02
C LEU C 321 -42.21 2.60 -18.82
N PHE C 322 -42.01 3.79 -18.26
CA PHE C 322 -42.88 4.25 -17.18
C PHE C 322 -44.34 4.41 -17.66
N GLY C 323 -44.57 5.26 -18.65
CA GLY C 323 -45.91 5.68 -19.00
C GLY C 323 -46.71 4.65 -19.78
N GLN C 324 -46.11 4.10 -20.84
CA GLN C 324 -46.76 2.98 -21.52
C GLN C 324 -46.80 1.76 -20.61
N GLY C 325 -45.73 1.47 -19.83
CA GLY C 325 -45.83 0.37 -18.89
C GLY C 325 -47.03 0.50 -17.96
N TRP C 326 -47.21 1.66 -17.34
CA TRP C 326 -48.37 1.84 -16.47
C TRP C 326 -49.68 1.74 -17.26
N ASP C 327 -49.72 2.31 -18.48
CA ASP C 327 -50.87 2.22 -19.39
C ASP C 327 -51.22 0.78 -19.74
N GLU C 328 -50.25 -0.13 -19.66
CA GLU C 328 -50.45 -1.54 -19.88
C GLU C 328 -50.50 -2.34 -18.58
N HIS C 329 -50.66 -1.68 -17.43
CA HIS C 329 -50.75 -2.41 -16.15
C HIS C 329 -49.51 -3.28 -15.91
N ARG C 330 -48.34 -2.83 -16.37
CA ARG C 330 -47.11 -3.57 -16.10
C ARG C 330 -46.69 -3.47 -14.63
N PHE C 331 -47.22 -2.51 -13.90
CA PHE C 331 -46.95 -2.32 -12.48
C PHE C 331 -48.01 -1.35 -11.97
N ARG C 332 -48.23 -1.34 -10.65
CA ARG C 332 -49.08 -0.34 -10.04
C ARG C 332 -48.44 0.06 -8.73
N PHE C 333 -48.90 1.18 -8.17
CA PHE C 333 -48.59 1.56 -6.81
C PHE C 333 -49.82 1.39 -5.94
N THR C 334 -49.61 0.88 -4.72
CA THR C 334 -50.66 0.78 -3.72
C THR C 334 -50.92 2.19 -3.19
N PRO C 335 -52.00 2.40 -2.42
CA PRO C 335 -52.22 3.74 -1.84
C PRO C 335 -51.08 4.18 -0.94
N ARG C 336 -50.33 3.26 -0.35
CA ARG C 336 -49.20 3.70 0.46
C ARG C 336 -47.92 3.84 -0.33
N GLY C 337 -47.97 3.66 -1.64
CA GLY C 337 -46.79 3.83 -2.45
C GLY C 337 -45.94 2.61 -2.55
N GLU C 338 -46.44 1.46 -2.12
CA GLU C 338 -45.76 0.20 -2.37
C GLU C 338 -45.97 -0.21 -3.83
N LEU C 339 -45.05 -1.02 -4.32
CA LEU C 339 -45.29 -1.69 -5.59
C LEU C 339 -46.35 -2.76 -5.41
N GLN C 340 -47.36 -2.71 -6.29
CA GLN C 340 -48.40 -3.70 -6.54
C GLN C 340 -47.96 -4.38 -7.83
N PRO C 341 -47.24 -5.49 -7.72
CA PRO C 341 -46.63 -6.07 -8.92
C PRO C 341 -47.66 -6.79 -9.76
N ASP C 342 -47.37 -6.84 -11.05
CA ASP C 342 -48.12 -7.60 -12.04
C ASP C 342 -47.18 -8.68 -12.56
N TRP C 343 -46.94 -9.68 -11.72
CA TRP C 343 -45.98 -10.72 -12.07
C TRP C 343 -46.64 -11.99 -12.62
N CYS D 6 15.40 29.54 15.82
CA CYS D 6 13.97 29.53 16.11
C CYS D 6 13.35 28.12 15.97
N THR D 7 14.06 27.08 16.42
CA THR D 7 13.53 25.72 16.25
C THR D 7 13.13 25.15 17.60
N TRP D 8 12.24 24.18 17.53
CA TRP D 8 11.84 23.40 18.69
C TRP D 8 12.52 22.04 18.58
N PRO D 9 13.60 21.81 19.31
CA PRO D 9 14.43 20.62 19.02
C PRO D 9 13.70 19.30 19.10
N ALA D 10 12.84 19.09 20.10
CA ALA D 10 12.10 17.83 20.16
C ALA D 10 11.19 17.65 18.93
N TRP D 11 10.66 18.75 18.40
CA TRP D 11 9.85 18.67 17.18
C TRP D 11 10.72 18.38 15.95
N GLU D 12 11.89 19.03 15.85
CA GLU D 12 12.79 18.72 14.74
C GLU D 12 13.13 17.24 14.70
N HIS D 13 13.42 16.67 15.87
CA HIS D 13 13.76 15.26 15.89
C HIS D 13 12.53 14.39 15.59
N PHE D 14 11.34 14.80 16.06
CA PHE D 14 10.14 14.03 15.73
C PHE D 14 9.91 13.96 14.21
N LYS D 15 10.06 15.09 13.53
CA LYS D 15 9.93 15.08 12.08
C LYS D 15 10.90 14.10 11.45
N ARG D 16 12.16 14.10 11.93
CA ARG D 16 13.16 13.21 11.33
C ARG D 16 12.88 11.74 11.62
N ALA D 17 12.45 11.40 12.84
CA ALA D 17 12.32 10.01 13.27
C ALA D 17 10.97 9.37 12.99
N TYR D 18 9.90 10.17 12.92
CA TYR D 18 8.54 9.64 12.85
C TYR D 18 7.70 10.06 11.64
N ILE D 19 8.13 11.03 10.83
CA ILE D 19 7.31 11.51 9.72
C ILE D 19 8.01 11.12 8.44
N SER D 20 7.28 10.44 7.53
CA SER D 20 7.83 10.04 6.25
C SER D 20 8.07 11.28 5.40
N ASP D 21 8.89 11.12 4.34
CA ASP D 21 9.09 12.24 3.42
C ASP D 21 7.76 12.74 2.88
N GLY D 22 6.81 11.84 2.67
CA GLY D 22 5.52 12.17 2.12
C GLY D 22 4.56 12.84 3.07
N GLY D 23 4.89 12.88 4.37
CA GLY D 23 4.08 13.57 5.35
C GLY D 23 3.17 12.73 6.23
N ARG D 24 3.44 11.43 6.37
CA ARG D 24 2.62 10.59 7.22
C ARG D 24 3.41 10.22 8.47
N VAL D 25 2.73 10.29 9.61
CA VAL D 25 3.33 9.94 10.89
C VAL D 25 3.25 8.42 11.04
N ILE D 26 4.37 7.76 11.30
CA ILE D 26 4.42 6.30 11.31
C ILE D 26 4.71 5.81 12.72
N ASP D 27 3.81 5.00 13.25
CA ASP D 27 4.04 4.29 14.51
C ASP D 27 4.96 3.11 14.24
N PRO D 28 6.23 3.19 14.68
CA PRO D 28 7.21 2.14 14.32
C PRO D 28 6.97 0.80 15.00
N SER D 29 6.14 0.74 16.05
CA SER D 29 5.96 -0.47 16.84
CA SER D 29 5.96 -0.47 16.84
C SER D 29 4.88 -1.39 16.27
N ASP D 30 4.18 -0.96 15.23
CA ASP D 30 3.13 -1.74 14.61
C ASP D 30 3.71 -2.41 13.37
N ALA D 31 3.57 -3.73 13.29
CA ALA D 31 4.13 -4.47 12.17
C ALA D 31 3.58 -3.96 10.84
N ARG D 32 2.38 -3.38 10.84
CA ARG D 32 1.77 -2.83 9.64
C ARG D 32 2.26 -1.43 9.30
N LYS D 33 3.16 -0.85 10.09
CA LYS D 33 3.68 0.51 9.88
C LYS D 33 2.55 1.52 9.65
N ILE D 34 1.65 1.55 10.62
CA ILE D 34 0.40 2.28 10.50
C ILE D 34 0.59 3.78 10.66
N THR D 35 -0.33 4.53 10.07
CA THR D 35 -0.58 5.94 10.37
C THR D 35 -2.00 6.05 10.90
N THR D 36 -2.21 6.84 11.96
CA THR D 36 -3.57 7.11 12.42
C THR D 36 -3.94 8.55 12.09
N SER D 37 -5.24 8.81 11.98
CA SER D 37 -5.64 10.20 11.82
C SER D 37 -5.20 11.00 13.05
N GLU D 38 -5.11 10.35 14.20
CA GLU D 38 -4.61 11.01 15.41
C GLU D 38 -3.16 11.48 15.23
N GLY D 39 -2.28 10.59 14.76
CA GLY D 39 -0.90 11.01 14.54
C GLY D 39 -0.80 12.19 13.58
N GLN D 40 -1.61 12.16 12.51
CA GLN D 40 -1.63 13.30 11.58
C GLN D 40 -2.09 14.56 12.29
N SER D 41 -3.18 14.47 13.06
CA SER D 41 -3.73 15.65 13.70
C SER D 41 -2.73 16.25 14.69
N TYR D 42 -2.02 15.40 15.42
CA TYR D 42 -1.04 15.92 16.38
C TYR D 42 0.12 16.57 15.64
N ALA D 43 0.57 15.97 14.53
CA ALA D 43 1.64 16.58 13.75
C ALA D 43 1.22 17.92 13.15
N LEU D 44 -0.04 18.04 12.71
CA LEU D 44 -0.49 19.36 12.25
C LEU D 44 -0.42 20.37 13.40
N PHE D 45 -0.90 19.98 14.57
CA PHE D 45 -0.86 20.92 15.69
C PHE D 45 0.56 21.36 16.02
N PHE D 46 1.47 20.39 16.16
CA PHE D 46 2.84 20.73 16.55
C PHE D 46 3.52 21.56 15.47
N ALA D 47 3.22 21.28 14.19
CA ALA D 47 3.77 22.08 13.10
C ALA D 47 3.29 23.53 13.18
N LEU D 48 2.01 23.72 13.49
CA LEU D 48 1.51 25.08 13.65
C LEU D 48 2.19 25.76 14.84
N ALA D 49 2.25 25.05 15.97
CA ALA D 49 2.90 25.55 17.18
C ALA D 49 4.35 25.93 16.89
N ALA D 50 5.03 25.14 16.06
CA ALA D 50 6.43 25.40 15.72
C ALA D 50 6.59 26.44 14.62
N ASP D 51 5.50 27.01 14.10
CA ASP D 51 5.58 27.93 12.96
C ASP D 51 6.28 27.26 11.79
N ASP D 52 5.90 26.02 11.52
CA ASP D 52 6.53 25.17 10.52
C ASP D 52 5.52 24.89 9.41
N ARG D 53 5.24 25.91 8.60
CA ARG D 53 4.25 25.75 7.54
C ARG D 53 4.63 24.69 6.51
N PRO D 54 5.90 24.53 6.10
CA PRO D 54 6.22 23.43 5.15
C PRO D 54 5.79 22.06 5.65
N MET D 55 6.09 21.75 6.91
CA MET D 55 5.70 20.44 7.42
C MET D 55 4.19 20.36 7.65
N PHE D 56 3.56 21.47 8.07
CA PHE D 56 2.10 21.52 8.15
C PHE D 56 1.48 21.12 6.82
N ASP D 57 1.93 21.73 5.72
CA ASP D 57 1.36 21.43 4.40
C ASP D 57 1.68 20.00 3.97
N ASN D 58 2.90 19.53 4.22
CA ASN D 58 3.25 18.15 3.89
C ASN D 58 2.27 17.17 4.55
N VAL D 59 2.10 17.29 5.87
CA VAL D 59 1.20 16.45 6.65
C VAL D 59 -0.27 16.64 6.21
N LEU D 60 -0.68 17.89 5.98
CA LEU D 60 -2.05 18.15 5.59
C LEU D 60 -2.38 17.48 4.26
N GLU D 61 -1.47 17.59 3.27
CA GLU D 61 -1.76 17.00 1.96
C GLU D 61 -1.79 15.47 2.05
N TRP D 62 -0.86 14.88 2.80
CA TRP D 62 -0.94 13.43 2.95
C TRP D 62 -2.25 13.01 3.58
N THR D 63 -2.69 13.73 4.62
CA THR D 63 -3.93 13.43 5.33
C THR D 63 -5.13 13.53 4.40
N LYS D 64 -5.21 14.64 3.65
CA LYS D 64 -6.32 14.85 2.75
C LYS D 64 -6.39 13.74 1.71
N ASP D 65 -5.25 13.45 1.05
CA ASP D 65 -5.28 12.52 -0.09
C ASP D 65 -5.46 11.07 0.34
N ASN D 66 -4.87 10.67 1.46
CA ASN D 66 -4.84 9.26 1.80
C ASN D 66 -5.90 8.85 2.81
N LEU D 67 -6.39 9.75 3.66
CA LEU D 67 -7.43 9.35 4.61
C LEU D 67 -8.80 9.88 4.23
N ALA D 68 -8.87 10.90 3.39
CA ALA D 68 -10.12 11.61 3.16
C ALA D 68 -10.44 11.74 1.67
N GLN D 69 -9.86 10.87 0.84
CA GLN D 69 -10.12 10.83 -0.61
C GLN D 69 -9.92 12.22 -1.24
N GLY D 70 -8.95 12.97 -0.70
CA GLY D 70 -8.62 14.27 -1.22
C GLY D 70 -9.34 15.45 -0.60
N ASP D 71 -10.38 15.22 0.22
CA ASP D 71 -11.17 16.34 0.74
C ASP D 71 -11.86 16.00 2.05
N PRO D 72 -11.25 16.36 3.19
CA PRO D 72 -11.90 16.15 4.50
C PRO D 72 -13.24 16.85 4.65
N GLY D 73 -13.53 17.88 3.84
CA GLY D 73 -14.84 18.49 3.88
C GLY D 73 -15.93 17.58 3.35
N GLU D 74 -15.58 16.60 2.51
CA GLU D 74 -16.57 15.66 1.99
C GLU D 74 -16.47 14.27 2.60
N HIS D 75 -15.32 13.93 3.19
CA HIS D 75 -15.07 12.61 3.78
C HIS D 75 -14.31 12.81 5.09
N LEU D 76 -14.87 12.35 6.20
CA LEU D 76 -14.08 12.32 7.44
C LEU D 76 -12.85 11.44 7.24
N PRO D 77 -11.70 11.86 7.75
CA PRO D 77 -10.49 11.04 7.63
C PRO D 77 -10.72 9.66 8.22
N ALA D 78 -10.36 8.63 7.45
CA ALA D 78 -10.27 7.30 8.00
C ALA D 78 -9.22 7.29 9.10
N TRP D 79 -9.47 6.54 10.16
CA TRP D 79 -8.61 6.65 11.32
C TRP D 79 -7.37 5.78 11.20
N LEU D 80 -7.36 4.77 10.31
CA LEU D 80 -6.29 3.78 10.31
C LEU D 80 -5.88 3.42 8.89
N TRP D 81 -4.56 3.55 8.63
CA TRP D 81 -3.96 3.37 7.31
C TRP D 81 -2.64 2.63 7.49
N GLY D 82 -2.37 1.67 6.61
CA GLY D 82 -1.10 0.96 6.68
C GLY D 82 -1.06 -0.22 5.72
N LYS D 83 -0.20 -1.18 6.04
CA LYS D 83 0.05 -2.34 5.18
C LYS D 83 -0.98 -3.43 5.43
N LYS D 84 -1.80 -3.70 4.43
CA LYS D 84 -2.68 -4.86 4.41
C LYS D 84 -2.14 -5.84 3.36
N ASP D 85 -2.26 -7.15 3.62
CA ASP D 85 -1.99 -8.19 2.61
C ASP D 85 -0.66 -8.01 1.88
N GLU D 86 0.43 -7.96 2.65
CA GLU D 86 1.81 -8.02 2.17
C GLU D 86 2.29 -6.81 1.40
N ASN D 87 1.48 -6.27 0.49
CA ASN D 87 1.96 -5.18 -0.36
C ASN D 87 0.88 -4.14 -0.67
N ASN D 88 -0.20 -4.10 0.08
CA ASN D 88 -1.33 -3.22 -0.19
C ASN D 88 -1.35 -2.17 0.92
N TRP D 89 -0.82 -0.99 0.61
CA TRP D 89 -0.84 0.16 1.51
C TRP D 89 -2.11 0.95 1.24
N THR D 90 -3.02 0.98 2.22
CA THR D 90 -4.35 1.52 1.99
C THR D 90 -5.03 1.77 3.32
N VAL D 91 -6.25 2.29 3.26
CA VAL D 91 -7.08 2.48 4.45
C VAL D 91 -7.33 1.12 5.06
N LEU D 92 -6.98 0.95 6.33
CA LEU D 92 -7.24 -0.30 7.02
C LEU D 92 -8.59 -0.30 7.71
N ASP D 93 -9.09 0.88 8.09
CA ASP D 93 -10.42 0.98 8.69
C ASP D 93 -10.98 2.34 8.31
N SER D 94 -12.11 2.36 7.61
CA SER D 94 -12.64 3.63 7.11
C SER D 94 -13.41 4.42 8.15
N ASN D 95 -13.68 3.83 9.32
CA ASN D 95 -14.30 4.55 10.41
C ASN D 95 -13.44 5.73 10.82
N SER D 96 -14.09 6.75 11.38
CA SER D 96 -13.40 7.94 11.83
C SER D 96 -13.05 7.84 13.31
N ALA D 97 -12.18 8.75 13.77
CA ALA D 97 -11.87 8.96 15.18
C ALA D 97 -12.04 10.45 15.42
N SER D 98 -13.05 10.82 16.21
CA SER D 98 -13.44 12.23 16.23
C SER D 98 -12.43 13.07 17.00
N ASP D 99 -11.61 12.48 17.87
CA ASP D 99 -10.55 13.28 18.49
C ASP D 99 -9.62 13.84 17.43
N ALA D 100 -9.22 12.99 16.48
CA ALA D 100 -8.38 13.44 15.36
C ALA D 100 -9.12 14.43 14.48
N ASP D 101 -10.39 14.13 14.14
CA ASP D 101 -11.16 15.06 13.31
C ASP D 101 -11.20 16.45 13.95
N ILE D 102 -11.42 16.49 15.26
CA ILE D 102 -11.48 17.75 15.99
C ILE D 102 -10.13 18.47 15.97
N TRP D 103 -9.03 17.75 16.25
CA TRP D 103 -7.74 18.42 16.25
C TRP D 103 -7.38 18.94 14.87
N ILE D 104 -7.76 18.20 13.82
CA ILE D 104 -7.47 18.64 12.46
C ILE D 104 -8.28 19.89 12.12
N ALA D 105 -9.58 19.88 12.45
CA ALA D 105 -10.42 21.05 12.16
C ALA D 105 -9.93 22.27 12.91
N TRP D 106 -9.66 22.13 14.22
CA TRP D 106 -9.16 23.27 15.00
C TRP D 106 -7.81 23.76 14.48
N SER D 107 -6.90 22.84 14.17
CA SER D 107 -5.60 23.27 13.66
C SER D 107 -5.72 23.98 12.30
N LEU D 108 -6.66 23.55 11.45
CA LEU D 108 -6.85 24.24 10.18
C LEU D 108 -7.41 25.65 10.42
N LEU D 109 -8.40 25.76 11.31
CA LEU D 109 -8.98 27.07 11.58
C LEU D 109 -7.92 28.02 12.15
N GLU D 110 -7.08 27.52 13.05
CA GLU D 110 -6.06 28.38 13.63
C GLU D 110 -4.90 28.65 12.67
N ALA D 111 -4.55 27.71 11.80
CA ALA D 111 -3.56 27.99 10.76
C ALA D 111 -4.08 29.03 9.78
N GLY D 112 -5.36 28.94 9.39
CA GLY D 112 -5.92 29.96 8.52
C GLY D 112 -5.91 31.33 9.18
N ARG D 113 -6.23 31.38 10.48
CA ARG D 113 -6.20 32.67 11.18
C ARG D 113 -4.78 33.21 11.32
N LEU D 114 -3.85 32.38 11.84
CA LEU D 114 -2.52 32.90 12.19
C LEU D 114 -1.63 33.07 10.97
N TRP D 115 -1.79 32.23 9.95
CA TRP D 115 -1.01 32.40 8.72
C TRP D 115 -1.77 33.19 7.66
N LYS D 116 -2.97 33.69 7.96
CA LYS D 116 -3.77 34.50 7.04
C LYS D 116 -3.93 33.81 5.69
N GLU D 117 -4.45 32.60 5.74
CA GLU D 117 -4.61 31.77 4.55
C GLU D 117 -6.03 31.22 4.57
N ALA D 118 -6.90 31.82 3.74
CA ALA D 118 -8.32 31.45 3.74
C ALA D 118 -8.57 30.00 3.33
N ARG D 119 -7.63 29.35 2.64
CA ARG D 119 -7.86 27.97 2.18
C ARG D 119 -7.87 26.98 3.35
N TYR D 120 -7.02 27.22 4.36
CA TYR D 120 -7.10 26.45 5.59
C TYR D 120 -8.43 26.67 6.28
N THR D 121 -8.87 27.93 6.38
CA THR D 121 -10.14 28.24 7.03
C THR D 121 -11.31 27.57 6.33
N THR D 122 -11.32 27.63 5.00
CA THR D 122 -12.38 26.99 4.24
C THR D 122 -12.42 25.48 4.51
N LEU D 123 -11.26 24.82 4.42
CA LEU D 123 -11.24 23.39 4.69
C LEU D 123 -11.64 23.09 6.14
N GLY D 124 -11.17 23.89 7.10
CA GLY D 124 -11.50 23.65 8.50
C GLY D 124 -12.98 23.77 8.78
N ASN D 125 -13.63 24.79 8.18
CA ASN D 125 -15.08 24.94 8.33
C ASN D 125 -15.82 23.77 7.72
N ALA D 126 -15.42 23.37 6.51
CA ALA D 126 -16.06 22.23 5.85
C ALA D 126 -15.94 20.98 6.71
N LEU D 127 -14.73 20.71 7.22
CA LEU D 127 -14.51 19.55 8.08
C LEU D 127 -15.35 19.62 9.35
N LEU D 128 -15.37 20.79 10.01
CA LEU D 128 -16.17 20.93 11.23
C LEU D 128 -17.65 20.65 10.97
N ASN D 129 -18.19 21.19 9.88
CA ASN D 129 -19.58 20.91 9.54
C ASN D 129 -19.81 19.42 9.32
N ARG D 130 -18.83 18.73 8.72
CA ARG D 130 -18.98 17.31 8.52
C ARG D 130 -18.91 16.53 9.85
N ILE D 131 -18.07 16.98 10.78
CA ILE D 131 -18.03 16.39 12.12
C ILE D 131 -19.41 16.47 12.75
N ALA D 132 -20.02 17.66 12.73
CA ALA D 132 -21.38 17.82 13.26
C ALA D 132 -22.36 16.90 12.52
N LYS D 133 -22.21 16.78 11.20
CA LYS D 133 -23.17 15.97 10.43
C LYS D 133 -23.07 14.50 10.79
N GLU D 134 -21.86 13.97 10.92
CA GLU D 134 -21.65 12.53 10.97
C GLU D 134 -21.39 11.95 12.34
N GLU D 135 -20.86 12.70 13.31
CA GLU D 135 -20.49 12.07 14.56
C GLU D 135 -20.86 12.93 15.76
N VAL D 136 -21.88 13.79 15.60
CA VAL D 136 -22.55 14.48 16.71
C VAL D 136 -24.01 14.05 16.67
N VAL D 137 -24.52 13.54 17.79
CA VAL D 137 -25.93 13.12 17.87
C VAL D 137 -26.55 13.64 19.15
N THR D 138 -27.88 13.79 19.11
CA THR D 138 -28.65 14.21 20.27
C THR D 138 -29.01 13.00 21.12
N VAL D 139 -28.53 12.98 22.36
CA VAL D 139 -28.77 11.89 23.28
C VAL D 139 -29.86 12.30 24.26
N PRO D 140 -30.93 11.53 24.40
CA PRO D 140 -31.98 11.90 25.38
C PRO D 140 -31.45 11.97 26.80
N GLY D 141 -31.69 13.10 27.46
CA GLY D 141 -31.20 13.32 28.79
C GLY D 141 -29.93 14.15 28.86
N LEU D 142 -29.18 14.19 27.77
CA LEU D 142 -27.93 14.94 27.71
C LEU D 142 -27.96 16.09 26.73
N GLY D 143 -28.59 15.92 25.56
CA GLY D 143 -28.45 16.86 24.48
C GLY D 143 -27.42 16.38 23.47
N PRO D 144 -26.90 17.28 22.64
CA PRO D 144 -25.91 16.87 21.63
C PRO D 144 -24.63 16.40 22.30
N MET D 145 -24.07 15.31 21.75
CA MET D 145 -22.82 14.71 22.20
C MET D 145 -21.96 14.39 21.00
N LEU D 146 -20.66 14.40 21.22
CA LEU D 146 -19.68 14.01 20.22
C LEU D 146 -19.40 12.51 20.35
N LEU D 147 -19.71 11.75 19.28
CA LEU D 147 -19.40 10.34 19.26
C LEU D 147 -17.91 10.14 18.99
N PRO D 148 -17.32 9.09 19.55
CA PRO D 148 -15.91 8.76 19.27
C PRO D 148 -15.61 8.43 17.79
N GLY D 149 -16.63 8.14 16.99
CA GLY D 149 -16.46 7.82 15.58
C GLY D 149 -17.82 7.77 14.90
N LYS D 150 -17.80 7.78 13.56
CA LYS D 150 -19.04 7.89 12.81
C LYS D 150 -19.84 6.59 12.80
N VAL D 151 -19.21 5.46 13.13
CA VAL D 151 -19.88 4.18 13.20
C VAL D 151 -19.53 3.51 14.52
N GLY D 152 -20.52 2.85 15.11
CA GLY D 152 -20.25 1.87 16.13
C GLY D 152 -20.38 2.35 17.57
N PHE D 153 -20.73 3.61 17.79
CA PHE D 153 -20.74 4.15 19.13
C PHE D 153 -22.12 4.62 19.56
N ALA D 154 -23.14 4.45 18.71
CA ALA D 154 -24.50 4.87 19.04
C ALA D 154 -25.48 3.75 18.71
N GLU D 155 -26.34 3.43 19.67
CA GLU D 155 -27.50 2.60 19.38
C GLU D 155 -28.73 3.33 19.89
N GLU D 156 -29.89 2.67 19.85
CA GLU D 156 -31.14 3.34 20.22
C GLU D 156 -31.15 3.73 21.69
N THR D 157 -30.57 2.90 22.56
CA THR D 157 -30.68 3.10 24.00
C THR D 157 -29.34 3.23 24.73
N VAL D 158 -28.21 3.14 24.02
CA VAL D 158 -26.92 3.19 24.69
C VAL D 158 -25.92 3.85 23.75
N TRP D 159 -25.03 4.66 24.32
CA TRP D 159 -23.97 5.33 23.58
C TRP D 159 -22.66 5.16 24.35
N ARG D 160 -21.53 5.22 23.64
CA ARG D 160 -20.22 5.13 24.28
C ARG D 160 -19.41 6.35 23.91
N LEU D 161 -18.84 7.04 24.90
CA LEU D 161 -18.16 8.31 24.71
C LEU D 161 -16.72 8.18 25.24
N ASN D 162 -15.84 9.08 24.78
CA ASN D 162 -14.42 9.07 25.16
C ASN D 162 -14.07 10.43 25.73
N PRO D 163 -13.96 10.56 27.06
CA PRO D 163 -13.77 11.91 27.66
C PRO D 163 -12.54 12.67 27.15
N SER D 164 -11.49 12.01 26.67
CA SER D 164 -10.29 12.67 26.16
C SER D 164 -10.47 13.29 24.78
N TYR D 165 -11.65 13.10 24.15
CA TYR D 165 -11.76 13.40 22.72
C TYR D 165 -12.04 14.88 22.41
N LEU D 166 -12.60 15.66 23.34
CA LEU D 166 -12.83 17.08 23.05
C LEU D 166 -12.16 17.95 24.13
N PRO D 167 -10.95 18.44 23.88
CA PRO D 167 -10.29 19.31 24.89
C PRO D 167 -11.17 20.50 25.23
N PRO D 168 -11.29 20.85 26.52
CA PRO D 168 -12.16 21.99 26.86
C PRO D 168 -11.79 23.26 26.13
N GLN D 169 -10.49 23.51 25.90
CA GLN D 169 -10.11 24.76 25.22
C GLN D 169 -10.56 24.74 23.77
N ILE D 170 -10.50 23.57 23.12
CA ILE D 170 -11.01 23.50 21.75
C ILE D 170 -12.54 23.65 21.74
N ALA D 171 -13.24 23.00 22.68
CA ALA D 171 -14.70 23.15 22.73
C ALA D 171 -15.10 24.63 22.87
N ARG D 172 -14.37 25.35 23.72
CA ARG D 172 -14.62 26.79 23.89
C ARG D 172 -14.38 27.55 22.59
N TYR D 173 -13.27 27.27 21.92
CA TYR D 173 -13.00 27.93 20.65
C TYR D 173 -14.14 27.71 19.66
N LEU D 174 -14.62 26.46 19.57
CA LEU D 174 -15.59 26.11 18.54
C LEU D 174 -16.96 26.74 18.80
N THR D 175 -17.25 27.15 20.05
CA THR D 175 -18.52 27.86 20.28
C THR D 175 -18.73 29.05 19.34
N ARG D 176 -17.66 29.62 18.76
CA ARG D 176 -17.83 30.74 17.83
C ARG D 176 -18.66 30.38 16.60
N PHE D 177 -18.77 29.10 16.26
CA PHE D 177 -19.53 28.72 15.08
C PHE D 177 -20.98 28.37 15.41
N GLY D 178 -21.44 28.65 16.62
CA GLY D 178 -22.84 28.45 16.95
C GLY D 178 -23.14 26.99 17.18
N GLU D 179 -24.44 26.66 17.17
CA GLU D 179 -24.85 25.31 17.44
C GLU D 179 -24.36 24.36 16.35
N PRO D 180 -24.08 23.10 16.68
CA PRO D 180 -24.23 22.46 17.99
C PRO D 180 -23.07 22.71 18.95
N TRP D 181 -22.05 23.46 18.51
CA TRP D 181 -20.83 23.59 19.30
C TRP D 181 -21.08 24.34 20.61
N THR D 182 -22.00 25.32 20.59
CA THR D 182 -22.35 26.07 21.80
C THR D 182 -22.80 25.12 22.90
N THR D 183 -23.74 24.22 22.58
CA THR D 183 -24.24 23.29 23.58
C THR D 183 -23.30 22.11 23.83
N LEU D 184 -22.55 21.68 22.81
CA LEU D 184 -21.56 20.62 23.01
C LEU D 184 -20.52 21.04 24.05
N GLN D 185 -20.18 22.33 24.09
CA GLN D 185 -19.24 22.76 25.12
C GLN D 185 -19.78 22.44 26.51
N GLU D 186 -21.09 22.62 26.71
CA GLU D 186 -21.72 22.36 28.01
C GLU D 186 -21.85 20.86 28.29
N THR D 187 -22.31 20.10 27.31
CA THR D 187 -22.47 18.66 27.55
C THR D 187 -21.12 17.98 27.70
N ASN D 188 -20.08 18.50 27.03
CA ASN D 188 -18.73 18.01 27.23
C ASN D 188 -18.24 18.30 28.65
N HIS D 189 -18.50 19.51 29.15
CA HIS D 189 -18.16 19.79 30.54
C HIS D 189 -18.87 18.81 31.49
N ARG D 190 -20.16 18.53 31.24
CA ARG D 190 -20.90 17.56 32.05
C ARG D 190 -20.28 16.17 31.96
N LEU D 191 -19.90 15.75 30.77
CA LEU D 191 -19.24 14.46 30.59
C LEU D 191 -18.00 14.35 31.46
N LEU D 192 -17.13 15.37 31.39
CA LEU D 192 -15.88 15.34 32.13
C LEU D 192 -16.13 15.27 33.63
N LEU D 193 -17.08 16.09 34.12
CA LEU D 193 -17.30 16.14 35.57
C LEU D 193 -18.01 14.90 36.09
N GLU D 194 -19.06 14.46 35.40
CA GLU D 194 -19.95 13.45 35.95
C GLU D 194 -19.39 12.05 35.83
N THR D 195 -18.45 11.80 34.92
CA THR D 195 -17.94 10.43 34.79
C THR D 195 -16.62 10.24 35.51
N ALA D 196 -16.21 11.19 36.36
CA ALA D 196 -15.03 11.04 37.23
C ALA D 196 -15.46 11.10 38.70
N PRO D 197 -16.31 10.15 39.15
CA PRO D 197 -16.87 10.24 40.52
C PRO D 197 -15.85 10.12 41.63
N LYS D 198 -14.70 9.52 41.38
CA LYS D 198 -13.61 9.41 42.36
C LYS D 198 -12.43 10.30 42.01
N GLY D 199 -12.59 11.21 41.06
CA GLY D 199 -11.51 12.06 40.63
C GLY D 199 -10.69 11.55 39.47
N PHE D 200 -11.07 10.42 38.85
CA PHE D 200 -10.35 9.82 37.74
C PHE D 200 -11.29 9.66 36.54
N SER D 201 -10.87 10.21 35.39
CA SER D 201 -11.68 10.20 34.17
C SER D 201 -11.51 8.87 33.44
N PRO D 202 -12.56 8.29 32.85
CA PRO D 202 -12.39 7.00 32.17
C PRO D 202 -11.93 7.14 30.72
N ASP D 203 -11.25 6.09 30.25
CA ASP D 203 -10.95 5.97 28.82
C ASP D 203 -12.24 6.06 28.02
N TRP D 204 -13.20 5.22 28.39
CA TRP D 204 -14.46 5.02 27.69
C TRP D 204 -15.57 4.96 28.73
N VAL D 205 -16.73 5.51 28.39
CA VAL D 205 -17.83 5.43 29.34
C VAL D 205 -19.14 5.37 28.57
N ARG D 206 -20.06 4.54 29.05
CA ARG D 206 -21.34 4.34 28.38
C ARG D 206 -22.42 5.14 29.08
N TYR D 207 -23.37 5.63 28.29
CA TYR D 207 -24.58 6.27 28.77
C TYR D 207 -25.76 5.44 28.28
N GLU D 208 -26.64 5.03 29.20
CA GLU D 208 -27.81 4.26 28.84
C GLU D 208 -29.05 5.11 29.02
N LYS D 209 -29.89 5.17 28.00
CA LYS D 209 -31.13 5.92 28.08
C LYS D 209 -31.92 5.51 29.32
N SER D 210 -32.45 6.50 30.03
CA SER D 210 -33.28 6.32 31.21
C SER D 210 -32.53 5.73 32.42
N LYS D 211 -31.24 5.40 32.30
CA LYS D 211 -30.45 4.96 33.45
C LYS D 211 -29.22 5.83 33.70
N GLY D 212 -28.68 6.48 32.68
CA GLY D 212 -27.58 7.41 32.90
C GLY D 212 -26.22 6.77 32.70
N TRP D 213 -25.22 7.39 33.32
CA TRP D 213 -23.85 6.95 33.16
C TRP D 213 -23.67 5.58 33.79
N GLN D 214 -22.93 4.72 33.10
CA GLN D 214 -22.68 3.36 33.56
C GLN D 214 -21.31 3.36 34.24
N LEU D 215 -21.32 3.64 35.54
CA LEU D 215 -20.09 3.83 36.29
C LEU D 215 -19.81 2.68 37.25
N ALA D 216 -20.40 1.51 37.02
CA ALA D 216 -20.08 0.35 37.85
C ALA D 216 -18.64 -0.09 37.61
N PRO D 217 -17.99 -0.65 38.64
CA PRO D 217 -16.61 -1.15 38.47
C PRO D 217 -16.52 -2.08 37.28
N ASP D 218 -15.46 -1.92 36.51
CA ASP D 218 -15.28 -2.70 35.30
C ASP D 218 -13.83 -2.58 34.86
N LYS D 219 -13.28 -3.67 34.33
CA LYS D 219 -11.88 -3.62 33.93
C LYS D 219 -11.63 -2.63 32.80
N THR D 220 -12.67 -2.26 32.06
CA THR D 220 -12.57 -1.29 30.98
C THR D 220 -12.92 0.11 31.41
N LEU D 221 -13.42 0.31 32.63
CA LEU D 221 -13.75 1.63 33.13
C LEU D 221 -12.56 2.11 33.95
N ILE D 222 -11.54 2.60 33.25
CA ILE D 222 -10.25 2.93 33.84
C ILE D 222 -9.74 4.23 33.26
N SER D 223 -9.01 4.98 34.10
CA SER D 223 -8.20 6.08 33.62
C SER D 223 -6.90 5.47 33.09
N GLY D 224 -6.76 5.38 31.77
CA GLY D 224 -5.65 4.69 31.16
C GLY D 224 -4.98 5.54 30.10
N TYR D 225 -4.69 4.91 28.95
CA TYR D 225 -3.91 5.52 27.88
C TYR D 225 -4.70 6.53 27.07
N ASP D 226 -6.03 6.51 27.15
CA ASP D 226 -6.79 7.60 26.56
C ASP D 226 -7.01 8.71 27.59
N ALA D 227 -7.53 8.36 28.76
CA ALA D 227 -7.90 9.36 29.77
C ALA D 227 -6.71 10.15 30.29
N ILE D 228 -5.48 9.63 30.20
CA ILE D 228 -4.33 10.43 30.61
C ILE D 228 -4.37 11.79 29.93
N ARG D 229 -4.94 11.87 28.73
CA ARG D 229 -4.97 13.12 28.00
C ARG D 229 -6.01 14.11 28.54
N VAL D 230 -7.05 13.64 29.25
CA VAL D 230 -7.98 14.57 29.88
C VAL D 230 -7.22 15.52 30.81
N TYR D 231 -6.44 14.94 31.73
CA TYR D 231 -5.65 15.77 32.66
C TYR D 231 -4.75 16.72 31.86
N LEU D 232 -4.18 16.21 30.77
CA LEU D 232 -3.29 17.03 29.97
C LEU D 232 -4.03 18.24 29.42
N TRP D 233 -5.19 18.01 28.77
CA TRP D 233 -5.90 19.16 28.22
C TRP D 233 -6.26 20.14 29.33
N VAL D 234 -6.74 19.60 30.46
CA VAL D 234 -7.19 20.50 31.52
C VAL D 234 -6.03 21.35 31.99
N GLY D 235 -4.86 20.72 32.12
CA GLY D 235 -3.69 21.44 32.61
C GLY D 235 -3.28 22.56 31.68
N MET D 236 -3.51 22.40 30.37
CA MET D 236 -3.11 23.39 29.37
C MET D 236 -4.18 24.44 29.12
N MET D 237 -5.32 24.35 29.79
CA MET D 237 -6.28 25.43 29.71
C MET D 237 -5.64 26.71 30.26
N ASN D 238 -6.06 27.85 29.73
CA ASN D 238 -5.62 29.13 30.26
C ASN D 238 -6.18 29.30 31.67
N ASP D 239 -5.34 29.83 32.56
CA ASP D 239 -5.82 30.10 33.93
C ASP D 239 -7.03 31.00 33.92
N HIS D 240 -7.18 31.86 32.90
CA HIS D 240 -8.30 32.78 32.83
C HIS D 240 -9.53 32.18 32.17
N ASP D 241 -9.51 30.89 31.83
CA ASP D 241 -10.74 30.18 31.49
C ASP D 241 -11.49 29.88 32.78
N ALA D 242 -12.70 30.40 32.88
CA ALA D 242 -13.46 30.33 34.11
C ALA D 242 -13.74 28.90 34.57
N GLN D 243 -13.68 27.92 33.66
CA GLN D 243 -14.03 26.55 34.02
C GLN D 243 -12.83 25.66 34.37
N LYS D 244 -11.60 26.14 34.14
CA LYS D 244 -10.42 25.35 34.48
C LYS D 244 -10.41 24.91 35.94
N ALA D 245 -10.76 25.81 36.87
CA ALA D 245 -10.63 25.50 38.30
C ALA D 245 -11.53 24.34 38.69
N SER D 246 -12.76 24.30 38.18
CA SER D 246 -13.67 23.22 38.52
C SER D 246 -13.16 21.88 38.00
N LEU D 247 -12.53 21.88 36.82
CA LEU D 247 -12.00 20.63 36.29
C LEU D 247 -10.79 20.18 37.09
N LEU D 248 -9.93 21.12 37.47
CA LEU D 248 -8.79 20.79 38.32
C LEU D 248 -9.26 20.21 39.66
N GLU D 249 -10.33 20.79 40.23
CA GLU D 249 -10.80 20.33 41.52
C GLU D 249 -11.38 18.92 41.40
N ARG D 250 -12.22 18.71 40.38
CA ARG D 250 -12.80 17.37 40.18
C ARG D 250 -11.71 16.32 40.03
N LEU D 251 -10.62 16.64 39.33
CA LEU D 251 -9.59 15.66 38.98
C LEU D 251 -8.39 15.70 39.92
N LYS D 252 -8.47 16.48 41.00
CA LYS D 252 -7.38 16.57 41.95
C LYS D 252 -6.89 15.21 42.48
N PRO D 253 -7.74 14.19 42.70
CA PRO D 253 -7.19 12.91 43.19
C PRO D 253 -6.09 12.33 42.29
N MET D 254 -6.12 12.56 40.97
CA MET D 254 -5.01 12.08 40.13
C MET D 254 -3.71 12.83 40.46
N ALA D 255 -3.80 14.13 40.72
CA ALA D 255 -2.63 14.89 41.14
C ALA D 255 -2.10 14.39 42.47
N ALA D 256 -3.01 14.17 43.44
CA ALA D 256 -2.59 13.75 44.77
C ALA D 256 -1.96 12.36 44.75
N LEU D 257 -2.51 11.43 43.94
CA LEU D 257 -1.99 10.08 43.88
C LEU D 257 -0.64 10.06 43.18
N THR D 258 -0.50 10.82 42.09
CA THR D 258 0.80 10.95 41.42
C THR D 258 1.85 11.48 42.38
N ALA D 259 1.53 12.56 43.10
CA ALA D 259 2.50 13.16 44.02
C ALA D 259 2.88 12.20 45.15
N LYS D 260 1.89 11.52 45.74
CA LYS D 260 2.17 10.55 46.81
C LYS D 260 3.09 9.44 46.32
N LYS D 261 2.78 8.84 45.16
CA LYS D 261 3.64 7.76 44.66
C LYS D 261 4.94 8.28 44.03
N GLY D 262 4.97 9.52 43.55
CA GLY D 262 6.06 9.93 42.68
C GLY D 262 6.02 9.34 41.29
N VAL D 263 4.97 8.60 40.96
CA VAL D 263 4.84 7.90 39.69
C VAL D 263 3.41 8.05 39.21
N VAL D 264 3.22 8.39 37.94
CA VAL D 264 1.85 8.38 37.39
C VAL D 264 1.40 6.94 37.23
N PRO D 265 0.25 6.56 37.77
CA PRO D 265 -0.23 5.18 37.59
C PRO D 265 -0.57 4.89 36.13
N GLU D 266 -0.43 3.63 35.74
CA GLU D 266 -0.77 3.26 34.36
C GLU D 266 -2.29 3.23 34.18
N LYS D 267 -3.01 2.69 35.15
CA LYS D 267 -4.46 2.55 35.09
C LYS D 267 -5.02 2.85 36.47
N VAL D 268 -6.14 3.57 36.52
CA VAL D 268 -6.83 3.78 37.80
C VAL D 268 -8.27 3.39 37.62
N ASP D 269 -8.76 2.53 38.51
CA ASP D 269 -10.16 2.12 38.47
C ASP D 269 -11.05 3.32 38.74
N VAL D 270 -11.90 3.63 37.77
CA VAL D 270 -12.69 4.86 37.86
C VAL D 270 -13.69 4.79 38.99
N ALA D 271 -14.21 3.60 39.27
CA ALA D 271 -15.26 3.46 40.28
C ALA D 271 -14.68 3.30 41.69
N THR D 272 -13.47 2.75 41.83
CA THR D 272 -12.92 2.46 43.14
C THR D 272 -11.69 3.29 43.51
N ALA D 273 -11.12 4.05 42.57
CA ALA D 273 -9.89 4.84 42.71
C ALA D 273 -8.66 3.98 42.92
N GLN D 274 -8.73 2.63 42.65
CA GLN D 274 -7.55 1.86 42.97
C GLN D 274 -6.62 1.83 41.76
N PRO D 275 -5.34 2.16 41.93
CA PRO D 275 -4.41 2.20 40.80
C PRO D 275 -3.66 0.89 40.60
N ARG D 276 -3.19 0.68 39.38
CA ARG D 276 -2.32 -0.46 39.13
C ARG D 276 -1.34 -0.10 38.03
N GLY D 277 -0.09 -0.47 38.22
CA GLY D 277 0.94 -0.27 37.22
C GLY D 277 1.53 1.13 37.26
N ASP D 278 2.69 1.27 36.62
CA ASP D 278 3.39 2.53 36.46
C ASP D 278 3.23 2.97 35.01
N GLY D 279 2.82 4.20 34.78
CA GLY D 279 2.67 4.70 33.44
C GLY D 279 4.02 4.91 32.77
N PRO D 280 4.03 4.92 31.43
CA PRO D 280 5.29 5.21 30.72
C PRO D 280 5.69 6.67 30.84
N VAL D 281 6.86 7.05 30.32
CA VAL D 281 7.33 8.45 30.47
C VAL D 281 6.34 9.43 29.86
N GLY D 282 5.60 9.01 28.81
CA GLY D 282 4.59 9.89 28.25
C GLY D 282 3.58 10.37 29.28
N PHE D 283 3.22 9.51 30.24
CA PHE D 283 2.27 9.92 31.27
C PHE D 283 2.87 10.98 32.19
N ALA D 284 4.17 10.86 32.49
CA ALA D 284 4.84 11.86 33.31
C ALA D 284 4.80 13.22 32.64
N ALA D 285 5.10 13.24 31.34
CA ALA D 285 5.03 14.48 30.56
C ALA D 285 3.61 15.01 30.48
N ALA D 286 2.63 14.13 30.29
CA ALA D 286 1.24 14.57 30.14
C ALA D 286 0.73 15.32 31.37
N LEU D 287 1.22 14.97 32.56
CA LEU D 287 0.74 15.64 33.78
C LEU D 287 1.55 16.88 34.14
N LEU D 288 2.62 17.20 33.39
CA LEU D 288 3.34 18.43 33.72
C LEU D 288 2.44 19.65 33.71
N PRO D 289 1.59 19.88 32.71
CA PRO D 289 0.71 21.05 32.78
C PRO D 289 -0.36 20.91 33.83
N PHE D 290 -0.72 19.67 34.19
CA PHE D 290 -1.82 19.40 35.10
C PHE D 290 -1.43 19.62 36.56
N LEU D 291 -0.26 19.13 36.96
CA LEU D 291 0.19 19.25 38.34
C LEU D 291 0.48 20.71 38.69
N GLN D 292 -0.25 21.26 39.66
CA GLN D 292 -0.07 22.65 40.07
C GLN D 292 0.98 22.81 41.14
N ASP D 293 1.24 21.75 41.92
CA ASP D 293 2.25 21.77 42.97
C ASP D 293 3.62 21.72 42.32
N ARG D 294 4.51 22.67 42.70
CA ARG D 294 5.83 22.78 42.08
C ARG D 294 6.68 21.54 42.30
N ASP D 295 6.64 20.97 43.51
CA ASP D 295 7.46 19.78 43.78
C ASP D 295 6.99 18.56 42.98
N ALA D 296 5.68 18.27 42.98
CA ALA D 296 5.19 17.10 42.25
C ALA D 296 5.48 17.23 40.76
N GLN D 297 5.29 18.44 40.24
CA GLN D 297 5.63 18.76 38.87
C GLN D 297 7.12 18.49 38.62
N ALA D 298 7.99 18.96 39.53
CA ALA D 298 9.44 18.80 39.36
C ALA D 298 9.83 17.33 39.35
N VAL D 299 9.16 16.51 40.17
CA VAL D 299 9.46 15.07 40.18
C VAL D 299 9.16 14.47 38.80
N GLN D 300 8.00 14.79 38.23
CA GLN D 300 7.71 14.28 36.89
C GLN D 300 8.63 14.87 35.82
N ARG D 301 9.02 16.15 35.97
CA ARG D 301 9.93 16.78 35.03
C ARG D 301 11.25 16.03 34.98
N GLN D 302 11.73 15.60 36.14
CA GLN D 302 12.97 14.82 36.20
C GLN D 302 12.81 13.52 35.41
N LYS D 303 11.66 12.85 35.56
CA LYS D 303 11.45 11.60 34.80
C LYS D 303 11.49 11.83 33.28
N VAL D 304 10.82 12.88 32.81
CA VAL D 304 10.81 13.16 31.38
C VAL D 304 12.23 13.47 30.89
N ALA D 305 13.00 14.22 31.68
CA ALA D 305 14.36 14.56 31.26
C ALA D 305 15.26 13.33 31.19
N ASP D 306 15.15 12.42 32.18
CA ASP D 306 16.09 11.30 32.23
C ASP D 306 15.66 10.12 31.35
N HIS D 307 14.40 10.05 30.97
CA HIS D 307 13.85 8.94 30.19
C HIS D 307 13.13 9.44 28.96
N PHE D 308 13.66 10.48 28.34
CA PHE D 308 12.99 11.08 27.18
C PHE D 308 12.74 10.00 26.13
N PRO D 309 11.54 9.97 25.51
CA PRO D 309 11.21 8.83 24.64
C PRO D 309 12.14 8.73 23.43
N GLY D 310 12.44 7.48 23.04
CA GLY D 310 13.25 7.21 21.87
C GLY D 310 12.43 7.20 20.59
N ASP D 311 12.98 6.56 19.56
CA ASP D 311 12.36 6.52 18.24
C ASP D 311 11.39 5.36 18.06
N ASP D 312 11.17 4.59 19.11
CA ASP D 312 10.30 3.41 19.11
C ASP D 312 9.08 3.62 20.00
N ALA D 313 8.67 4.89 20.18
CA ALA D 313 7.68 5.20 21.22
C ALA D 313 6.83 6.37 20.75
N TYR D 314 6.01 6.12 19.73
CA TYR D 314 5.16 7.16 19.16
C TYR D 314 4.33 7.87 20.23
N PHE D 315 3.63 7.09 21.07
CA PHE D 315 2.66 7.68 21.98
C PHE D 315 3.34 8.49 23.09
N SER D 316 4.37 7.94 23.74
CA SER D 316 5.07 8.76 24.72
C SER D 316 5.69 9.99 24.07
N TYR D 317 6.07 9.88 22.80
CA TYR D 317 6.69 11.04 22.16
C TYR D 317 5.69 12.16 21.94
N VAL D 318 4.48 11.85 21.43
CA VAL D 318 3.53 12.95 21.24
C VAL D 318 3.06 13.48 22.60
N LEU D 319 2.84 12.61 23.59
CA LEU D 319 2.49 13.12 24.92
C LEU D 319 3.57 14.04 25.46
N THR D 320 4.84 13.73 25.16
CA THR D 320 5.94 14.58 25.59
C THR D 320 5.97 15.89 24.83
N LEU D 321 5.73 15.87 23.52
CA LEU D 321 5.64 17.12 22.77
C LEU D 321 4.56 18.02 23.35
N PHE D 322 3.39 17.46 23.68
CA PHE D 322 2.34 18.26 24.34
C PHE D 322 2.80 18.77 25.71
N GLY D 323 3.16 17.85 26.61
CA GLY D 323 3.35 18.15 28.02
C GLY D 323 4.65 18.87 28.30
N GLN D 324 5.76 18.33 27.79
CA GLN D 324 7.02 19.04 27.90
C GLN D 324 7.01 20.31 27.04
N GLY D 325 6.42 20.27 25.83
CA GLY D 325 6.31 21.51 25.07
C GLY D 325 5.62 22.61 25.87
N TRP D 326 4.47 22.29 26.48
CA TRP D 326 3.78 23.30 27.29
C TRP D 326 4.64 23.72 28.48
N ASP D 327 5.28 22.74 29.15
CA ASP D 327 6.18 23.03 30.27
C ASP D 327 7.31 23.98 29.87
N GLU D 328 7.68 24.00 28.59
CA GLU D 328 8.72 24.87 28.06
C GLU D 328 8.14 26.05 27.30
N HIS D 329 6.86 26.36 27.47
CA HIS D 329 6.25 27.52 26.82
C HIS D 329 6.42 27.47 25.29
N ARG D 330 6.36 26.28 24.71
CA ARG D 330 6.42 26.17 23.26
C ARG D 330 5.14 26.66 22.59
N PHE D 331 4.04 26.76 23.34
CA PHE D 331 2.75 27.22 22.88
C PHE D 331 1.88 27.43 24.11
N ARG D 332 0.81 28.21 23.94
CA ARG D 332 -0.19 28.38 24.98
C ARG D 332 -1.55 28.42 24.30
N PHE D 333 -2.63 28.28 25.10
CA PHE D 333 -4.00 28.51 24.65
C PHE D 333 -4.53 29.77 25.33
N THR D 334 -5.28 30.60 24.62
CA THR D 334 -5.95 31.73 25.26
C THR D 334 -7.19 31.23 25.99
N PRO D 335 -7.77 32.02 26.89
CA PRO D 335 -9.03 31.59 27.52
C PRO D 335 -10.16 31.41 26.51
N ARG D 336 -10.05 32.02 25.34
CA ARG D 336 -11.05 31.88 24.28
C ARG D 336 -10.80 30.64 23.44
N GLY D 337 -9.74 29.88 23.73
CA GLY D 337 -9.45 28.64 23.03
C GLY D 337 -8.60 28.75 21.78
N GLU D 338 -8.03 29.91 21.52
CA GLU D 338 -7.12 30.08 20.41
C GLU D 338 -5.73 29.59 20.80
N LEU D 339 -4.96 29.26 19.78
CA LEU D 339 -3.52 29.12 19.95
C LEU D 339 -2.94 30.49 20.22
N GLN D 340 -2.13 30.59 21.27
CA GLN D 340 -1.31 31.75 21.57
C GLN D 340 0.11 31.32 21.27
N PRO D 341 0.61 31.60 20.07
CA PRO D 341 1.86 30.99 19.63
C PRO D 341 3.06 31.65 20.28
N ASP D 342 4.14 30.87 20.40
CA ASP D 342 5.43 31.36 20.85
C ASP D 342 6.37 31.25 19.65
N TRP D 343 6.21 32.17 18.70
CA TRP D 343 6.99 32.11 17.46
C TRP D 343 8.20 33.06 17.51
C1 GOL E . 37.02 -2.47 0.39
O1 GOL E . 36.88 -2.79 1.75
C2 GOL E . 38.11 -1.36 0.33
O2 GOL E . 39.35 -1.86 0.76
C3 GOL E . 37.63 -0.14 1.22
O3 GOL E . 38.52 0.90 0.86
C1 GOL F . 34.54 -3.43 -3.91
O1 GOL F . 34.42 -4.80 -4.05
C2 GOL F . 35.77 -3.05 -4.73
O2 GOL F . 35.41 -2.44 -5.90
C3 GOL F . 36.59 -2.15 -3.81
O3 GOL F . 37.86 -2.12 -4.34
C1 GOL G . 2.11 -12.15 -11.17
O1 GOL G . 0.77 -11.85 -10.97
C2 GOL G . 2.41 -13.43 -10.40
O2 GOL G . 1.71 -14.53 -10.91
C3 GOL G . 3.96 -13.61 -10.49
O3 GOL G . 4.34 -13.50 -11.86
C1 GOL H . 4.93 -14.20 -4.24
O1 GOL H . 3.90 -15.15 -4.15
C2 GOL H . 5.13 -13.93 -5.73
O2 GOL H . 4.03 -13.33 -6.31
C3 GOL H . 6.39 -13.06 -5.81
O3 GOL H . 7.45 -13.92 -6.04
C1 GOL I . -1.29 -14.34 -10.19
O1 GOL I . -1.09 -15.69 -9.78
C2 GOL I . -2.17 -14.33 -11.47
O2 GOL I . -2.98 -13.18 -11.53
C3 GOL I . -1.13 -14.35 -12.62
O3 GOL I . -1.62 -13.44 -13.56
C1 GOL J . 15.01 -4.79 -8.22
O1 GOL J . 15.75 -5.91 -7.80
C2 GOL J . 14.53 -4.01 -6.96
O2 GOL J . 15.56 -3.30 -6.36
C3 GOL J . 13.41 -3.07 -7.47
O3 GOL J . 13.99 -2.09 -8.29
C1 GOL K . 17.51 -26.36 -27.53
O1 GOL K . 17.84 -25.43 -28.47
C2 GOL K . 18.48 -27.53 -27.63
O2 GOL K . 18.31 -28.23 -28.81
C3 GOL K . 19.87 -26.89 -27.43
O3 GOL K . 20.45 -27.56 -26.37
C1 GOL L . -17.35 -34.42 -36.30
O1 GOL L . -18.72 -34.76 -36.33
C2 GOL L . -16.59 -35.44 -35.40
O2 GOL L . -16.77 -36.74 -35.82
C3 GOL L . -15.10 -35.05 -35.47
O3 GOL L . -15.02 -33.68 -35.56
O1 SRT M . 12.39 -27.70 -36.48
O11 SRT M . 12.51 -25.64 -37.13
C1 SRT M . 11.91 -26.74 -37.13
C2 SRT M . 10.60 -26.89 -37.87
O2 SRT M . 10.27 -25.71 -38.57
C3 SRT M . 9.55 -27.18 -36.78
O3 SRT M . 9.36 -26.04 -35.95
C4 SRT M . 8.24 -27.55 -37.45
O4 SRT M . 7.19 -26.95 -37.06
O41 SRT M . 8.22 -28.42 -38.37
C1 GOL N . -29.37 12.63 -14.76
O1 GOL N . -29.41 12.94 -16.17
C2 GOL N . -29.84 13.92 -14.01
O2 GOL N . -31.16 14.24 -14.36
C3 GOL N . -29.67 13.62 -12.49
O3 GOL N . -30.49 12.47 -12.13
C1 GOL O . -27.20 16.59 -11.66
O1 GOL O . -27.27 17.48 -12.76
C2 GOL O . -25.90 16.96 -10.96
O2 GOL O . -25.40 18.13 -11.50
C3 GOL O . -26.25 17.15 -9.50
O3 GOL O . -26.96 16.04 -9.10
C1 GOL P . -33.61 14.50 -19.46
O1 GOL P . -33.37 15.40 -20.52
C2 GOL P . -32.40 13.53 -19.42
O2 GOL P . -31.22 14.24 -19.09
C3 GOL P . -32.77 12.40 -18.36
O3 GOL P . -32.80 13.02 -17.07
C1 GOL Q . -27.49 8.32 -20.18
O1 GOL Q . -27.36 8.52 -21.58
C2 GOL Q . -27.76 6.83 -19.89
O2 GOL Q . -26.70 5.99 -20.20
C3 GOL Q . -28.16 6.78 -18.39
O3 GOL Q . -27.37 5.82 -17.71
C1 GOL R . -28.38 12.46 -19.86
O1 GOL R . -29.13 11.24 -19.74
C2 GOL R . -26.90 12.23 -19.37
O2 GOL R . -26.26 11.19 -20.05
C3 GOL R . -26.17 13.60 -19.53
O3 GOL R . -26.83 14.51 -18.68
C1 GOL S . -35.44 30.27 -12.68
O1 GOL S . -35.90 30.88 -11.49
C2 GOL S . -34.19 29.42 -12.32
O2 GOL S . -33.21 30.17 -11.63
C3 GOL S . -34.73 28.28 -11.44
O3 GOL S . -33.60 27.54 -11.05
C1 GOL T . -8.23 7.08 17.73
O1 GOL T . -7.80 8.46 17.68
C2 GOL T . -7.12 6.21 18.40
O2 GOL T . -6.91 6.58 19.77
C3 GOL T . -5.87 6.36 17.53
O3 GOL T . -4.93 5.49 18.11
C1 GOL U . -12.00 4.50 15.30
O1 GOL U . -12.86 5.27 16.08
C2 GOL U . -11.52 3.27 16.11
O2 GOL U . -12.50 2.35 16.40
C3 GOL U . -10.97 3.90 17.40
O3 GOL U . -10.12 2.97 17.96
C1 GOL V . -2.72 5.27 22.98
O1 GOL V . -2.29 4.05 23.54
C2 GOL V . -2.17 5.33 21.52
O2 GOL V . -2.44 4.15 20.84
C3 GOL V . -2.83 6.61 20.83
O3 GOL V . -4.21 6.72 21.23
C1 GOL W . -13.04 8.48 4.34
O1 GOL W . -14.24 8.66 5.06
C2 GOL W . -13.05 7.09 3.78
O2 GOL W . -13.94 7.01 2.74
C3 GOL W . -11.54 6.75 3.44
O3 GOL W . -11.42 6.51 2.04
C1 GOL X . -16.93 32.37 22.43
O1 GOL X . -17.17 32.01 21.10
C2 GOL X . -15.42 32.69 22.51
O2 GOL X . -14.96 32.71 23.81
C3 GOL X . -14.80 31.53 21.65
O3 GOL X . -13.44 31.71 21.55
C1 GOL Y . -1.80 28.81 30.63
O1 GOL Y . -2.41 29.50 29.61
C2 GOL Y . -1.36 29.84 31.72
O2 GOL Y . -2.46 30.44 32.36
C3 GOL Y . -0.49 28.98 32.68
O3 GOL Y . -0.31 29.72 33.76
C1 GOL Z . -23.17 1.63 22.18
O1 GOL Z . -23.45 1.79 20.83
C2 GOL Z . -22.33 0.36 22.26
O2 GOL Z . -21.46 0.26 21.21
C3 GOL Z . -21.61 0.47 23.63
O3 GOL Z . -22.36 -0.29 24.52
O1 SRT AA . -5.19 36.66 24.77
O11 SRT AA . -6.52 36.67 26.52
C1 SRT AA . -5.36 36.64 26.02
C2 SRT AA . -4.17 36.59 26.98
O2 SRT AA . -2.98 36.63 26.22
C3 SRT AA . -4.28 35.27 27.74
O3 SRT AA . -4.12 34.19 26.84
C4 SRT AA . -3.18 35.23 28.79
O4 SRT AA . -3.05 36.24 29.52
O41 SRT AA . -2.44 34.21 28.92
#